data_3TWY
# 
_entry.id   3TWY 
# 
_audit_conform.dict_name       mmcif_pdbx.dic 
_audit_conform.dict_version    5.387 
_audit_conform.dict_location   http://mmcif.pdb.org/dictionaries/ascii/mmcif_pdbx.dic 
# 
loop_
_database_2.database_id 
_database_2.database_code 
_database_2.pdbx_database_accession 
_database_2.pdbx_DOI 
PDB   3TWY         pdb_00003twy 10.2210/pdb3twy/pdb 
RCSB  RCSB068023   ?            ?                   
WWPDB D_1000068023 ?            ?                   
# 
loop_
_pdbx_audit_revision_history.ordinal 
_pdbx_audit_revision_history.data_content_type 
_pdbx_audit_revision_history.major_revision 
_pdbx_audit_revision_history.minor_revision 
_pdbx_audit_revision_history.revision_date 
1 'Structure model' 1 0 2011-11-02 
2 'Structure model' 1 1 2024-02-28 
# 
_pdbx_audit_revision_details.ordinal             1 
_pdbx_audit_revision_details.revision_ordinal    1 
_pdbx_audit_revision_details.data_content_type   'Structure model' 
_pdbx_audit_revision_details.provider            repository 
_pdbx_audit_revision_details.type                'Initial release' 
_pdbx_audit_revision_details.description         ? 
_pdbx_audit_revision_details.details             ? 
# 
loop_
_pdbx_audit_revision_group.ordinal 
_pdbx_audit_revision_group.revision_ordinal 
_pdbx_audit_revision_group.data_content_type 
_pdbx_audit_revision_group.group 
1 2 'Structure model' 'Data collection'      
2 2 'Structure model' 'Database references'  
3 2 'Structure model' 'Derived calculations' 
# 
loop_
_pdbx_audit_revision_category.ordinal 
_pdbx_audit_revision_category.revision_ordinal 
_pdbx_audit_revision_category.data_content_type 
_pdbx_audit_revision_category.category 
1 2 'Structure model' chem_comp_atom         
2 2 'Structure model' chem_comp_bond         
3 2 'Structure model' database_2             
4 2 'Structure model' pdbx_struct_conn_angle 
5 2 'Structure model' struct_conn            
6 2 'Structure model' struct_site            
# 
loop_
_pdbx_audit_revision_item.ordinal 
_pdbx_audit_revision_item.revision_ordinal 
_pdbx_audit_revision_item.data_content_type 
_pdbx_audit_revision_item.item 
1  2 'Structure model' '_database_2.pdbx_DOI'                        
2  2 'Structure model' '_database_2.pdbx_database_accession'         
3  2 'Structure model' '_pdbx_struct_conn_angle.ptnr1_auth_comp_id'  
4  2 'Structure model' '_pdbx_struct_conn_angle.ptnr1_auth_seq_id'   
5  2 'Structure model' '_pdbx_struct_conn_angle.ptnr1_label_asym_id' 
6  2 'Structure model' '_pdbx_struct_conn_angle.ptnr1_label_atom_id' 
7  2 'Structure model' '_pdbx_struct_conn_angle.ptnr1_label_comp_id' 
8  2 'Structure model' '_pdbx_struct_conn_angle.ptnr1_label_seq_id'  
9  2 'Structure model' '_pdbx_struct_conn_angle.ptnr2_auth_seq_id'   
10 2 'Structure model' '_pdbx_struct_conn_angle.ptnr2_label_asym_id' 
11 2 'Structure model' '_pdbx_struct_conn_angle.ptnr3_auth_comp_id'  
12 2 'Structure model' '_pdbx_struct_conn_angle.ptnr3_auth_seq_id'   
13 2 'Structure model' '_pdbx_struct_conn_angle.ptnr3_label_asym_id' 
14 2 'Structure model' '_pdbx_struct_conn_angle.ptnr3_label_atom_id' 
15 2 'Structure model' '_pdbx_struct_conn_angle.ptnr3_label_comp_id' 
16 2 'Structure model' '_pdbx_struct_conn_angle.ptnr3_label_seq_id'  
17 2 'Structure model' '_pdbx_struct_conn_angle.value'               
18 2 'Structure model' '_struct_conn.pdbx_dist_value'                
19 2 'Structure model' '_struct_conn.ptnr1_auth_comp_id'             
20 2 'Structure model' '_struct_conn.ptnr1_auth_seq_id'              
21 2 'Structure model' '_struct_conn.ptnr1_label_asym_id'            
22 2 'Structure model' '_struct_conn.ptnr1_label_atom_id'            
23 2 'Structure model' '_struct_conn.ptnr1_label_comp_id'            
24 2 'Structure model' '_struct_conn.ptnr1_label_seq_id'             
25 2 'Structure model' '_struct_conn.ptnr2_auth_comp_id'             
26 2 'Structure model' '_struct_conn.ptnr2_auth_seq_id'              
27 2 'Structure model' '_struct_conn.ptnr2_label_asym_id'            
28 2 'Structure model' '_struct_conn.ptnr2_label_atom_id'            
29 2 'Structure model' '_struct_conn.ptnr2_label_comp_id'            
30 2 'Structure model' '_struct_conn.ptnr2_label_seq_id'             
31 2 'Structure model' '_struct_site.pdbx_auth_asym_id'              
32 2 'Structure model' '_struct_site.pdbx_auth_comp_id'              
33 2 'Structure model' '_struct_site.pdbx_auth_seq_id'               
# 
_pdbx_database_PDB_obs_spr.id               SPRSDE 
_pdbx_database_PDB_obs_spr.date             2011-11-02 
_pdbx_database_PDB_obs_spr.pdb_id           3TWY 
_pdbx_database_PDB_obs_spr.replace_pdb_id   3RDL 
_pdbx_database_PDB_obs_spr.details          ? 
# 
_pdbx_database_status.status_code                     REL 
_pdbx_database_status.entry_id                        3TWY 
_pdbx_database_status.recvd_initial_deposition_date   2011-09-22 
_pdbx_database_status.deposit_site                    RCSB 
_pdbx_database_status.process_site                    RCSB 
_pdbx_database_status.status_code_sf                  REL 
_pdbx_database_status.status_code_mr                  ? 
_pdbx_database_status.SG_entry                        ? 
_pdbx_database_status.status_code_cs                  ? 
_pdbx_database_status.pdb_format_compatible           Y 
_pdbx_database_status.status_code_nmr_data            ? 
_pdbx_database_status.methods_development_category    ? 
# 
_pdbx_database_related.db_name        PDB 
_pdbx_database_related.db_id          3RDL 
_pdbx_database_related.details        'revised pdb for 3RDL' 
_pdbx_database_related.content_type   unspecified 
# 
_audit_author.name           'Li, P.' 
_audit_author.pdbx_ordinal   1 
# 
_citation.id                        primary 
_citation.title                     'Pb2+ as Modulator of Protein-Membrane Interactions.' 
_citation.journal_abbrev            J.Am.Chem.Soc. 
_citation.journal_volume            133 
_citation.page_first                10599 
_citation.page_last                 ? 
_citation.year                      2011 
_citation.journal_id_ASTM           JACSAT 
_citation.country                   US 
_citation.journal_id_ISSN           0002-7863 
_citation.journal_id_CSD            0004 
_citation.book_publisher            ? 
_citation.pdbx_database_id_PubMed   21615172 
_citation.pdbx_database_id_DOI      10.1021/JA2032772 
# 
loop_
_citation_author.citation_id 
_citation_author.name 
_citation_author.ordinal 
_citation_author.identifier_ORCID 
primary 'Morales, K.A.'   1 ? 
primary 'Lasagna, M.'     2 ? 
primary 'Gribenko, A.V.'  3 ? 
primary 'Yoon, Y.'        4 ? 
primary 'Reinhart, G.D.'  5 ? 
primary 'Lee, J.C.'       6 ? 
primary 'Cho, W.'         7 ? 
primary 'Li, P.'          8 ? 
primary 'Igumenova, T.I.' 9 ? 
# 
loop_
_entity.id 
_entity.type 
_entity.src_method 
_entity.pdbx_description 
_entity.formula_weight 
_entity.pdbx_number_of_molecules 
_entity.pdbx_ec 
_entity.pdbx_mutation 
_entity.pdbx_fragment 
_entity.details 
1 polymer     man 'Protein kinase C alpha type' 16045.253 1   2.7.11.13 ? 'UNP RESIDUES 156-292' ? 
2 non-polymer syn 'LEAD (II) ION'               207.200   2   ?         ? ?                      ? 
3 non-polymer syn 'SULFATE ION'                 96.063    4   ?         ? ?                      ? 
4 water       nat water                         18.015    204 ?         ? ?                      ? 
# 
_entity_name_com.entity_id   1 
_entity_name_com.name        'PKC-A, PKC-alpha' 
# 
_entity_poly.entity_id                      1 
_entity_poly.type                           'polypeptide(L)' 
_entity_poly.nstd_linkage                   no 
_entity_poly.nstd_monomer                   no 
_entity_poly.pdbx_seq_one_letter_code       
;TEKRGRIYLKAEVTDEKLHVTVRDAKNLIPMDPNGLSDPYVKLKLIPDPKNESKQKTKTIRSTLNPQWNESFTFKLKPSD
KDRRLSVEIWDWDRTTRNDFMGSLSFGVSELMKMPASGWYKLLNQEEGEYYNVPIPE
;
_entity_poly.pdbx_seq_one_letter_code_can   
;TEKRGRIYLKAEVTDEKLHVTVRDAKNLIPMDPNGLSDPYVKLKLIPDPKNESKQKTKTIRSTLNPQWNESFTFKLKPSD
KDRRLSVEIWDWDRTTRNDFMGSLSFGVSELMKMPASGWYKLLNQEEGEYYNVPIPE
;
_entity_poly.pdbx_strand_id                 A 
_entity_poly.pdbx_target_identifier         ? 
# 
loop_
_pdbx_entity_nonpoly.entity_id 
_pdbx_entity_nonpoly.name 
_pdbx_entity_nonpoly.comp_id 
2 'LEAD (II) ION' PB  
3 'SULFATE ION'   SO4 
4 water           HOH 
# 
loop_
_entity_poly_seq.entity_id 
_entity_poly_seq.num 
_entity_poly_seq.mon_id 
_entity_poly_seq.hetero 
1 1   THR n 
1 2   GLU n 
1 3   LYS n 
1 4   ARG n 
1 5   GLY n 
1 6   ARG n 
1 7   ILE n 
1 8   TYR n 
1 9   LEU n 
1 10  LYS n 
1 11  ALA n 
1 12  GLU n 
1 13  VAL n 
1 14  THR n 
1 15  ASP n 
1 16  GLU n 
1 17  LYS n 
1 18  LEU n 
1 19  HIS n 
1 20  VAL n 
1 21  THR n 
1 22  VAL n 
1 23  ARG n 
1 24  ASP n 
1 25  ALA n 
1 26  LYS n 
1 27  ASN n 
1 28  LEU n 
1 29  ILE n 
1 30  PRO n 
1 31  MET n 
1 32  ASP n 
1 33  PRO n 
1 34  ASN n 
1 35  GLY n 
1 36  LEU n 
1 37  SER n 
1 38  ASP n 
1 39  PRO n 
1 40  TYR n 
1 41  VAL n 
1 42  LYS n 
1 43  LEU n 
1 44  LYS n 
1 45  LEU n 
1 46  ILE n 
1 47  PRO n 
1 48  ASP n 
1 49  PRO n 
1 50  LYS n 
1 51  ASN n 
1 52  GLU n 
1 53  SER n 
1 54  LYS n 
1 55  GLN n 
1 56  LYS n 
1 57  THR n 
1 58  LYS n 
1 59  THR n 
1 60  ILE n 
1 61  ARG n 
1 62  SER n 
1 63  THR n 
1 64  LEU n 
1 65  ASN n 
1 66  PRO n 
1 67  GLN n 
1 68  TRP n 
1 69  ASN n 
1 70  GLU n 
1 71  SER n 
1 72  PHE n 
1 73  THR n 
1 74  PHE n 
1 75  LYS n 
1 76  LEU n 
1 77  LYS n 
1 78  PRO n 
1 79  SER n 
1 80  ASP n 
1 81  LYS n 
1 82  ASP n 
1 83  ARG n 
1 84  ARG n 
1 85  LEU n 
1 86  SER n 
1 87  VAL n 
1 88  GLU n 
1 89  ILE n 
1 90  TRP n 
1 91  ASP n 
1 92  TRP n 
1 93  ASP n 
1 94  ARG n 
1 95  THR n 
1 96  THR n 
1 97  ARG n 
1 98  ASN n 
1 99  ASP n 
1 100 PHE n 
1 101 MET n 
1 102 GLY n 
1 103 SER n 
1 104 LEU n 
1 105 SER n 
1 106 PHE n 
1 107 GLY n 
1 108 VAL n 
1 109 SER n 
1 110 GLU n 
1 111 LEU n 
1 112 MET n 
1 113 LYS n 
1 114 MET n 
1 115 PRO n 
1 116 ALA n 
1 117 SER n 
1 118 GLY n 
1 119 TRP n 
1 120 TYR n 
1 121 LYS n 
1 122 LEU n 
1 123 LEU n 
1 124 ASN n 
1 125 GLN n 
1 126 GLU n 
1 127 GLU n 
1 128 GLY n 
1 129 GLU n 
1 130 TYR n 
1 131 TYR n 
1 132 ASN n 
1 133 VAL n 
1 134 PRO n 
1 135 ILE n 
1 136 PRO n 
1 137 GLU n 
# 
_entity_src_gen.entity_id                          1 
_entity_src_gen.pdbx_src_id                        1 
_entity_src_gen.pdbx_alt_source_flag               sample 
_entity_src_gen.pdbx_seq_type                      ? 
_entity_src_gen.pdbx_beg_seq_num                   ? 
_entity_src_gen.pdbx_end_seq_num                   ? 
_entity_src_gen.gene_src_common_name               'brown rat,rat,rats' 
_entity_src_gen.gene_src_genus                     ? 
_entity_src_gen.pdbx_gene_src_gene                 'Pkca, Prkca' 
_entity_src_gen.gene_src_species                   ? 
_entity_src_gen.gene_src_strain                    ? 
_entity_src_gen.gene_src_tissue                    ? 
_entity_src_gen.gene_src_tissue_fraction           ? 
_entity_src_gen.gene_src_details                   ? 
_entity_src_gen.pdbx_gene_src_fragment             ? 
_entity_src_gen.pdbx_gene_src_scientific_name      'Rattus norvegicus' 
_entity_src_gen.pdbx_gene_src_ncbi_taxonomy_id     10116 
_entity_src_gen.pdbx_gene_src_variant              ? 
_entity_src_gen.pdbx_gene_src_cell_line            ? 
_entity_src_gen.pdbx_gene_src_atcc                 ? 
_entity_src_gen.pdbx_gene_src_organ                ? 
_entity_src_gen.pdbx_gene_src_organelle            ? 
_entity_src_gen.pdbx_gene_src_cell                 ? 
_entity_src_gen.pdbx_gene_src_cellular_location    ? 
_entity_src_gen.host_org_common_name               ? 
_entity_src_gen.pdbx_host_org_scientific_name      'Escherichia coli' 
_entity_src_gen.pdbx_host_org_ncbi_taxonomy_id     562 
_entity_src_gen.host_org_genus                     ? 
_entity_src_gen.pdbx_host_org_gene                 ? 
_entity_src_gen.pdbx_host_org_organ                ? 
_entity_src_gen.host_org_species                   ? 
_entity_src_gen.pdbx_host_org_tissue               ? 
_entity_src_gen.pdbx_host_org_tissue_fraction      ? 
_entity_src_gen.pdbx_host_org_strain               ? 
_entity_src_gen.pdbx_host_org_variant              ? 
_entity_src_gen.pdbx_host_org_cell_line            ? 
_entity_src_gen.pdbx_host_org_atcc                 ? 
_entity_src_gen.pdbx_host_org_culture_collection   ? 
_entity_src_gen.pdbx_host_org_cell                 ? 
_entity_src_gen.pdbx_host_org_organelle            ? 
_entity_src_gen.pdbx_host_org_cellular_location    ? 
_entity_src_gen.pdbx_host_org_vector_type          ? 
_entity_src_gen.pdbx_host_org_vector               ? 
_entity_src_gen.host_org_details                   ? 
_entity_src_gen.expression_system_id               ? 
_entity_src_gen.plasmid_name                       ? 
_entity_src_gen.plasmid_details                    ? 
_entity_src_gen.pdbx_description                   ? 
# 
loop_
_chem_comp.id 
_chem_comp.type 
_chem_comp.mon_nstd_flag 
_chem_comp.name 
_chem_comp.pdbx_synonyms 
_chem_comp.formula 
_chem_comp.formula_weight 
ALA 'L-peptide linking' y ALANINE         ? 'C3 H7 N O2'     89.093  
ARG 'L-peptide linking' y ARGININE        ? 'C6 H15 N4 O2 1' 175.209 
ASN 'L-peptide linking' y ASPARAGINE      ? 'C4 H8 N2 O3'    132.118 
ASP 'L-peptide linking' y 'ASPARTIC ACID' ? 'C4 H7 N O4'     133.103 
GLN 'L-peptide linking' y GLUTAMINE       ? 'C5 H10 N2 O3'   146.144 
GLU 'L-peptide linking' y 'GLUTAMIC ACID' ? 'C5 H9 N O4'     147.129 
GLY 'peptide linking'   y GLYCINE         ? 'C2 H5 N O2'     75.067  
HIS 'L-peptide linking' y HISTIDINE       ? 'C6 H10 N3 O2 1' 156.162 
HOH non-polymer         . WATER           ? 'H2 O'           18.015  
ILE 'L-peptide linking' y ISOLEUCINE      ? 'C6 H13 N O2'    131.173 
LEU 'L-peptide linking' y LEUCINE         ? 'C6 H13 N O2'    131.173 
LYS 'L-peptide linking' y LYSINE          ? 'C6 H15 N2 O2 1' 147.195 
MET 'L-peptide linking' y METHIONINE      ? 'C5 H11 N O2 S'  149.211 
PB  non-polymer         . 'LEAD (II) ION' ? 'Pb 2'           207.200 
PHE 'L-peptide linking' y PHENYLALANINE   ? 'C9 H11 N O2'    165.189 
PRO 'L-peptide linking' y PROLINE         ? 'C5 H9 N O2'     115.130 
SER 'L-peptide linking' y SERINE          ? 'C3 H7 N O3'     105.093 
SO4 non-polymer         . 'SULFATE ION'   ? 'O4 S -2'        96.063  
THR 'L-peptide linking' y THREONINE       ? 'C4 H9 N O3'     119.119 
TRP 'L-peptide linking' y TRYPTOPHAN      ? 'C11 H12 N2 O2'  204.225 
TYR 'L-peptide linking' y TYROSINE        ? 'C9 H11 N O3'    181.189 
VAL 'L-peptide linking' y VALINE          ? 'C5 H11 N O2'    117.146 
# 
loop_
_pdbx_poly_seq_scheme.asym_id 
_pdbx_poly_seq_scheme.entity_id 
_pdbx_poly_seq_scheme.seq_id 
_pdbx_poly_seq_scheme.mon_id 
_pdbx_poly_seq_scheme.ndb_seq_num 
_pdbx_poly_seq_scheme.pdb_seq_num 
_pdbx_poly_seq_scheme.auth_seq_num 
_pdbx_poly_seq_scheme.pdb_mon_id 
_pdbx_poly_seq_scheme.auth_mon_id 
_pdbx_poly_seq_scheme.pdb_strand_id 
_pdbx_poly_seq_scheme.pdb_ins_code 
_pdbx_poly_seq_scheme.hetero 
A 1 1   THR 1   156 156 THR THR A . n 
A 1 2   GLU 2   157 157 GLU GLU A . n 
A 1 3   LYS 3   158 158 LYS LYS A . n 
A 1 4   ARG 4   159 159 ARG ARG A . n 
A 1 5   GLY 5   160 160 GLY GLY A . n 
A 1 6   ARG 6   161 161 ARG ARG A . n 
A 1 7   ILE 7   162 162 ILE ILE A . n 
A 1 8   TYR 8   163 163 TYR TYR A . n 
A 1 9   LEU 9   164 164 LEU LEU A . n 
A 1 10  LYS 10  165 165 LYS LYS A . n 
A 1 11  ALA 11  166 166 ALA ALA A . n 
A 1 12  GLU 12  167 167 GLU GLU A . n 
A 1 13  VAL 13  168 168 VAL VAL A . n 
A 1 14  THR 14  169 169 THR THR A . n 
A 1 15  ASP 15  170 170 ASP ASP A . n 
A 1 16  GLU 16  171 171 GLU GLU A . n 
A 1 17  LYS 17  172 172 LYS LYS A . n 
A 1 18  LEU 18  173 173 LEU LEU A . n 
A 1 19  HIS 19  174 174 HIS HIS A . n 
A 1 20  VAL 20  175 175 VAL VAL A . n 
A 1 21  THR 21  176 176 THR THR A . n 
A 1 22  VAL 22  177 177 VAL VAL A . n 
A 1 23  ARG 23  178 178 ARG ARG A . n 
A 1 24  ASP 24  179 179 ASP ASP A . n 
A 1 25  ALA 25  180 180 ALA ALA A . n 
A 1 26  LYS 26  181 181 LYS LYS A . n 
A 1 27  ASN 27  182 182 ASN ASN A . n 
A 1 28  LEU 28  183 183 LEU LEU A . n 
A 1 29  ILE 29  184 184 ILE ILE A . n 
A 1 30  PRO 30  185 185 PRO PRO A . n 
A 1 31  MET 31  186 186 MET MET A . n 
A 1 32  ASP 32  187 187 ASP ASP A . n 
A 1 33  PRO 33  188 188 PRO PRO A . n 
A 1 34  ASN 34  189 189 ASN ASN A . n 
A 1 35  GLY 35  190 190 GLY GLY A . n 
A 1 36  LEU 36  191 191 LEU LEU A . n 
A 1 37  SER 37  192 192 SER SER A . n 
A 1 38  ASP 38  193 193 ASP ASP A . n 
A 1 39  PRO 39  194 194 PRO PRO A . n 
A 1 40  TYR 40  195 195 TYR TYR A . n 
A 1 41  VAL 41  196 196 VAL VAL A . n 
A 1 42  LYS 42  197 197 LYS LYS A . n 
A 1 43  LEU 43  198 198 LEU LEU A . n 
A 1 44  LYS 44  199 199 LYS LYS A . n 
A 1 45  LEU 45  200 200 LEU LEU A . n 
A 1 46  ILE 46  201 201 ILE ILE A . n 
A 1 47  PRO 47  202 202 PRO PRO A . n 
A 1 48  ASP 48  203 203 ASP ASP A . n 
A 1 49  PRO 49  204 204 PRO PRO A . n 
A 1 50  LYS 50  205 205 LYS LYS A . n 
A 1 51  ASN 51  206 206 ASN ASN A . n 
A 1 52  GLU 52  207 207 GLU GLU A . n 
A 1 53  SER 53  208 208 SER SER A . n 
A 1 54  LYS 54  209 209 LYS LYS A . n 
A 1 55  GLN 55  210 210 GLN GLN A . n 
A 1 56  LYS 56  211 211 LYS LYS A . n 
A 1 57  THR 57  212 212 THR THR A . n 
A 1 58  LYS 58  213 213 LYS LYS A . n 
A 1 59  THR 59  214 214 THR THR A . n 
A 1 60  ILE 60  215 215 ILE ILE A . n 
A 1 61  ARG 61  216 216 ARG ARG A . n 
A 1 62  SER 62  217 217 SER SER A . n 
A 1 63  THR 63  218 218 THR THR A . n 
A 1 64  LEU 64  219 219 LEU LEU A . n 
A 1 65  ASN 65  220 220 ASN ASN A . n 
A 1 66  PRO 66  221 221 PRO PRO A . n 
A 1 67  GLN 67  222 222 GLN GLN A . n 
A 1 68  TRP 68  223 223 TRP TRP A . n 
A 1 69  ASN 69  224 224 ASN ASN A . n 
A 1 70  GLU 70  225 225 GLU GLU A . n 
A 1 71  SER 71  226 226 SER SER A . n 
A 1 72  PHE 72  227 227 PHE PHE A . n 
A 1 73  THR 73  228 228 THR THR A . n 
A 1 74  PHE 74  229 229 PHE PHE A . n 
A 1 75  LYS 75  230 230 LYS LYS A . n 
A 1 76  LEU 76  231 231 LEU LEU A . n 
A 1 77  LYS 77  232 232 LYS LYS A . n 
A 1 78  PRO 78  233 233 PRO PRO A . n 
A 1 79  SER 79  234 234 SER SER A . n 
A 1 80  ASP 80  235 235 ASP ASP A . n 
A 1 81  LYS 81  236 236 LYS LYS A . n 
A 1 82  ASP 82  237 237 ASP ASP A . n 
A 1 83  ARG 83  238 238 ARG ARG A . n 
A 1 84  ARG 84  239 239 ARG ARG A . n 
A 1 85  LEU 85  240 240 LEU LEU A . n 
A 1 86  SER 86  241 241 SER SER A . n 
A 1 87  VAL 87  242 242 VAL VAL A . n 
A 1 88  GLU 88  243 243 GLU GLU A . n 
A 1 89  ILE 89  244 244 ILE ILE A . n 
A 1 90  TRP 90  245 245 TRP TRP A . n 
A 1 91  ASP 91  246 246 ASP ASP A . n 
A 1 92  TRP 92  247 247 TRP TRP A . n 
A 1 93  ASP 93  248 248 ASP ASP A . n 
A 1 94  ARG 94  249 249 ARG ARG A . n 
A 1 95  THR 95  250 250 THR THR A . n 
A 1 96  THR 96  251 251 THR THR A . n 
A 1 97  ARG 97  252 252 ARG ARG A . n 
A 1 98  ASN 98  253 253 ASN ASN A . n 
A 1 99  ASP 99  254 254 ASP ASP A . n 
A 1 100 PHE 100 255 255 PHE PHE A . n 
A 1 101 MET 101 256 256 MET MET A . n 
A 1 102 GLY 102 257 257 GLY GLY A . n 
A 1 103 SER 103 258 258 SER SER A . n 
A 1 104 LEU 104 259 259 LEU LEU A . n 
A 1 105 SER 105 260 260 SER SER A . n 
A 1 106 PHE 106 261 261 PHE PHE A . n 
A 1 107 GLY 107 262 262 GLY GLY A . n 
A 1 108 VAL 108 263 263 VAL VAL A . n 
A 1 109 SER 109 264 264 SER SER A . n 
A 1 110 GLU 110 265 265 GLU GLU A . n 
A 1 111 LEU 111 266 266 LEU LEU A . n 
A 1 112 MET 112 267 267 MET MET A . n 
A 1 113 LYS 113 268 268 LYS LYS A . n 
A 1 114 MET 114 269 269 MET MET A . n 
A 1 115 PRO 115 270 270 PRO PRO A . n 
A 1 116 ALA 116 271 271 ALA ALA A . n 
A 1 117 SER 117 272 272 SER SER A . n 
A 1 118 GLY 118 273 273 GLY GLY A . n 
A 1 119 TRP 119 274 274 TRP TRP A . n 
A 1 120 TYR 120 275 275 TYR TYR A . n 
A 1 121 LYS 121 276 276 LYS LYS A . n 
A 1 122 LEU 122 277 277 LEU LEU A . n 
A 1 123 LEU 123 278 278 LEU LEU A . n 
A 1 124 ASN 124 279 279 ASN ASN A . n 
A 1 125 GLN 125 280 280 GLN GLN A . n 
A 1 126 GLU 126 281 281 GLU GLU A . n 
A 1 127 GLU 127 282 282 GLU GLU A . n 
A 1 128 GLY 128 283 283 GLY GLY A . n 
A 1 129 GLU 129 284 284 GLU GLU A . n 
A 1 130 TYR 130 285 285 TYR TYR A . n 
A 1 131 TYR 131 286 286 TYR TYR A . n 
A 1 132 ASN 132 287 287 ASN ASN A . n 
A 1 133 VAL 133 288 288 VAL VAL A . n 
A 1 134 PRO 134 289 289 PRO PRO A . n 
A 1 135 ILE 135 290 290 ILE ILE A . n 
A 1 136 PRO 136 291 291 PRO PRO A . n 
A 1 137 GLU 137 292 292 GLU GLU A . n 
# 
loop_
_pdbx_nonpoly_scheme.asym_id 
_pdbx_nonpoly_scheme.entity_id 
_pdbx_nonpoly_scheme.mon_id 
_pdbx_nonpoly_scheme.ndb_seq_num 
_pdbx_nonpoly_scheme.pdb_seq_num 
_pdbx_nonpoly_scheme.auth_seq_num 
_pdbx_nonpoly_scheme.pdb_mon_id 
_pdbx_nonpoly_scheme.auth_mon_id 
_pdbx_nonpoly_scheme.pdb_strand_id 
_pdbx_nonpoly_scheme.pdb_ins_code 
B 2 PB  1   1   1   PB  PB  A . 
C 2 PB  1   2   2   PB  PB  A . 
D 3 SO4 1   293 293 SO4 SO4 A . 
E 3 SO4 1   294 294 SO4 SO4 A . 
F 3 SO4 1   3   3   SO4 SO4 A . 
G 3 SO4 1   4   4   SO4 SO4 A . 
H 4 HOH 1   5   5   HOH HOH A . 
H 4 HOH 2   6   6   HOH HOH A . 
H 4 HOH 3   7   7   HOH HOH A . 
H 4 HOH 4   8   8   HOH HOH A . 
H 4 HOH 5   9   9   HOH HOH A . 
H 4 HOH 6   10  10  HOH HOH A . 
H 4 HOH 7   11  11  HOH HOH A . 
H 4 HOH 8   12  12  HOH HOH A . 
H 4 HOH 9   13  13  HOH HOH A . 
H 4 HOH 10  14  14  HOH HOH A . 
H 4 HOH 11  15  15  HOH HOH A . 
H 4 HOH 12  16  16  HOH HOH A . 
H 4 HOH 13  17  17  HOH HOH A . 
H 4 HOH 14  18  18  HOH HOH A . 
H 4 HOH 15  19  19  HOH HOH A . 
H 4 HOH 16  20  20  HOH HOH A . 
H 4 HOH 17  21  21  HOH HOH A . 
H 4 HOH 18  22  22  HOH HOH A . 
H 4 HOH 19  23  23  HOH HOH A . 
H 4 HOH 20  24  24  HOH HOH A . 
H 4 HOH 21  25  25  HOH HOH A . 
H 4 HOH 22  26  26  HOH HOH A . 
H 4 HOH 23  27  27  HOH HOH A . 
H 4 HOH 24  28  28  HOH HOH A . 
H 4 HOH 25  29  29  HOH HOH A . 
H 4 HOH 26  30  30  HOH HOH A . 
H 4 HOH 27  31  31  HOH HOH A . 
H 4 HOH 28  32  32  HOH HOH A . 
H 4 HOH 29  33  33  HOH HOH A . 
H 4 HOH 30  34  34  HOH HOH A . 
H 4 HOH 31  35  35  HOH HOH A . 
H 4 HOH 32  36  36  HOH HOH A . 
H 4 HOH 33  37  37  HOH HOH A . 
H 4 HOH 34  38  38  HOH HOH A . 
H 4 HOH 35  39  39  HOH HOH A . 
H 4 HOH 36  40  40  HOH HOH A . 
H 4 HOH 37  41  41  HOH HOH A . 
H 4 HOH 38  42  42  HOH HOH A . 
H 4 HOH 39  43  43  HOH HOH A . 
H 4 HOH 40  44  44  HOH HOH A . 
H 4 HOH 41  45  45  HOH HOH A . 
H 4 HOH 42  46  46  HOH HOH A . 
H 4 HOH 43  47  47  HOH HOH A . 
H 4 HOH 44  48  48  HOH HOH A . 
H 4 HOH 45  49  49  HOH HOH A . 
H 4 HOH 46  50  50  HOH HOH A . 
H 4 HOH 47  51  51  HOH HOH A . 
H 4 HOH 48  52  52  HOH HOH A . 
H 4 HOH 49  53  53  HOH HOH A . 
H 4 HOH 50  54  54  HOH HOH A . 
H 4 HOH 51  55  55  HOH HOH A . 
H 4 HOH 52  56  56  HOH HOH A . 
H 4 HOH 53  57  57  HOH HOH A . 
H 4 HOH 54  58  58  HOH HOH A . 
H 4 HOH 55  59  59  HOH HOH A . 
H 4 HOH 56  60  60  HOH HOH A . 
H 4 HOH 57  61  61  HOH HOH A . 
H 4 HOH 58  62  62  HOH HOH A . 
H 4 HOH 59  63  63  HOH HOH A . 
H 4 HOH 60  64  64  HOH HOH A . 
H 4 HOH 61  65  65  HOH HOH A . 
H 4 HOH 62  66  66  HOH HOH A . 
H 4 HOH 63  67  67  HOH HOH A . 
H 4 HOH 64  68  68  HOH HOH A . 
H 4 HOH 65  69  69  HOH HOH A . 
H 4 HOH 66  70  70  HOH HOH A . 
H 4 HOH 67  71  71  HOH HOH A . 
H 4 HOH 68  72  72  HOH HOH A . 
H 4 HOH 69  73  73  HOH HOH A . 
H 4 HOH 70  74  74  HOH HOH A . 
H 4 HOH 71  75  75  HOH HOH A . 
H 4 HOH 72  76  76  HOH HOH A . 
H 4 HOH 73  77  77  HOH HOH A . 
H 4 HOH 74  78  78  HOH HOH A . 
H 4 HOH 75  79  79  HOH HOH A . 
H 4 HOH 76  80  80  HOH HOH A . 
H 4 HOH 77  81  81  HOH HOH A . 
H 4 HOH 78  82  82  HOH HOH A . 
H 4 HOH 79  83  83  HOH HOH A . 
H 4 HOH 80  84  84  HOH HOH A . 
H 4 HOH 81  85  85  HOH HOH A . 
H 4 HOH 82  86  86  HOH HOH A . 
H 4 HOH 83  87  87  HOH HOH A . 
H 4 HOH 84  88  88  HOH HOH A . 
H 4 HOH 85  89  89  HOH HOH A . 
H 4 HOH 86  90  90  HOH HOH A . 
H 4 HOH 87  91  91  HOH HOH A . 
H 4 HOH 88  92  92  HOH HOH A . 
H 4 HOH 89  93  93  HOH HOH A . 
H 4 HOH 90  94  94  HOH HOH A . 
H 4 HOH 91  95  95  HOH HOH A . 
H 4 HOH 92  96  96  HOH HOH A . 
H 4 HOH 93  97  97  HOH HOH A . 
H 4 HOH 94  99  99  HOH HOH A . 
H 4 HOH 95  100 100 HOH HOH A . 
H 4 HOH 96  101 101 HOH HOH A . 
H 4 HOH 97  102 102 HOH HOH A . 
H 4 HOH 98  103 103 HOH HOH A . 
H 4 HOH 99  104 104 HOH HOH A . 
H 4 HOH 100 105 105 HOH HOH A . 
H 4 HOH 101 106 106 HOH HOH A . 
H 4 HOH 102 107 107 HOH HOH A . 
H 4 HOH 103 108 108 HOH HOH A . 
H 4 HOH 104 109 109 HOH HOH A . 
H 4 HOH 105 110 110 HOH HOH A . 
H 4 HOH 106 111 111 HOH HOH A . 
H 4 HOH 107 112 112 HOH HOH A . 
H 4 HOH 108 114 114 HOH HOH A . 
H 4 HOH 109 115 115 HOH HOH A . 
H 4 HOH 110 116 116 HOH HOH A . 
H 4 HOH 111 117 117 HOH HOH A . 
H 4 HOH 112 118 118 HOH HOH A . 
H 4 HOH 113 119 119 HOH HOH A . 
H 4 HOH 114 120 120 HOH HOH A . 
H 4 HOH 115 121 121 HOH HOH A . 
H 4 HOH 116 122 122 HOH HOH A . 
H 4 HOH 117 123 123 HOH HOH A . 
H 4 HOH 118 124 124 HOH HOH A . 
H 4 HOH 119 125 125 HOH HOH A . 
H 4 HOH 120 126 126 HOH HOH A . 
H 4 HOH 121 127 127 HOH HOH A . 
H 4 HOH 122 128 128 HOH HOH A . 
H 4 HOH 123 129 129 HOH HOH A . 
H 4 HOH 124 130 130 HOH HOH A . 
H 4 HOH 125 131 131 HOH HOH A . 
H 4 HOH 126 132 132 HOH HOH A . 
H 4 HOH 127 133 133 HOH HOH A . 
H 4 HOH 128 135 135 HOH HOH A . 
H 4 HOH 129 136 136 HOH HOH A . 
H 4 HOH 130 137 137 HOH HOH A . 
H 4 HOH 131 138 138 HOH HOH A . 
H 4 HOH 132 139 139 HOH HOH A . 
H 4 HOH 133 141 141 HOH HOH A . 
H 4 HOH 134 142 142 HOH HOH A . 
H 4 HOH 135 143 143 HOH HOH A . 
H 4 HOH 136 144 144 HOH HOH A . 
H 4 HOH 137 145 145 HOH HOH A . 
H 4 HOH 138 146 146 HOH HOH A . 
H 4 HOH 139 147 147 HOH HOH A . 
H 4 HOH 140 148 148 HOH HOH A . 
H 4 HOH 141 151 151 HOH HOH A . 
H 4 HOH 142 152 152 HOH HOH A . 
H 4 HOH 143 153 153 HOH HOH A . 
H 4 HOH 144 154 154 HOH HOH A . 
H 4 HOH 145 155 155 HOH HOH A . 
H 4 HOH 146 296 296 HOH HOH A . 
H 4 HOH 147 297 297 HOH HOH A . 
H 4 HOH 148 298 298 HOH HOH A . 
H 4 HOH 149 299 299 HOH HOH A . 
H 4 HOH 150 300 300 HOH HOH A . 
H 4 HOH 151 301 301 HOH HOH A . 
H 4 HOH 152 302 302 HOH HOH A . 
H 4 HOH 153 303 303 HOH HOH A . 
H 4 HOH 154 304 304 HOH HOH A . 
H 4 HOH 155 305 305 HOH HOH A . 
H 4 HOH 156 306 306 HOH HOH A . 
H 4 HOH 157 307 307 HOH HOH A . 
H 4 HOH 158 308 308 HOH HOH A . 
H 4 HOH 159 309 309 HOH HOH A . 
H 4 HOH 160 310 310 HOH HOH A . 
H 4 HOH 161 311 311 HOH HOH A . 
H 4 HOH 162 312 312 HOH HOH A . 
H 4 HOH 163 313 313 HOH HOH A . 
H 4 HOH 164 314 314 HOH HOH A . 
H 4 HOH 165 315 315 HOH HOH A . 
H 4 HOH 166 316 316 HOH HOH A . 
H 4 HOH 167 317 317 HOH HOH A . 
H 4 HOH 168 318 318 HOH HOH A . 
H 4 HOH 169 319 319 HOH HOH A . 
H 4 HOH 170 320 320 HOH HOH A . 
H 4 HOH 171 321 321 HOH HOH A . 
H 4 HOH 172 322 322 HOH HOH A . 
H 4 HOH 173 323 323 HOH HOH A . 
H 4 HOH 174 324 324 HOH HOH A . 
H 4 HOH 175 325 325 HOH HOH A . 
H 4 HOH 176 326 326 HOH HOH A . 
H 4 HOH 177 327 327 HOH HOH A . 
H 4 HOH 178 328 328 HOH HOH A . 
H 4 HOH 179 329 329 HOH HOH A . 
H 4 HOH 180 330 330 HOH HOH A . 
H 4 HOH 181 331 331 HOH HOH A . 
H 4 HOH 182 332 332 HOH HOH A . 
H 4 HOH 183 333 333 HOH HOH A . 
H 4 HOH 184 334 334 HOH HOH A . 
H 4 HOH 185 335 335 HOH HOH A . 
H 4 HOH 186 336 336 HOH HOH A . 
H 4 HOH 187 337 337 HOH HOH A . 
H 4 HOH 188 338 338 HOH HOH A . 
H 4 HOH 189 339 339 HOH HOH A . 
H 4 HOH 190 340 340 HOH HOH A . 
H 4 HOH 191 341 341 HOH HOH A . 
H 4 HOH 192 342 342 HOH HOH A . 
H 4 HOH 193 343 343 HOH HOH A . 
H 4 HOH 194 344 344 HOH HOH A . 
H 4 HOH 195 345 345 HOH HOH A . 
H 4 HOH 196 346 346 HOH HOH A . 
H 4 HOH 197 347 347 HOH HOH A . 
H 4 HOH 198 348 348 HOH HOH A . 
H 4 HOH 199 349 349 HOH HOH A . 
H 4 HOH 200 350 350 HOH HOH A . 
H 4 HOH 201 351 351 HOH HOH A . 
H 4 HOH 202 352 352 HOH HOH A . 
H 4 HOH 203 353 353 HOH HOH A . 
H 4 HOH 204 354 354 HOH HOH A . 
# 
loop_
_software.name 
_software.classification 
_software.version 
_software.citation_id 
_software.pdbx_ordinal 
MOLREP   phasing          . ? 1 
CNS      refinement       . ? 2 
HKL-2000 'data reduction' . ? 3 
HKL-2000 'data scaling'   . ? 4 
# 
_cell.entry_id           3TWY 
_cell.length_a           58.290 
_cell.length_b           58.290 
_cell.length_c           87.980 
_cell.angle_alpha        90.00 
_cell.angle_beta         90.00 
_cell.angle_gamma        120.00 
_cell.Z_PDB              6 
_cell.pdbx_unique_axis   ? 
_cell.length_a_esd       ? 
_cell.length_b_esd       ? 
_cell.length_c_esd       ? 
_cell.angle_alpha_esd    ? 
_cell.angle_beta_esd     ? 
_cell.angle_gamma_esd    ? 
# 
_symmetry.entry_id                         3TWY 
_symmetry.space_group_name_H-M             'P 32 2 1' 
_symmetry.pdbx_full_space_group_name_H-M   ? 
_symmetry.cell_setting                     ? 
_symmetry.Int_Tables_number                154 
_symmetry.space_group_name_Hall            ? 
# 
_exptl.entry_id          3TWY 
_exptl.method            'X-RAY DIFFRACTION' 
_exptl.crystals_number   1 
# 
_exptl_crystal.id                    1 
_exptl_crystal.density_meas          ? 
_exptl_crystal.density_Matthews      2.69 
_exptl_crystal.density_percent_sol   54.26 
_exptl_crystal.description           ? 
_exptl_crystal.F_000                 ? 
_exptl_crystal.preparation           ? 
# 
_exptl_crystal_grow.crystal_id      1 
_exptl_crystal_grow.method          ? 
_exptl_crystal_grow.temp            ? 
_exptl_crystal_grow.temp_details    ? 
_exptl_crystal_grow.pH              7.5 
_exptl_crystal_grow.pdbx_details    '20% PEG3350, PH 7.5, VAPOR DIFFUSION, HANGING DROP, TEMPERATURE 298K' 
_exptl_crystal_grow.pdbx_pH_range   ? 
# 
_diffrn.id                     1 
_diffrn.ambient_temp           120 
_diffrn.ambient_temp_details   ? 
_diffrn.crystal_id             1 
# 
_diffrn_detector.diffrn_id              1 
_diffrn_detector.detector               'IMAGE PLATE' 
_diffrn_detector.type                   'RIGAKU RAXIS IV++' 
_diffrn_detector.pdbx_collection_date   2009-11-25 
_diffrn_detector.details                MICROMAX 
# 
_diffrn_radiation.diffrn_id                        1 
_diffrn_radiation.wavelength_id                    1 
_diffrn_radiation.pdbx_monochromatic_or_laue_m_l   M 
_diffrn_radiation.monochromator                    MICROMAX 
_diffrn_radiation.pdbx_diffrn_protocol             'SINGLE WAVELENGTH' 
_diffrn_radiation.pdbx_scattering_type             x-ray 
# 
_diffrn_radiation_wavelength.id           1 
_diffrn_radiation_wavelength.wavelength   1.542 
_diffrn_radiation_wavelength.wt           1.0 
# 
_diffrn_source.diffrn_id                   1 
_diffrn_source.source                      'ROTATING ANODE' 
_diffrn_source.type                        'RIGAKU MICROMAX-007 HF' 
_diffrn_source.pdbx_synchrotron_site       ? 
_diffrn_source.pdbx_synchrotron_beamline   ? 
_diffrn_source.pdbx_wavelength             1.542 
_diffrn_source.pdbx_wavelength_list        ? 
# 
_reflns.entry_id                     3TWY 
_reflns.observed_criterion_sigma_I   0.000 
_reflns.observed_criterion_sigma_F   0.00 
_reflns.d_resolution_low             50.000 
_reflns.d_resolution_high            1.500 
_reflns.number_obs                   ? 
_reflns.number_all                   ? 
_reflns.percent_possible_obs         98.3 
_reflns.pdbx_Rmerge_I_obs            ? 
_reflns.pdbx_Rsym_value              ? 
_reflns.pdbx_netI_over_sigmaI        ? 
_reflns.B_iso_Wilson_estimate        ? 
_reflns.pdbx_redundancy              ? 
_reflns.R_free_details               ? 
_reflns.limit_h_max                  ? 
_reflns.limit_h_min                  ? 
_reflns.limit_k_max                  ? 
_reflns.limit_k_min                  ? 
_reflns.limit_l_max                  ? 
_reflns.limit_l_min                  ? 
_reflns.observed_criterion_F_max     ? 
_reflns.observed_criterion_F_min     ? 
_reflns.pdbx_chi_squared             ? 
_reflns.pdbx_scaling_rejects         ? 
_reflns.pdbx_ordinal                 1 
_reflns.pdbx_diffrn_id               1 
# 
_reflns_shell.d_res_high             1.50 
_reflns_shell.d_res_low              1.55 
_reflns_shell.percent_possible_all   93.2 
_reflns_shell.Rmerge_I_obs           ? 
_reflns_shell.pdbx_Rsym_value        ? 
_reflns_shell.meanI_over_sigI_obs    ? 
_reflns_shell.pdbx_redundancy        ? 
_reflns_shell.percent_possible_obs   ? 
_reflns_shell.number_unique_all      ? 
_reflns_shell.number_measured_all    ? 
_reflns_shell.number_measured_obs    ? 
_reflns_shell.number_unique_obs      ? 
_reflns_shell.pdbx_chi_squared       ? 
_reflns_shell.pdbx_ordinal           1 
_reflns_shell.pdbx_diffrn_id         1 
# 
_refine.entry_id                                 3TWY 
_refine.ls_number_reflns_obs                     51491 
_refine.ls_number_reflns_all                     53576 
_refine.pdbx_ls_sigma_I                          ? 
_refine.pdbx_ls_sigma_F                          0.000 
_refine.pdbx_data_cutoff_high_absF               ? 
_refine.pdbx_data_cutoff_low_absF                ? 
_refine.pdbx_data_cutoff_high_rms_absF           ? 
_refine.ls_d_res_low                             19.08 
_refine.ls_d_res_high                            1.50 
_refine.ls_percent_reflns_obs                    96.1 
_refine.ls_R_factor_obs                          0.204 
_refine.ls_R_factor_all                          0.204 
_refine.ls_R_factor_R_work                       0.204 
_refine.ls_R_factor_R_free                       0.219 
_refine.ls_R_factor_R_free_error                 ? 
_refine.ls_R_factor_R_free_error_details         ? 
_refine.ls_percent_reflns_R_free                 ? 
_refine.ls_number_reflns_R_free                  5041 
_refine.ls_number_parameters                     ? 
_refine.ls_number_restraints                     ? 
_refine.occupancy_min                            ? 
_refine.occupancy_max                            ? 
_refine.correlation_coeff_Fo_to_Fc               ? 
_refine.correlation_coeff_Fo_to_Fc_free          ? 
_refine.B_iso_mean                               22.14 
_refine.aniso_B[1][1]                            0.58100 
_refine.aniso_B[2][2]                            0.58100 
_refine.aniso_B[3][3]                            -1.16300 
_refine.aniso_B[1][2]                            0.02000 
_refine.aniso_B[1][3]                            0.00000 
_refine.aniso_B[2][3]                            0.00000 
_refine.solvent_model_details                    ? 
_refine.solvent_model_param_ksol                 ? 
_refine.solvent_model_param_bsol                 51.42 
_refine.pdbx_solvent_vdw_probe_radii             ? 
_refine.pdbx_solvent_ion_probe_radii             ? 
_refine.pdbx_solvent_shrinkage_radii             ? 
_refine.pdbx_ls_cross_valid_method               ? 
_refine.details                                  ? 
_refine.pdbx_starting_model                      ? 
_refine.pdbx_method_to_determine_struct          'MOLECULAR REPLACEMENT' 
_refine.pdbx_isotropic_thermal_model             ? 
_refine.pdbx_stereochemistry_target_values       'Engh & Huber' 
_refine.pdbx_stereochem_target_val_spec_case     ? 
_refine.pdbx_R_Free_selection_details            RANDOM 
_refine.pdbx_overall_ESU_R_Free                  ? 
_refine.overall_SU_ML                            ? 
_refine.pdbx_overall_phase_error                 ? 
_refine.overall_SU_B                             ? 
_refine.overall_SU_R_Cruickshank_DPI             ? 
_refine.ls_redundancy_reflns_obs                 ? 
_refine.B_iso_min                                ? 
_refine.B_iso_max                                ? 
_refine.overall_SU_R_free                        ? 
_refine.ls_wR_factor_R_free                      ? 
_refine.ls_wR_factor_R_work                      ? 
_refine.overall_FOM_free_R_set                   ? 
_refine.overall_FOM_work_R_set                   ? 
_refine.pdbx_diffrn_id                           1 
_refine.pdbx_refine_id                           'X-RAY DIFFRACTION' 
_refine.pdbx_overall_ESU_R                       ? 
_refine.pdbx_TLS_residual_ADP_flag               ? 
_refine.pdbx_overall_SU_R_free_Cruickshank_DPI   ? 
_refine.pdbx_overall_SU_R_Blow_DPI               ? 
_refine.pdbx_overall_SU_R_free_Blow_DPI          ? 
# 
_refine_hist.pdbx_refine_id                   'X-RAY DIFFRACTION' 
_refine_hist.cycle_id                         LAST 
_refine_hist.pdbx_number_atoms_protein        1129 
_refine_hist.pdbx_number_atoms_nucleic_acid   0 
_refine_hist.pdbx_number_atoms_ligand         22 
_refine_hist.number_atoms_solvent             204 
_refine_hist.number_atoms_total               1355 
_refine_hist.d_res_high                       1.50 
_refine_hist.d_res_low                        19.08 
# 
loop_
_refine_ls_restr.type 
_refine_ls_restr.dev_ideal 
_refine_ls_restr.dev_ideal_target 
_refine_ls_restr.weight 
_refine_ls_restr.number 
_refine_ls_restr.pdbx_restraint_function 
_refine_ls_restr.pdbx_refine_id 
c_bond_d    0.011 ? ? ? ? 'X-RAY DIFFRACTION' 
c_angle_deg 1.67  ? ? ? ? 'X-RAY DIFFRACTION' 
# 
_struct.entry_id                  3TWY 
_struct.title                     'RAT PKC C2 DOMAIN BOUND TO PB' 
_struct.pdbx_model_details        ? 
_struct.pdbx_CASP_flag            ? 
_struct.pdbx_model_type_details   ? 
# 
_struct_keywords.entry_id        3TWY 
_struct_keywords.pdbx_keywords   TRANSFERASE 
_struct_keywords.text            'PROTEIN KINASE PKC, TRANSFERASE' 
# 
loop_
_struct_asym.id 
_struct_asym.pdbx_blank_PDB_chainid_flag 
_struct_asym.pdbx_modified 
_struct_asym.entity_id 
_struct_asym.details 
A N N 1 ? 
B N N 2 ? 
C N N 2 ? 
D N N 3 ? 
E N N 3 ? 
F N N 3 ? 
G N N 3 ? 
H N N 4 ? 
# 
_struct_ref.id                         1 
_struct_ref.db_name                    UNP 
_struct_ref.db_code                    KPCA_RAT 
_struct_ref.pdbx_db_accession          P05696 
_struct_ref.entity_id                  1 
_struct_ref.pdbx_seq_one_letter_code   
;TEKRGRIYLKAEVTDEKLHVTVRDAKNLIPMDPNGLSDPYVKLKLIPDPKNESKQKTKTIRSTLNPQWNESFTFKLKPSD
KDRRLSVEIWDWDRTTRNDFMGSLSFGVSELMKMPASGWYKLLNQEEGEYYNVPIPE
;
_struct_ref.pdbx_align_begin           156 
_struct_ref.pdbx_db_isoform            ? 
# 
_struct_ref_seq.align_id                      1 
_struct_ref_seq.ref_id                        1 
_struct_ref_seq.pdbx_PDB_id_code              3TWY 
_struct_ref_seq.pdbx_strand_id                A 
_struct_ref_seq.seq_align_beg                 1 
_struct_ref_seq.pdbx_seq_align_beg_ins_code   ? 
_struct_ref_seq.seq_align_end                 137 
_struct_ref_seq.pdbx_seq_align_end_ins_code   ? 
_struct_ref_seq.pdbx_db_accession             P05696 
_struct_ref_seq.db_align_beg                  156 
_struct_ref_seq.pdbx_db_align_beg_ins_code    ? 
_struct_ref_seq.db_align_end                  292 
_struct_ref_seq.pdbx_db_align_end_ins_code    ? 
_struct_ref_seq.pdbx_auth_seq_align_beg       156 
_struct_ref_seq.pdbx_auth_seq_align_end       292 
# 
_pdbx_struct_assembly.id                   1 
_pdbx_struct_assembly.details              author_and_software_defined_assembly 
_pdbx_struct_assembly.method_details       PISA 
_pdbx_struct_assembly.oligomeric_details   monomeric 
_pdbx_struct_assembly.oligomeric_count     1 
# 
_pdbx_struct_assembly_gen.assembly_id       1 
_pdbx_struct_assembly_gen.oper_expression   1 
_pdbx_struct_assembly_gen.asym_id_list      A,B,C,D,E,F,G,H 
# 
_pdbx_struct_oper_list.id                   1 
_pdbx_struct_oper_list.type                 'identity operation' 
_pdbx_struct_oper_list.name                 1_555 
_pdbx_struct_oper_list.symmetry_operation   x,y,z 
_pdbx_struct_oper_list.matrix[1][1]         1.0000000000 
_pdbx_struct_oper_list.matrix[1][2]         0.0000000000 
_pdbx_struct_oper_list.matrix[1][3]         0.0000000000 
_pdbx_struct_oper_list.vector[1]            0.0000000000 
_pdbx_struct_oper_list.matrix[2][1]         0.0000000000 
_pdbx_struct_oper_list.matrix[2][2]         1.0000000000 
_pdbx_struct_oper_list.matrix[2][3]         0.0000000000 
_pdbx_struct_oper_list.vector[2]            0.0000000000 
_pdbx_struct_oper_list.matrix[3][1]         0.0000000000 
_pdbx_struct_oper_list.matrix[3][2]         0.0000000000 
_pdbx_struct_oper_list.matrix[3][3]         1.0000000000 
_pdbx_struct_oper_list.vector[3]            0.0000000000 
# 
_struct_biol.id        1 
_struct_biol.details   ? 
# 
loop_
_struct_conf.conf_type_id 
_struct_conf.id 
_struct_conf.pdbx_PDB_helix_id 
_struct_conf.beg_label_comp_id 
_struct_conf.beg_label_asym_id 
_struct_conf.beg_label_seq_id 
_struct_conf.pdbx_beg_PDB_ins_code 
_struct_conf.end_label_comp_id 
_struct_conf.end_label_asym_id 
_struct_conf.end_label_seq_id 
_struct_conf.pdbx_end_PDB_ins_code 
_struct_conf.beg_auth_comp_id 
_struct_conf.beg_auth_asym_id 
_struct_conf.beg_auth_seq_id 
_struct_conf.end_auth_comp_id 
_struct_conf.end_auth_asym_id 
_struct_conf.end_auth_seq_id 
_struct_conf.pdbx_PDB_helix_class 
_struct_conf.details 
_struct_conf.pdbx_PDB_helix_length 
HELX_P HELX_P1 1 LYS A 77  ? ASP A 82  ? LYS A 232 ASP A 237 5 ? 6 
HELX_P HELX_P2 2 VAL A 108 ? MET A 114 ? VAL A 263 MET A 269 1 ? 7 
HELX_P HELX_P3 3 ASN A 124 ? GLU A 129 ? ASN A 279 GLU A 284 1 ? 6 
# 
_struct_conf_type.id          HELX_P 
_struct_conf_type.criteria    ? 
_struct_conf_type.reference   ? 
# 
loop_
_struct_conn.id 
_struct_conn.conn_type_id 
_struct_conn.pdbx_leaving_atom_flag 
_struct_conn.pdbx_PDB_id 
_struct_conn.ptnr1_label_asym_id 
_struct_conn.ptnr1_label_comp_id 
_struct_conn.ptnr1_label_seq_id 
_struct_conn.ptnr1_label_atom_id 
_struct_conn.pdbx_ptnr1_label_alt_id 
_struct_conn.pdbx_ptnr1_PDB_ins_code 
_struct_conn.pdbx_ptnr1_standard_comp_id 
_struct_conn.ptnr1_symmetry 
_struct_conn.ptnr2_label_asym_id 
_struct_conn.ptnr2_label_comp_id 
_struct_conn.ptnr2_label_seq_id 
_struct_conn.ptnr2_label_atom_id 
_struct_conn.pdbx_ptnr2_label_alt_id 
_struct_conn.pdbx_ptnr2_PDB_ins_code 
_struct_conn.ptnr1_auth_asym_id 
_struct_conn.ptnr1_auth_comp_id 
_struct_conn.ptnr1_auth_seq_id 
_struct_conn.ptnr2_auth_asym_id 
_struct_conn.ptnr2_auth_comp_id 
_struct_conn.ptnr2_auth_seq_id 
_struct_conn.ptnr2_symmetry 
_struct_conn.pdbx_ptnr3_label_atom_id 
_struct_conn.pdbx_ptnr3_label_seq_id 
_struct_conn.pdbx_ptnr3_label_comp_id 
_struct_conn.pdbx_ptnr3_label_asym_id 
_struct_conn.pdbx_ptnr3_label_alt_id 
_struct_conn.pdbx_ptnr3_PDB_ins_code 
_struct_conn.details 
_struct_conn.pdbx_dist_value 
_struct_conn.pdbx_value_order 
_struct_conn.pdbx_role 
metalc1  metalc ? ? B PB . PB ? ? ? 1_555 H HOH .  O   ? ? A PB 1 A HOH 26  1_555 ? ? ? ? ? ? ? 3.278 ? ? 
metalc2  metalc ? ? B PB . PB ? ? ? 1_555 H HOH .  O   ? ? A PB 1 A HOH 85  1_555 ? ? ? ? ? ? ? 2.978 ? ? 
metalc3  metalc ? ? B PB . PB ? ? ? 1_555 A ASP 32 OD1 ? ? A PB 1 A ASP 187 1_555 ? ? ? ? ? ? ? 2.691 ? ? 
metalc4  metalc ? ? B PB . PB ? ? ? 1_555 A ASP 32 OD2 ? ? A PB 1 A ASP 187 1_555 ? ? ? ? ? ? ? 2.694 ? ? 
metalc5  metalc ? ? B PB . PB ? ? ? 1_555 A ASP 38 OD2 ? ? A PB 1 A ASP 193 1_555 ? ? ? ? ? ? ? 2.573 ? ? 
metalc6  metalc ? ? B PB . PB ? ? ? 1_555 A ASP 91 OD1 ? ? A PB 1 A ASP 246 1_555 ? ? ? ? ? ? ? 2.527 ? ? 
metalc7  metalc ? ? B PB . PB ? ? ? 1_555 A ASP 91 OD2 ? ? A PB 1 A ASP 246 1_555 ? ? ? ? ? ? ? 2.609 ? ? 
metalc8  metalc ? ? B PB . PB ? ? ? 1_555 A TRP 92 O   ? ? A PB 1 A TRP 247 1_555 ? ? ? ? ? ? ? 2.702 ? ? 
metalc9  metalc ? ? B PB . PB ? ? ? 1_555 A ASP 93 OD1 ? ? A PB 1 A ASP 248 1_555 ? ? ? ? ? ? ? 2.736 ? ? 
metalc10 metalc ? ? C PB . PB ? ? ? 1_555 H HOH .  O   ? ? A PB 2 A HOH 76  1_555 ? ? ? ? ? ? ? 2.612 ? ? 
metalc11 metalc ? ? C PB . PB ? ? ? 1_555 A ASP 91 OD2 ? ? A PB 2 A ASP 246 1_555 ? ? ? ? ? ? ? 2.377 ? ? 
metalc12 metalc ? ? C PB . PB ? ? ? 1_555 A ASP 93 OD2 ? ? A PB 2 A ASP 248 1_555 ? ? ? ? ? ? ? 2.339 ? ? 
metalc13 metalc ? ? C PB . PB ? ? ? 1_555 A ASP 93 OD1 ? ? A PB 2 A ASP 248 1_555 ? ? ? ? ? ? ? 2.801 ? ? 
metalc14 metalc ? ? C PB . PB ? ? ? 1_555 A ASP 99 OD2 ? ? A PB 2 A ASP 254 1_555 ? ? ? ? ? ? ? 2.550 ? ? 
metalc15 metalc ? ? C PB . PB ? ? ? 1_555 A ASP 99 OD1 ? ? A PB 2 A ASP 254 1_555 ? ? ? ? ? ? ? 2.587 ? ? 
# 
_struct_conn_type.id          metalc 
_struct_conn_type.criteria    ? 
_struct_conn_type.reference   ? 
# 
loop_
_pdbx_struct_conn_angle.id 
_pdbx_struct_conn_angle.ptnr1_label_atom_id 
_pdbx_struct_conn_angle.ptnr1_label_alt_id 
_pdbx_struct_conn_angle.ptnr1_label_asym_id 
_pdbx_struct_conn_angle.ptnr1_label_comp_id 
_pdbx_struct_conn_angle.ptnr1_label_seq_id 
_pdbx_struct_conn_angle.ptnr1_auth_atom_id 
_pdbx_struct_conn_angle.ptnr1_auth_asym_id 
_pdbx_struct_conn_angle.ptnr1_auth_comp_id 
_pdbx_struct_conn_angle.ptnr1_auth_seq_id 
_pdbx_struct_conn_angle.ptnr1_PDB_ins_code 
_pdbx_struct_conn_angle.ptnr1_symmetry 
_pdbx_struct_conn_angle.ptnr2_label_atom_id 
_pdbx_struct_conn_angle.ptnr2_label_alt_id 
_pdbx_struct_conn_angle.ptnr2_label_asym_id 
_pdbx_struct_conn_angle.ptnr2_label_comp_id 
_pdbx_struct_conn_angle.ptnr2_label_seq_id 
_pdbx_struct_conn_angle.ptnr2_auth_atom_id 
_pdbx_struct_conn_angle.ptnr2_auth_asym_id 
_pdbx_struct_conn_angle.ptnr2_auth_comp_id 
_pdbx_struct_conn_angle.ptnr2_auth_seq_id 
_pdbx_struct_conn_angle.ptnr2_PDB_ins_code 
_pdbx_struct_conn_angle.ptnr2_symmetry 
_pdbx_struct_conn_angle.ptnr3_label_atom_id 
_pdbx_struct_conn_angle.ptnr3_label_alt_id 
_pdbx_struct_conn_angle.ptnr3_label_asym_id 
_pdbx_struct_conn_angle.ptnr3_label_comp_id 
_pdbx_struct_conn_angle.ptnr3_label_seq_id 
_pdbx_struct_conn_angle.ptnr3_auth_atom_id 
_pdbx_struct_conn_angle.ptnr3_auth_asym_id 
_pdbx_struct_conn_angle.ptnr3_auth_comp_id 
_pdbx_struct_conn_angle.ptnr3_auth_seq_id 
_pdbx_struct_conn_angle.ptnr3_PDB_ins_code 
_pdbx_struct_conn_angle.ptnr3_symmetry 
_pdbx_struct_conn_angle.value 
_pdbx_struct_conn_angle.value_esd 
1  O   ? H HOH .  ? A HOH 26  ? 1_555 PB ? B PB . ? A PB 1 ? 1_555 O   ? H HOH .  ? A HOH 85  ? 1_555 54.5  ? 
2  O   ? H HOH .  ? A HOH 26  ? 1_555 PB ? B PB . ? A PB 1 ? 1_555 OD1 ? A ASP 32 ? A ASP 187 ? 1_555 117.2 ? 
3  O   ? H HOH .  ? A HOH 85  ? 1_555 PB ? B PB . ? A PB 1 ? 1_555 OD1 ? A ASP 32 ? A ASP 187 ? 1_555 64.4  ? 
4  O   ? H HOH .  ? A HOH 26  ? 1_555 PB ? B PB . ? A PB 1 ? 1_555 OD2 ? A ASP 32 ? A ASP 187 ? 1_555 114.6 ? 
5  O   ? H HOH .  ? A HOH 85  ? 1_555 PB ? B PB . ? A PB 1 ? 1_555 OD2 ? A ASP 32 ? A ASP 187 ? 1_555 70.9  ? 
6  OD1 ? A ASP 32 ? A ASP 187 ? 1_555 PB ? B PB . ? A PB 1 ? 1_555 OD2 ? A ASP 32 ? A ASP 187 ? 1_555 49.5  ? 
7  O   ? H HOH .  ? A HOH 26  ? 1_555 PB ? B PB . ? A PB 1 ? 1_555 OD2 ? A ASP 38 ? A ASP 193 ? 1_555 63.7  ? 
8  O   ? H HOH .  ? A HOH 85  ? 1_555 PB ? B PB . ? A PB 1 ? 1_555 OD2 ? A ASP 38 ? A ASP 193 ? 1_555 82.7  ? 
9  OD1 ? A ASP 32 ? A ASP 187 ? 1_555 PB ? B PB . ? A PB 1 ? 1_555 OD2 ? A ASP 38 ? A ASP 193 ? 1_555 123.4 ? 
10 OD2 ? A ASP 32 ? A ASP 187 ? 1_555 PB ? B PB . ? A PB 1 ? 1_555 OD2 ? A ASP 38 ? A ASP 193 ? 1_555 77.4  ? 
11 O   ? H HOH .  ? A HOH 26  ? 1_555 PB ? B PB . ? A PB 1 ? 1_555 OD1 ? A ASP 91 ? A ASP 246 ? 1_555 141.7 ? 
12 O   ? H HOH .  ? A HOH 85  ? 1_555 PB ? B PB . ? A PB 1 ? 1_555 OD1 ? A ASP 91 ? A ASP 246 ? 1_555 155.9 ? 
13 OD1 ? A ASP 32 ? A ASP 187 ? 1_555 PB ? B PB . ? A PB 1 ? 1_555 OD1 ? A ASP 91 ? A ASP 246 ? 1_555 100.7 ? 
14 OD2 ? A ASP 32 ? A ASP 187 ? 1_555 PB ? B PB . ? A PB 1 ? 1_555 OD1 ? A ASP 91 ? A ASP 246 ? 1_555 85.1  ? 
15 OD2 ? A ASP 38 ? A ASP 193 ? 1_555 PB ? B PB . ? A PB 1 ? 1_555 OD1 ? A ASP 91 ? A ASP 246 ? 1_555 91.5  ? 
16 O   ? H HOH .  ? A HOH 26  ? 1_555 PB ? B PB . ? A PB 1 ? 1_555 OD2 ? A ASP 91 ? A ASP 246 ? 1_555 143.5 ? 
17 O   ? H HOH .  ? A HOH 85  ? 1_555 PB ? B PB . ? A PB 1 ? 1_555 OD2 ? A ASP 91 ? A ASP 246 ? 1_555 133.2 ? 
18 OD1 ? A ASP 32 ? A ASP 187 ? 1_555 PB ? B PB . ? A PB 1 ? 1_555 OD2 ? A ASP 91 ? A ASP 246 ? 1_555 74.6  ? 
19 OD2 ? A ASP 32 ? A ASP 187 ? 1_555 PB ? B PB . ? A PB 1 ? 1_555 OD2 ? A ASP 91 ? A ASP 246 ? 1_555 99.4  ? 
20 OD2 ? A ASP 38 ? A ASP 193 ? 1_555 PB ? B PB . ? A PB 1 ? 1_555 OD2 ? A ASP 91 ? A ASP 246 ? 1_555 141.5 ? 
21 OD1 ? A ASP 91 ? A ASP 246 ? 1_555 PB ? B PB . ? A PB 1 ? 1_555 OD2 ? A ASP 91 ? A ASP 246 ? 1_555 50.1  ? 
22 O   ? H HOH .  ? A HOH 26  ? 1_555 PB ? B PB . ? A PB 1 ? 1_555 O   ? A TRP 92 ? A TRP 247 ? 1_555 71.9  ? 
23 O   ? H HOH .  ? A HOH 85  ? 1_555 PB ? B PB . ? A PB 1 ? 1_555 O   ? A TRP 92 ? A TRP 247 ? 1_555 126.1 ? 
24 OD1 ? A ASP 32 ? A ASP 187 ? 1_555 PB ? B PB . ? A PB 1 ? 1_555 O   ? A TRP 92 ? A TRP 247 ? 1_555 157.8 ? 
25 OD2 ? A ASP 32 ? A ASP 187 ? 1_555 PB ? B PB . ? A PB 1 ? 1_555 O   ? A TRP 92 ? A TRP 247 ? 1_555 148.3 ? 
26 OD2 ? A ASP 38 ? A ASP 193 ? 1_555 PB ? B PB . ? A PB 1 ? 1_555 O   ? A TRP 92 ? A TRP 247 ? 1_555 78.8  ? 
27 OD1 ? A ASP 91 ? A ASP 246 ? 1_555 PB ? B PB . ? A PB 1 ? 1_555 O   ? A TRP 92 ? A TRP 247 ? 1_555 74.9  ? 
28 OD2 ? A ASP 91 ? A ASP 246 ? 1_555 PB ? B PB . ? A PB 1 ? 1_555 O   ? A TRP 92 ? A TRP 247 ? 1_555 86.6  ? 
29 O   ? H HOH .  ? A HOH 26  ? 1_555 PB ? B PB . ? A PB 1 ? 1_555 OD1 ? A ASP 93 ? A ASP 248 ? 1_555 82.2  ? 
30 O   ? H HOH .  ? A HOH 85  ? 1_555 PB ? B PB . ? A PB 1 ? 1_555 OD1 ? A ASP 93 ? A ASP 248 ? 1_555 80.4  ? 
31 OD1 ? A ASP 32 ? A ASP 187 ? 1_555 PB ? B PB . ? A PB 1 ? 1_555 OD1 ? A ASP 93 ? A ASP 248 ? 1_555 74.5  ? 
32 OD2 ? A ASP 32 ? A ASP 187 ? 1_555 PB ? B PB . ? A PB 1 ? 1_555 OD1 ? A ASP 93 ? A ASP 248 ? 1_555 123.6 ? 
33 OD2 ? A ASP 38 ? A ASP 193 ? 1_555 PB ? B PB . ? A PB 1 ? 1_555 OD1 ? A ASP 93 ? A ASP 248 ? 1_555 145.7 ? 
34 OD1 ? A ASP 91 ? A ASP 246 ? 1_555 PB ? B PB . ? A PB 1 ? 1_555 OD1 ? A ASP 93 ? A ASP 248 ? 1_555 115.2 ? 
35 OD2 ? A ASP 91 ? A ASP 246 ? 1_555 PB ? B PB . ? A PB 1 ? 1_555 OD1 ? A ASP 93 ? A ASP 248 ? 1_555 67.3  ? 
36 O   ? A TRP 92 ? A TRP 247 ? 1_555 PB ? B PB . ? A PB 1 ? 1_555 OD1 ? A ASP 93 ? A ASP 248 ? 1_555 87.5  ? 
37 O   ? H HOH .  ? A HOH 76  ? 1_555 PB ? C PB . ? A PB 2 ? 1_555 OD2 ? A ASP 91 ? A ASP 246 ? 1_555 148.6 ? 
38 O   ? H HOH .  ? A HOH 76  ? 1_555 PB ? C PB . ? A PB 2 ? 1_555 OD2 ? A ASP 93 ? A ASP 248 ? 1_555 79.2  ? 
39 OD2 ? A ASP 91 ? A ASP 246 ? 1_555 PB ? C PB . ? A PB 2 ? 1_555 OD2 ? A ASP 93 ? A ASP 248 ? 1_555 80.1  ? 
40 O   ? H HOH .  ? A HOH 76  ? 1_555 PB ? C PB . ? A PB 2 ? 1_555 OD1 ? A ASP 93 ? A ASP 248 ? 1_555 79.3  ? 
41 OD2 ? A ASP 91 ? A ASP 246 ? 1_555 PB ? C PB . ? A PB 2 ? 1_555 OD1 ? A ASP 93 ? A ASP 248 ? 1_555 69.3  ? 
42 OD2 ? A ASP 93 ? A ASP 248 ? 1_555 PB ? C PB . ? A PB 2 ? 1_555 OD1 ? A ASP 93 ? A ASP 248 ? 1_555 50.1  ? 
43 O   ? H HOH .  ? A HOH 76  ? 1_555 PB ? C PB . ? A PB 2 ? 1_555 OD2 ? A ASP 99 ? A ASP 254 ? 1_555 121.8 ? 
44 OD2 ? A ASP 91 ? A ASP 246 ? 1_555 PB ? C PB . ? A PB 2 ? 1_555 OD2 ? A ASP 99 ? A ASP 254 ? 1_555 77.4  ? 
45 OD2 ? A ASP 93 ? A ASP 248 ? 1_555 PB ? C PB . ? A PB 2 ? 1_555 OD2 ? A ASP 99 ? A ASP 254 ? 1_555 81.0  ? 
46 OD1 ? A ASP 93 ? A ASP 248 ? 1_555 PB ? C PB . ? A PB 2 ? 1_555 OD2 ? A ASP 99 ? A ASP 254 ? 1_555 123.8 ? 
47 O   ? H HOH .  ? A HOH 76  ? 1_555 PB ? C PB . ? A PB 2 ? 1_555 OD1 ? A ASP 99 ? A ASP 254 ? 1_555 74.2  ? 
48 OD2 ? A ASP 91 ? A ASP 246 ? 1_555 PB ? C PB . ? A PB 2 ? 1_555 OD1 ? A ASP 99 ? A ASP 254 ? 1_555 127.8 ? 
49 OD2 ? A ASP 93 ? A ASP 248 ? 1_555 PB ? C PB . ? A PB 2 ? 1_555 OD1 ? A ASP 99 ? A ASP 254 ? 1_555 87.0  ? 
50 OD1 ? A ASP 93 ? A ASP 248 ? 1_555 PB ? C PB . ? A PB 2 ? 1_555 OD1 ? A ASP 99 ? A ASP 254 ? 1_555 133.2 ? 
51 OD2 ? A ASP 99 ? A ASP 254 ? 1_555 PB ? C PB . ? A PB 2 ? 1_555 OD1 ? A ASP 99 ? A ASP 254 ? 1_555 50.5  ? 
# 
_struct_mon_prot_cis.pdbx_id                1 
_struct_mon_prot_cis.label_comp_id          ILE 
_struct_mon_prot_cis.label_seq_id           46 
_struct_mon_prot_cis.label_asym_id          A 
_struct_mon_prot_cis.label_alt_id           . 
_struct_mon_prot_cis.pdbx_PDB_ins_code      ? 
_struct_mon_prot_cis.auth_comp_id           ILE 
_struct_mon_prot_cis.auth_seq_id            201 
_struct_mon_prot_cis.auth_asym_id           A 
_struct_mon_prot_cis.pdbx_label_comp_id_2   PRO 
_struct_mon_prot_cis.pdbx_label_seq_id_2    47 
_struct_mon_prot_cis.pdbx_label_asym_id_2   A 
_struct_mon_prot_cis.pdbx_PDB_ins_code_2    ? 
_struct_mon_prot_cis.pdbx_auth_comp_id_2    PRO 
_struct_mon_prot_cis.pdbx_auth_seq_id_2     202 
_struct_mon_prot_cis.pdbx_auth_asym_id_2    A 
_struct_mon_prot_cis.pdbx_PDB_model_num     1 
_struct_mon_prot_cis.pdbx_omega_angle       -0.64 
# 
loop_
_struct_sheet.id 
_struct_sheet.type 
_struct_sheet.number_strands 
_struct_sheet.details 
A ? 4 ? 
B ? 4 ? 
# 
loop_
_struct_sheet_order.sheet_id 
_struct_sheet_order.range_id_1 
_struct_sheet_order.range_id_2 
_struct_sheet_order.offset 
_struct_sheet_order.sense 
A 1 2 ? anti-parallel 
A 2 3 ? anti-parallel 
A 3 4 ? anti-parallel 
B 1 2 ? anti-parallel 
B 2 3 ? anti-parallel 
B 3 4 ? anti-parallel 
# 
loop_
_struct_sheet_range.sheet_id 
_struct_sheet_range.id 
_struct_sheet_range.beg_label_comp_id 
_struct_sheet_range.beg_label_asym_id 
_struct_sheet_range.beg_label_seq_id 
_struct_sheet_range.pdbx_beg_PDB_ins_code 
_struct_sheet_range.end_label_comp_id 
_struct_sheet_range.end_label_asym_id 
_struct_sheet_range.end_label_seq_id 
_struct_sheet_range.pdbx_end_PDB_ins_code 
_struct_sheet_range.beg_auth_comp_id 
_struct_sheet_range.beg_auth_asym_id 
_struct_sheet_range.beg_auth_seq_id 
_struct_sheet_range.end_auth_comp_id 
_struct_sheet_range.end_auth_asym_id 
_struct_sheet_range.end_auth_seq_id 
A 1 GLN A 67  ? LYS A 75  ? GLN A 222 LYS A 230 
A 2 LYS A 17  ? LYS A 26  ? LYS A 172 LYS A 181 
A 3 ARG A 6   ? THR A 14  ? ARG A 161 THR A 169 
A 4 ALA A 116 ? LYS A 121 ? ALA A 271 LYS A 276 
B 1 GLN A 55  ? LYS A 56  ? GLN A 210 LYS A 211 
B 2 PRO A 39  ? ILE A 46  ? PRO A 194 ILE A 201 
B 3 ARG A 84  ? ASP A 91  ? ARG A 239 ASP A 246 
B 4 ASP A 99  ? GLY A 107 ? ASP A 254 GLY A 262 
# 
loop_
_pdbx_struct_sheet_hbond.sheet_id 
_pdbx_struct_sheet_hbond.range_id_1 
_pdbx_struct_sheet_hbond.range_id_2 
_pdbx_struct_sheet_hbond.range_1_label_atom_id 
_pdbx_struct_sheet_hbond.range_1_label_comp_id 
_pdbx_struct_sheet_hbond.range_1_label_asym_id 
_pdbx_struct_sheet_hbond.range_1_label_seq_id 
_pdbx_struct_sheet_hbond.range_1_PDB_ins_code 
_pdbx_struct_sheet_hbond.range_1_auth_atom_id 
_pdbx_struct_sheet_hbond.range_1_auth_comp_id 
_pdbx_struct_sheet_hbond.range_1_auth_asym_id 
_pdbx_struct_sheet_hbond.range_1_auth_seq_id 
_pdbx_struct_sheet_hbond.range_2_label_atom_id 
_pdbx_struct_sheet_hbond.range_2_label_comp_id 
_pdbx_struct_sheet_hbond.range_2_label_asym_id 
_pdbx_struct_sheet_hbond.range_2_label_seq_id 
_pdbx_struct_sheet_hbond.range_2_PDB_ins_code 
_pdbx_struct_sheet_hbond.range_2_auth_atom_id 
_pdbx_struct_sheet_hbond.range_2_auth_comp_id 
_pdbx_struct_sheet_hbond.range_2_auth_asym_id 
_pdbx_struct_sheet_hbond.range_2_auth_seq_id 
A 1 2 O GLU A 70 ? O GLU A 225 N VAL A 22  ? N VAL A 177 
A 2 3 O HIS A 19 ? O HIS A 174 N GLU A 12  ? N GLU A 167 
A 3 4 N ALA A 11 ? N ALA A 166 O ALA A 116 ? O ALA A 271 
B 1 2 O GLN A 55 ? O GLN A 210 N LEU A 43  ? N LEU A 198 
B 2 3 N LYS A 44 ? N LYS A 199 O SER A 86  ? O SER A 241 
B 3 4 N ILE A 89 ? N ILE A 244 O GLY A 102 ? O GLY A 257 
# 
loop_
_struct_site.id 
_struct_site.pdbx_evidence_code 
_struct_site.pdbx_auth_asym_id 
_struct_site.pdbx_auth_comp_id 
_struct_site.pdbx_auth_seq_id 
_struct_site.pdbx_auth_ins_code 
_struct_site.pdbx_num_residues 
_struct_site.details 
AC1 Software A PB  1   ? 6  'BINDING SITE FOR RESIDUE PB A 1'    
AC2 Software A PB  2   ? 6  'BINDING SITE FOR RESIDUE PB A 2'    
AC3 Software A SO4 293 ? 8  'BINDING SITE FOR RESIDUE SO4 A 293' 
AC4 Software A SO4 294 ? 10 'BINDING SITE FOR RESIDUE SO4 A 294' 
AC5 Software A SO4 3   ? 10 'BINDING SITE FOR RESIDUE SO4 A 3'   
AC6 Software A SO4 4   ? 7  'BINDING SITE FOR RESIDUE SO4 A 4'   
# 
loop_
_struct_site_gen.id 
_struct_site_gen.site_id 
_struct_site_gen.pdbx_num_res 
_struct_site_gen.label_comp_id 
_struct_site_gen.label_asym_id 
_struct_site_gen.label_seq_id 
_struct_site_gen.pdbx_auth_ins_code 
_struct_site_gen.auth_comp_id 
_struct_site_gen.auth_asym_id 
_struct_site_gen.auth_seq_id 
_struct_site_gen.label_atom_id 
_struct_site_gen.label_alt_id 
_struct_site_gen.symmetry 
_struct_site_gen.details 
1  AC1 6  HOH H .   ? HOH A 85  . ? 1_555 ? 
2  AC1 6  ASP A 32  ? ASP A 187 . ? 1_555 ? 
3  AC1 6  ASP A 38  ? ASP A 193 . ? 1_555 ? 
4  AC1 6  ASP A 91  ? ASP A 246 . ? 1_555 ? 
5  AC1 6  TRP A 92  ? TRP A 247 . ? 1_555 ? 
6  AC1 6  ASP A 93  ? ASP A 248 . ? 1_555 ? 
7  AC2 6  HOH H .   ? HOH A 76  . ? 1_555 ? 
8  AC2 6  MET A 31  ? MET A 186 . ? 1_555 ? 
9  AC2 6  ASP A 32  ? ASP A 187 . ? 1_555 ? 
10 AC2 6  ASP A 91  ? ASP A 246 . ? 1_555 ? 
11 AC2 6  ASP A 93  ? ASP A 248 . ? 1_555 ? 
12 AC2 6  ASP A 99  ? ASP A 254 . ? 1_555 ? 
13 AC3 8  SO4 F .   ? SO4 A 3   . ? 1_555 ? 
14 AC3 8  HOH H .   ? HOH A 119 . ? 1_555 ? 
15 AC3 8  LYS A 26  ? LYS A 181 . ? 1_555 ? 
16 AC3 8  LYS A 42  ? LYS A 197 . ? 3_655 ? 
17 AC3 8  LYS A 44  ? LYS A 199 . ? 3_655 ? 
18 AC3 8  ASN A 51  ? ASN A 206 . ? 3_655 ? 
19 AC3 8  LYS A 54  ? LYS A 209 . ? 3_655 ? 
20 AC3 8  GLN A 67  ? GLN A 222 . ? 1_555 ? 
21 AC4 10 HOH H .   ? HOH A 42  . ? 1_555 ? 
22 AC4 10 HOH H .   ? HOH A 53  . ? 5_545 ? 
23 AC4 10 HOH H .   ? HOH A 65  . ? 1_555 ? 
24 AC4 10 HOH H .   ? HOH A 95  . ? 3_655 ? 
25 AC4 10 HOH H .   ? HOH A 124 . ? 3_655 ? 
26 AC4 10 LYS A 17  ? LYS A 172 . ? 5_545 ? 
27 AC4 10 LYS A 75  ? LYS A 230 . ? 5_545 ? 
28 AC4 10 ARG A 97  ? ARG A 252 . ? 3_655 ? 
29 AC4 10 ASN A 98  ? ASN A 253 . ? 3_655 ? 
30 AC4 10 HOH H .   ? HOH A 316 . ? 3_655 ? 
31 AC5 10 HOH H .   ? HOH A 31  . ? 3_655 ? 
32 AC5 10 HOH H .   ? HOH A 95  . ? 3_655 ? 
33 AC5 10 TYR A 40  ? TYR A 195 . ? 3_655 ? 
34 AC5 10 LYS A 42  ? LYS A 197 . ? 3_655 ? 
35 AC5 10 LYS A 54  ? LYS A 209 . ? 3_655 ? 
36 AC5 10 LYS A 56  ? LYS A 211 . ? 3_655 ? 
37 AC5 10 ASN A 98  ? ASN A 253 . ? 3_655 ? 
38 AC5 10 SO4 D .   ? SO4 A 293 . ? 1_555 ? 
39 AC5 10 HOH H .   ? HOH A 320 . ? 3_655 ? 
40 AC5 10 HOH H .   ? HOH A 348 . ? 1_555 ? 
41 AC6 7  HOH H .   ? HOH A 22  . ? 1_555 ? 
42 AC6 7  HOH H .   ? HOH A 48  . ? 1_555 ? 
43 AC6 7  ARG A 84  ? ARG A 239 . ? 1_555 ? 
44 AC6 7  PHE A 106 ? PHE A 261 . ? 1_555 ? 
45 AC6 7  GLY A 107 ? GLY A 262 . ? 1_555 ? 
46 AC6 7  GLU A 110 ? GLU A 265 . ? 1_555 ? 
47 AC6 7  ASN A 132 ? ASN A 287 . ? 1_555 ? 
# 
_pdbx_validate_close_contact.id               1 
_pdbx_validate_close_contact.PDB_model_num    1 
_pdbx_validate_close_contact.auth_atom_id_1   NZ 
_pdbx_validate_close_contact.auth_asym_id_1   A 
_pdbx_validate_close_contact.auth_comp_id_1   LYS 
_pdbx_validate_close_contact.auth_seq_id_1    211 
_pdbx_validate_close_contact.PDB_ins_code_1   ? 
_pdbx_validate_close_contact.label_alt_id_1   ? 
_pdbx_validate_close_contact.auth_atom_id_2   O 
_pdbx_validate_close_contact.auth_asym_id_2   A 
_pdbx_validate_close_contact.auth_comp_id_2   HOH 
_pdbx_validate_close_contact.auth_seq_id_2    320 
_pdbx_validate_close_contact.PDB_ins_code_2   ? 
_pdbx_validate_close_contact.label_alt_id_2   ? 
_pdbx_validate_close_contact.dist             2.11 
# 
loop_
_pdbx_validate_symm_contact.id 
_pdbx_validate_symm_contact.PDB_model_num 
_pdbx_validate_symm_contact.auth_atom_id_1 
_pdbx_validate_symm_contact.auth_asym_id_1 
_pdbx_validate_symm_contact.auth_comp_id_1 
_pdbx_validate_symm_contact.auth_seq_id_1 
_pdbx_validate_symm_contact.PDB_ins_code_1 
_pdbx_validate_symm_contact.label_alt_id_1 
_pdbx_validate_symm_contact.site_symmetry_1 
_pdbx_validate_symm_contact.auth_atom_id_2 
_pdbx_validate_symm_contact.auth_asym_id_2 
_pdbx_validate_symm_contact.auth_comp_id_2 
_pdbx_validate_symm_contact.auth_seq_id_2 
_pdbx_validate_symm_contact.PDB_ins_code_2 
_pdbx_validate_symm_contact.label_alt_id_2 
_pdbx_validate_symm_contact.site_symmetry_2 
_pdbx_validate_symm_contact.dist 
1 1 O  A HOH 338 ? ? 1_555 O A HOH 338 ? ? 4_645 2.03 
2 1 O2 A SO4 3   ? ? 1_555 O A HOH 320 ? ? 3_655 2.14 
# 
loop_
_pdbx_validate_torsion.id 
_pdbx_validate_torsion.PDB_model_num 
_pdbx_validate_torsion.auth_comp_id 
_pdbx_validate_torsion.auth_asym_id 
_pdbx_validate_torsion.auth_seq_id 
_pdbx_validate_torsion.PDB_ins_code 
_pdbx_validate_torsion.label_alt_id 
_pdbx_validate_torsion.phi 
_pdbx_validate_torsion.psi 
1 1 LYS A 158 ? ? 64.27   71.24   
2 1 ASP A 170 ? ? 35.99   69.25   
3 1 GLU A 171 ? ? 59.86   13.91   
4 1 ARG A 178 ? ? -88.60  -78.63  
5 1 LEU A 191 ? ? -119.01 -158.17 
# 
loop_
_chem_comp_atom.comp_id 
_chem_comp_atom.atom_id 
_chem_comp_atom.type_symbol 
_chem_comp_atom.pdbx_aromatic_flag 
_chem_comp_atom.pdbx_stereo_config 
_chem_comp_atom.pdbx_ordinal 
ALA N    N  N N 1   
ALA CA   C  N S 2   
ALA C    C  N N 3   
ALA O    O  N N 4   
ALA CB   C  N N 5   
ALA OXT  O  N N 6   
ALA H    H  N N 7   
ALA H2   H  N N 8   
ALA HA   H  N N 9   
ALA HB1  H  N N 10  
ALA HB2  H  N N 11  
ALA HB3  H  N N 12  
ALA HXT  H  N N 13  
ARG N    N  N N 14  
ARG CA   C  N S 15  
ARG C    C  N N 16  
ARG O    O  N N 17  
ARG CB   C  N N 18  
ARG CG   C  N N 19  
ARG CD   C  N N 20  
ARG NE   N  N N 21  
ARG CZ   C  N N 22  
ARG NH1  N  N N 23  
ARG NH2  N  N N 24  
ARG OXT  O  N N 25  
ARG H    H  N N 26  
ARG H2   H  N N 27  
ARG HA   H  N N 28  
ARG HB2  H  N N 29  
ARG HB3  H  N N 30  
ARG HG2  H  N N 31  
ARG HG3  H  N N 32  
ARG HD2  H  N N 33  
ARG HD3  H  N N 34  
ARG HE   H  N N 35  
ARG HH11 H  N N 36  
ARG HH12 H  N N 37  
ARG HH21 H  N N 38  
ARG HH22 H  N N 39  
ARG HXT  H  N N 40  
ASN N    N  N N 41  
ASN CA   C  N S 42  
ASN C    C  N N 43  
ASN O    O  N N 44  
ASN CB   C  N N 45  
ASN CG   C  N N 46  
ASN OD1  O  N N 47  
ASN ND2  N  N N 48  
ASN OXT  O  N N 49  
ASN H    H  N N 50  
ASN H2   H  N N 51  
ASN HA   H  N N 52  
ASN HB2  H  N N 53  
ASN HB3  H  N N 54  
ASN HD21 H  N N 55  
ASN HD22 H  N N 56  
ASN HXT  H  N N 57  
ASP N    N  N N 58  
ASP CA   C  N S 59  
ASP C    C  N N 60  
ASP O    O  N N 61  
ASP CB   C  N N 62  
ASP CG   C  N N 63  
ASP OD1  O  N N 64  
ASP OD2  O  N N 65  
ASP OXT  O  N N 66  
ASP H    H  N N 67  
ASP H2   H  N N 68  
ASP HA   H  N N 69  
ASP HB2  H  N N 70  
ASP HB3  H  N N 71  
ASP HD2  H  N N 72  
ASP HXT  H  N N 73  
GLN N    N  N N 74  
GLN CA   C  N S 75  
GLN C    C  N N 76  
GLN O    O  N N 77  
GLN CB   C  N N 78  
GLN CG   C  N N 79  
GLN CD   C  N N 80  
GLN OE1  O  N N 81  
GLN NE2  N  N N 82  
GLN OXT  O  N N 83  
GLN H    H  N N 84  
GLN H2   H  N N 85  
GLN HA   H  N N 86  
GLN HB2  H  N N 87  
GLN HB3  H  N N 88  
GLN HG2  H  N N 89  
GLN HG3  H  N N 90  
GLN HE21 H  N N 91  
GLN HE22 H  N N 92  
GLN HXT  H  N N 93  
GLU N    N  N N 94  
GLU CA   C  N S 95  
GLU C    C  N N 96  
GLU O    O  N N 97  
GLU CB   C  N N 98  
GLU CG   C  N N 99  
GLU CD   C  N N 100 
GLU OE1  O  N N 101 
GLU OE2  O  N N 102 
GLU OXT  O  N N 103 
GLU H    H  N N 104 
GLU H2   H  N N 105 
GLU HA   H  N N 106 
GLU HB2  H  N N 107 
GLU HB3  H  N N 108 
GLU HG2  H  N N 109 
GLU HG3  H  N N 110 
GLU HE2  H  N N 111 
GLU HXT  H  N N 112 
GLY N    N  N N 113 
GLY CA   C  N N 114 
GLY C    C  N N 115 
GLY O    O  N N 116 
GLY OXT  O  N N 117 
GLY H    H  N N 118 
GLY H2   H  N N 119 
GLY HA2  H  N N 120 
GLY HA3  H  N N 121 
GLY HXT  H  N N 122 
HIS N    N  N N 123 
HIS CA   C  N S 124 
HIS C    C  N N 125 
HIS O    O  N N 126 
HIS CB   C  N N 127 
HIS CG   C  Y N 128 
HIS ND1  N  Y N 129 
HIS CD2  C  Y N 130 
HIS CE1  C  Y N 131 
HIS NE2  N  Y N 132 
HIS OXT  O  N N 133 
HIS H    H  N N 134 
HIS H2   H  N N 135 
HIS HA   H  N N 136 
HIS HB2  H  N N 137 
HIS HB3  H  N N 138 
HIS HD1  H  N N 139 
HIS HD2  H  N N 140 
HIS HE1  H  N N 141 
HIS HE2  H  N N 142 
HIS HXT  H  N N 143 
HOH O    O  N N 144 
HOH H1   H  N N 145 
HOH H2   H  N N 146 
ILE N    N  N N 147 
ILE CA   C  N S 148 
ILE C    C  N N 149 
ILE O    O  N N 150 
ILE CB   C  N S 151 
ILE CG1  C  N N 152 
ILE CG2  C  N N 153 
ILE CD1  C  N N 154 
ILE OXT  O  N N 155 
ILE H    H  N N 156 
ILE H2   H  N N 157 
ILE HA   H  N N 158 
ILE HB   H  N N 159 
ILE HG12 H  N N 160 
ILE HG13 H  N N 161 
ILE HG21 H  N N 162 
ILE HG22 H  N N 163 
ILE HG23 H  N N 164 
ILE HD11 H  N N 165 
ILE HD12 H  N N 166 
ILE HD13 H  N N 167 
ILE HXT  H  N N 168 
LEU N    N  N N 169 
LEU CA   C  N S 170 
LEU C    C  N N 171 
LEU O    O  N N 172 
LEU CB   C  N N 173 
LEU CG   C  N N 174 
LEU CD1  C  N N 175 
LEU CD2  C  N N 176 
LEU OXT  O  N N 177 
LEU H    H  N N 178 
LEU H2   H  N N 179 
LEU HA   H  N N 180 
LEU HB2  H  N N 181 
LEU HB3  H  N N 182 
LEU HG   H  N N 183 
LEU HD11 H  N N 184 
LEU HD12 H  N N 185 
LEU HD13 H  N N 186 
LEU HD21 H  N N 187 
LEU HD22 H  N N 188 
LEU HD23 H  N N 189 
LEU HXT  H  N N 190 
LYS N    N  N N 191 
LYS CA   C  N S 192 
LYS C    C  N N 193 
LYS O    O  N N 194 
LYS CB   C  N N 195 
LYS CG   C  N N 196 
LYS CD   C  N N 197 
LYS CE   C  N N 198 
LYS NZ   N  N N 199 
LYS OXT  O  N N 200 
LYS H    H  N N 201 
LYS H2   H  N N 202 
LYS HA   H  N N 203 
LYS HB2  H  N N 204 
LYS HB3  H  N N 205 
LYS HG2  H  N N 206 
LYS HG3  H  N N 207 
LYS HD2  H  N N 208 
LYS HD3  H  N N 209 
LYS HE2  H  N N 210 
LYS HE3  H  N N 211 
LYS HZ1  H  N N 212 
LYS HZ2  H  N N 213 
LYS HZ3  H  N N 214 
LYS HXT  H  N N 215 
MET N    N  N N 216 
MET CA   C  N S 217 
MET C    C  N N 218 
MET O    O  N N 219 
MET CB   C  N N 220 
MET CG   C  N N 221 
MET SD   S  N N 222 
MET CE   C  N N 223 
MET OXT  O  N N 224 
MET H    H  N N 225 
MET H2   H  N N 226 
MET HA   H  N N 227 
MET HB2  H  N N 228 
MET HB3  H  N N 229 
MET HG2  H  N N 230 
MET HG3  H  N N 231 
MET HE1  H  N N 232 
MET HE2  H  N N 233 
MET HE3  H  N N 234 
MET HXT  H  N N 235 
PB  PB   PB N N 236 
PHE N    N  N N 237 
PHE CA   C  N S 238 
PHE C    C  N N 239 
PHE O    O  N N 240 
PHE CB   C  N N 241 
PHE CG   C  Y N 242 
PHE CD1  C  Y N 243 
PHE CD2  C  Y N 244 
PHE CE1  C  Y N 245 
PHE CE2  C  Y N 246 
PHE CZ   C  Y N 247 
PHE OXT  O  N N 248 
PHE H    H  N N 249 
PHE H2   H  N N 250 
PHE HA   H  N N 251 
PHE HB2  H  N N 252 
PHE HB3  H  N N 253 
PHE HD1  H  N N 254 
PHE HD2  H  N N 255 
PHE HE1  H  N N 256 
PHE HE2  H  N N 257 
PHE HZ   H  N N 258 
PHE HXT  H  N N 259 
PRO N    N  N N 260 
PRO CA   C  N S 261 
PRO C    C  N N 262 
PRO O    O  N N 263 
PRO CB   C  N N 264 
PRO CG   C  N N 265 
PRO CD   C  N N 266 
PRO OXT  O  N N 267 
PRO H    H  N N 268 
PRO HA   H  N N 269 
PRO HB2  H  N N 270 
PRO HB3  H  N N 271 
PRO HG2  H  N N 272 
PRO HG3  H  N N 273 
PRO HD2  H  N N 274 
PRO HD3  H  N N 275 
PRO HXT  H  N N 276 
SER N    N  N N 277 
SER CA   C  N S 278 
SER C    C  N N 279 
SER O    O  N N 280 
SER CB   C  N N 281 
SER OG   O  N N 282 
SER OXT  O  N N 283 
SER H    H  N N 284 
SER H2   H  N N 285 
SER HA   H  N N 286 
SER HB2  H  N N 287 
SER HB3  H  N N 288 
SER HG   H  N N 289 
SER HXT  H  N N 290 
SO4 S    S  N N 291 
SO4 O1   O  N N 292 
SO4 O2   O  N N 293 
SO4 O3   O  N N 294 
SO4 O4   O  N N 295 
THR N    N  N N 296 
THR CA   C  N S 297 
THR C    C  N N 298 
THR O    O  N N 299 
THR CB   C  N R 300 
THR OG1  O  N N 301 
THR CG2  C  N N 302 
THR OXT  O  N N 303 
THR H    H  N N 304 
THR H2   H  N N 305 
THR HA   H  N N 306 
THR HB   H  N N 307 
THR HG1  H  N N 308 
THR HG21 H  N N 309 
THR HG22 H  N N 310 
THR HG23 H  N N 311 
THR HXT  H  N N 312 
TRP N    N  N N 313 
TRP CA   C  N S 314 
TRP C    C  N N 315 
TRP O    O  N N 316 
TRP CB   C  N N 317 
TRP CG   C  Y N 318 
TRP CD1  C  Y N 319 
TRP CD2  C  Y N 320 
TRP NE1  N  Y N 321 
TRP CE2  C  Y N 322 
TRP CE3  C  Y N 323 
TRP CZ2  C  Y N 324 
TRP CZ3  C  Y N 325 
TRP CH2  C  Y N 326 
TRP OXT  O  N N 327 
TRP H    H  N N 328 
TRP H2   H  N N 329 
TRP HA   H  N N 330 
TRP HB2  H  N N 331 
TRP HB3  H  N N 332 
TRP HD1  H  N N 333 
TRP HE1  H  N N 334 
TRP HE3  H  N N 335 
TRP HZ2  H  N N 336 
TRP HZ3  H  N N 337 
TRP HH2  H  N N 338 
TRP HXT  H  N N 339 
TYR N    N  N N 340 
TYR CA   C  N S 341 
TYR C    C  N N 342 
TYR O    O  N N 343 
TYR CB   C  N N 344 
TYR CG   C  Y N 345 
TYR CD1  C  Y N 346 
TYR CD2  C  Y N 347 
TYR CE1  C  Y N 348 
TYR CE2  C  Y N 349 
TYR CZ   C  Y N 350 
TYR OH   O  N N 351 
TYR OXT  O  N N 352 
TYR H    H  N N 353 
TYR H2   H  N N 354 
TYR HA   H  N N 355 
TYR HB2  H  N N 356 
TYR HB3  H  N N 357 
TYR HD1  H  N N 358 
TYR HD2  H  N N 359 
TYR HE1  H  N N 360 
TYR HE2  H  N N 361 
TYR HH   H  N N 362 
TYR HXT  H  N N 363 
VAL N    N  N N 364 
VAL CA   C  N S 365 
VAL C    C  N N 366 
VAL O    O  N N 367 
VAL CB   C  N N 368 
VAL CG1  C  N N 369 
VAL CG2  C  N N 370 
VAL OXT  O  N N 371 
VAL H    H  N N 372 
VAL H2   H  N N 373 
VAL HA   H  N N 374 
VAL HB   H  N N 375 
VAL HG11 H  N N 376 
VAL HG12 H  N N 377 
VAL HG13 H  N N 378 
VAL HG21 H  N N 379 
VAL HG22 H  N N 380 
VAL HG23 H  N N 381 
VAL HXT  H  N N 382 
# 
loop_
_chem_comp_bond.comp_id 
_chem_comp_bond.atom_id_1 
_chem_comp_bond.atom_id_2 
_chem_comp_bond.value_order 
_chem_comp_bond.pdbx_aromatic_flag 
_chem_comp_bond.pdbx_stereo_config 
_chem_comp_bond.pdbx_ordinal 
ALA N   CA   sing N N 1   
ALA N   H    sing N N 2   
ALA N   H2   sing N N 3   
ALA CA  C    sing N N 4   
ALA CA  CB   sing N N 5   
ALA CA  HA   sing N N 6   
ALA C   O    doub N N 7   
ALA C   OXT  sing N N 8   
ALA CB  HB1  sing N N 9   
ALA CB  HB2  sing N N 10  
ALA CB  HB3  sing N N 11  
ALA OXT HXT  sing N N 12  
ARG N   CA   sing N N 13  
ARG N   H    sing N N 14  
ARG N   H2   sing N N 15  
ARG CA  C    sing N N 16  
ARG CA  CB   sing N N 17  
ARG CA  HA   sing N N 18  
ARG C   O    doub N N 19  
ARG C   OXT  sing N N 20  
ARG CB  CG   sing N N 21  
ARG CB  HB2  sing N N 22  
ARG CB  HB3  sing N N 23  
ARG CG  CD   sing N N 24  
ARG CG  HG2  sing N N 25  
ARG CG  HG3  sing N N 26  
ARG CD  NE   sing N N 27  
ARG CD  HD2  sing N N 28  
ARG CD  HD3  sing N N 29  
ARG NE  CZ   sing N N 30  
ARG NE  HE   sing N N 31  
ARG CZ  NH1  sing N N 32  
ARG CZ  NH2  doub N N 33  
ARG NH1 HH11 sing N N 34  
ARG NH1 HH12 sing N N 35  
ARG NH2 HH21 sing N N 36  
ARG NH2 HH22 sing N N 37  
ARG OXT HXT  sing N N 38  
ASN N   CA   sing N N 39  
ASN N   H    sing N N 40  
ASN N   H2   sing N N 41  
ASN CA  C    sing N N 42  
ASN CA  CB   sing N N 43  
ASN CA  HA   sing N N 44  
ASN C   O    doub N N 45  
ASN C   OXT  sing N N 46  
ASN CB  CG   sing N N 47  
ASN CB  HB2  sing N N 48  
ASN CB  HB3  sing N N 49  
ASN CG  OD1  doub N N 50  
ASN CG  ND2  sing N N 51  
ASN ND2 HD21 sing N N 52  
ASN ND2 HD22 sing N N 53  
ASN OXT HXT  sing N N 54  
ASP N   CA   sing N N 55  
ASP N   H    sing N N 56  
ASP N   H2   sing N N 57  
ASP CA  C    sing N N 58  
ASP CA  CB   sing N N 59  
ASP CA  HA   sing N N 60  
ASP C   O    doub N N 61  
ASP C   OXT  sing N N 62  
ASP CB  CG   sing N N 63  
ASP CB  HB2  sing N N 64  
ASP CB  HB3  sing N N 65  
ASP CG  OD1  doub N N 66  
ASP CG  OD2  sing N N 67  
ASP OD2 HD2  sing N N 68  
ASP OXT HXT  sing N N 69  
GLN N   CA   sing N N 70  
GLN N   H    sing N N 71  
GLN N   H2   sing N N 72  
GLN CA  C    sing N N 73  
GLN CA  CB   sing N N 74  
GLN CA  HA   sing N N 75  
GLN C   O    doub N N 76  
GLN C   OXT  sing N N 77  
GLN CB  CG   sing N N 78  
GLN CB  HB2  sing N N 79  
GLN CB  HB3  sing N N 80  
GLN CG  CD   sing N N 81  
GLN CG  HG2  sing N N 82  
GLN CG  HG3  sing N N 83  
GLN CD  OE1  doub N N 84  
GLN CD  NE2  sing N N 85  
GLN NE2 HE21 sing N N 86  
GLN NE2 HE22 sing N N 87  
GLN OXT HXT  sing N N 88  
GLU N   CA   sing N N 89  
GLU N   H    sing N N 90  
GLU N   H2   sing N N 91  
GLU CA  C    sing N N 92  
GLU CA  CB   sing N N 93  
GLU CA  HA   sing N N 94  
GLU C   O    doub N N 95  
GLU C   OXT  sing N N 96  
GLU CB  CG   sing N N 97  
GLU CB  HB2  sing N N 98  
GLU CB  HB3  sing N N 99  
GLU CG  CD   sing N N 100 
GLU CG  HG2  sing N N 101 
GLU CG  HG3  sing N N 102 
GLU CD  OE1  doub N N 103 
GLU CD  OE2  sing N N 104 
GLU OE2 HE2  sing N N 105 
GLU OXT HXT  sing N N 106 
GLY N   CA   sing N N 107 
GLY N   H    sing N N 108 
GLY N   H2   sing N N 109 
GLY CA  C    sing N N 110 
GLY CA  HA2  sing N N 111 
GLY CA  HA3  sing N N 112 
GLY C   O    doub N N 113 
GLY C   OXT  sing N N 114 
GLY OXT HXT  sing N N 115 
HIS N   CA   sing N N 116 
HIS N   H    sing N N 117 
HIS N   H2   sing N N 118 
HIS CA  C    sing N N 119 
HIS CA  CB   sing N N 120 
HIS CA  HA   sing N N 121 
HIS C   O    doub N N 122 
HIS C   OXT  sing N N 123 
HIS CB  CG   sing N N 124 
HIS CB  HB2  sing N N 125 
HIS CB  HB3  sing N N 126 
HIS CG  ND1  sing Y N 127 
HIS CG  CD2  doub Y N 128 
HIS ND1 CE1  doub Y N 129 
HIS ND1 HD1  sing N N 130 
HIS CD2 NE2  sing Y N 131 
HIS CD2 HD2  sing N N 132 
HIS CE1 NE2  sing Y N 133 
HIS CE1 HE1  sing N N 134 
HIS NE2 HE2  sing N N 135 
HIS OXT HXT  sing N N 136 
HOH O   H1   sing N N 137 
HOH O   H2   sing N N 138 
ILE N   CA   sing N N 139 
ILE N   H    sing N N 140 
ILE N   H2   sing N N 141 
ILE CA  C    sing N N 142 
ILE CA  CB   sing N N 143 
ILE CA  HA   sing N N 144 
ILE C   O    doub N N 145 
ILE C   OXT  sing N N 146 
ILE CB  CG1  sing N N 147 
ILE CB  CG2  sing N N 148 
ILE CB  HB   sing N N 149 
ILE CG1 CD1  sing N N 150 
ILE CG1 HG12 sing N N 151 
ILE CG1 HG13 sing N N 152 
ILE CG2 HG21 sing N N 153 
ILE CG2 HG22 sing N N 154 
ILE CG2 HG23 sing N N 155 
ILE CD1 HD11 sing N N 156 
ILE CD1 HD12 sing N N 157 
ILE CD1 HD13 sing N N 158 
ILE OXT HXT  sing N N 159 
LEU N   CA   sing N N 160 
LEU N   H    sing N N 161 
LEU N   H2   sing N N 162 
LEU CA  C    sing N N 163 
LEU CA  CB   sing N N 164 
LEU CA  HA   sing N N 165 
LEU C   O    doub N N 166 
LEU C   OXT  sing N N 167 
LEU CB  CG   sing N N 168 
LEU CB  HB2  sing N N 169 
LEU CB  HB3  sing N N 170 
LEU CG  CD1  sing N N 171 
LEU CG  CD2  sing N N 172 
LEU CG  HG   sing N N 173 
LEU CD1 HD11 sing N N 174 
LEU CD1 HD12 sing N N 175 
LEU CD1 HD13 sing N N 176 
LEU CD2 HD21 sing N N 177 
LEU CD2 HD22 sing N N 178 
LEU CD2 HD23 sing N N 179 
LEU OXT HXT  sing N N 180 
LYS N   CA   sing N N 181 
LYS N   H    sing N N 182 
LYS N   H2   sing N N 183 
LYS CA  C    sing N N 184 
LYS CA  CB   sing N N 185 
LYS CA  HA   sing N N 186 
LYS C   O    doub N N 187 
LYS C   OXT  sing N N 188 
LYS CB  CG   sing N N 189 
LYS CB  HB2  sing N N 190 
LYS CB  HB3  sing N N 191 
LYS CG  CD   sing N N 192 
LYS CG  HG2  sing N N 193 
LYS CG  HG3  sing N N 194 
LYS CD  CE   sing N N 195 
LYS CD  HD2  sing N N 196 
LYS CD  HD3  sing N N 197 
LYS CE  NZ   sing N N 198 
LYS CE  HE2  sing N N 199 
LYS CE  HE3  sing N N 200 
LYS NZ  HZ1  sing N N 201 
LYS NZ  HZ2  sing N N 202 
LYS NZ  HZ3  sing N N 203 
LYS OXT HXT  sing N N 204 
MET N   CA   sing N N 205 
MET N   H    sing N N 206 
MET N   H2   sing N N 207 
MET CA  C    sing N N 208 
MET CA  CB   sing N N 209 
MET CA  HA   sing N N 210 
MET C   O    doub N N 211 
MET C   OXT  sing N N 212 
MET CB  CG   sing N N 213 
MET CB  HB2  sing N N 214 
MET CB  HB3  sing N N 215 
MET CG  SD   sing N N 216 
MET CG  HG2  sing N N 217 
MET CG  HG3  sing N N 218 
MET SD  CE   sing N N 219 
MET CE  HE1  sing N N 220 
MET CE  HE2  sing N N 221 
MET CE  HE3  sing N N 222 
MET OXT HXT  sing N N 223 
PHE N   CA   sing N N 224 
PHE N   H    sing N N 225 
PHE N   H2   sing N N 226 
PHE CA  C    sing N N 227 
PHE CA  CB   sing N N 228 
PHE CA  HA   sing N N 229 
PHE C   O    doub N N 230 
PHE C   OXT  sing N N 231 
PHE CB  CG   sing N N 232 
PHE CB  HB2  sing N N 233 
PHE CB  HB3  sing N N 234 
PHE CG  CD1  doub Y N 235 
PHE CG  CD2  sing Y N 236 
PHE CD1 CE1  sing Y N 237 
PHE CD1 HD1  sing N N 238 
PHE CD2 CE2  doub Y N 239 
PHE CD2 HD2  sing N N 240 
PHE CE1 CZ   doub Y N 241 
PHE CE1 HE1  sing N N 242 
PHE CE2 CZ   sing Y N 243 
PHE CE2 HE2  sing N N 244 
PHE CZ  HZ   sing N N 245 
PHE OXT HXT  sing N N 246 
PRO N   CA   sing N N 247 
PRO N   CD   sing N N 248 
PRO N   H    sing N N 249 
PRO CA  C    sing N N 250 
PRO CA  CB   sing N N 251 
PRO CA  HA   sing N N 252 
PRO C   O    doub N N 253 
PRO C   OXT  sing N N 254 
PRO CB  CG   sing N N 255 
PRO CB  HB2  sing N N 256 
PRO CB  HB3  sing N N 257 
PRO CG  CD   sing N N 258 
PRO CG  HG2  sing N N 259 
PRO CG  HG3  sing N N 260 
PRO CD  HD2  sing N N 261 
PRO CD  HD3  sing N N 262 
PRO OXT HXT  sing N N 263 
SER N   CA   sing N N 264 
SER N   H    sing N N 265 
SER N   H2   sing N N 266 
SER CA  C    sing N N 267 
SER CA  CB   sing N N 268 
SER CA  HA   sing N N 269 
SER C   O    doub N N 270 
SER C   OXT  sing N N 271 
SER CB  OG   sing N N 272 
SER CB  HB2  sing N N 273 
SER CB  HB3  sing N N 274 
SER OG  HG   sing N N 275 
SER OXT HXT  sing N N 276 
SO4 S   O1   doub N N 277 
SO4 S   O2   doub N N 278 
SO4 S   O3   sing N N 279 
SO4 S   O4   sing N N 280 
THR N   CA   sing N N 281 
THR N   H    sing N N 282 
THR N   H2   sing N N 283 
THR CA  C    sing N N 284 
THR CA  CB   sing N N 285 
THR CA  HA   sing N N 286 
THR C   O    doub N N 287 
THR C   OXT  sing N N 288 
THR CB  OG1  sing N N 289 
THR CB  CG2  sing N N 290 
THR CB  HB   sing N N 291 
THR OG1 HG1  sing N N 292 
THR CG2 HG21 sing N N 293 
THR CG2 HG22 sing N N 294 
THR CG2 HG23 sing N N 295 
THR OXT HXT  sing N N 296 
TRP N   CA   sing N N 297 
TRP N   H    sing N N 298 
TRP N   H2   sing N N 299 
TRP CA  C    sing N N 300 
TRP CA  CB   sing N N 301 
TRP CA  HA   sing N N 302 
TRP C   O    doub N N 303 
TRP C   OXT  sing N N 304 
TRP CB  CG   sing N N 305 
TRP CB  HB2  sing N N 306 
TRP CB  HB3  sing N N 307 
TRP CG  CD1  doub Y N 308 
TRP CG  CD2  sing Y N 309 
TRP CD1 NE1  sing Y N 310 
TRP CD1 HD1  sing N N 311 
TRP CD2 CE2  doub Y N 312 
TRP CD2 CE3  sing Y N 313 
TRP NE1 CE2  sing Y N 314 
TRP NE1 HE1  sing N N 315 
TRP CE2 CZ2  sing Y N 316 
TRP CE3 CZ3  doub Y N 317 
TRP CE3 HE3  sing N N 318 
TRP CZ2 CH2  doub Y N 319 
TRP CZ2 HZ2  sing N N 320 
TRP CZ3 CH2  sing Y N 321 
TRP CZ3 HZ3  sing N N 322 
TRP CH2 HH2  sing N N 323 
TRP OXT HXT  sing N N 324 
TYR N   CA   sing N N 325 
TYR N   H    sing N N 326 
TYR N   H2   sing N N 327 
TYR CA  C    sing N N 328 
TYR CA  CB   sing N N 329 
TYR CA  HA   sing N N 330 
TYR C   O    doub N N 331 
TYR C   OXT  sing N N 332 
TYR CB  CG   sing N N 333 
TYR CB  HB2  sing N N 334 
TYR CB  HB3  sing N N 335 
TYR CG  CD1  doub Y N 336 
TYR CG  CD2  sing Y N 337 
TYR CD1 CE1  sing Y N 338 
TYR CD1 HD1  sing N N 339 
TYR CD2 CE2  doub Y N 340 
TYR CD2 HD2  sing N N 341 
TYR CE1 CZ   doub Y N 342 
TYR CE1 HE1  sing N N 343 
TYR CE2 CZ   sing Y N 344 
TYR CE2 HE2  sing N N 345 
TYR CZ  OH   sing N N 346 
TYR OH  HH   sing N N 347 
TYR OXT HXT  sing N N 348 
VAL N   CA   sing N N 349 
VAL N   H    sing N N 350 
VAL N   H2   sing N N 351 
VAL CA  C    sing N N 352 
VAL CA  CB   sing N N 353 
VAL CA  HA   sing N N 354 
VAL C   O    doub N N 355 
VAL C   OXT  sing N N 356 
VAL CB  CG1  sing N N 357 
VAL CB  CG2  sing N N 358 
VAL CB  HB   sing N N 359 
VAL CG1 HG11 sing N N 360 
VAL CG1 HG12 sing N N 361 
VAL CG1 HG13 sing N N 362 
VAL CG2 HG21 sing N N 363 
VAL CG2 HG22 sing N N 364 
VAL CG2 HG23 sing N N 365 
VAL OXT HXT  sing N N 366 
# 
_atom_sites.entry_id                    3TWY 
_atom_sites.fract_transf_matrix[1][1]   0.00308286 
_atom_sites.fract_transf_matrix[1][2]   -0.01724828 
_atom_sites.fract_transf_matrix[1][3]   0.00924284 
_atom_sites.fract_transf_matrix[2][1]   0.00115068 
_atom_sites.fract_transf_matrix[2][2]   -0.00057728 
_atom_sites.fract_transf_matrix[2][3]   0.01976813 
_atom_sites.fract_transf_matrix[3][1]   -0.01122454 
_atom_sites.fract_transf_matrix[3][2]   -0.00168242 
_atom_sites.fract_transf_matrix[3][3]   0.00060424 
_atom_sites.fract_transf_vector[1]      0.316033 
_atom_sites.fract_transf_vector[2]      -0.408181 
_atom_sites.fract_transf_vector[3]      0.068041 
# 
loop_
_atom_type.symbol 
C  
N  
O  
PB 
S  
# 
loop_
_atom_site.group_PDB 
_atom_site.id 
_atom_site.type_symbol 
_atom_site.label_atom_id 
_atom_site.label_alt_id 
_atom_site.label_comp_id 
_atom_site.label_asym_id 
_atom_site.label_entity_id 
_atom_site.label_seq_id 
_atom_site.pdbx_PDB_ins_code 
_atom_site.Cartn_x 
_atom_site.Cartn_y 
_atom_site.Cartn_z 
_atom_site.occupancy 
_atom_site.B_iso_or_equiv 
_atom_site.pdbx_formal_charge 
_atom_site.auth_seq_id 
_atom_site.auth_comp_id 
_atom_site.auth_asym_id 
_atom_site.auth_atom_id 
_atom_site.pdbx_PDB_model_num 
ATOM   1    N  N   . THR A 1 1   ? 6.847   -14.445 5.141   1.00 46.58 ? 156 THR A N   1 
ATOM   2    C  CA  . THR A 1 1   ? 6.175   -15.682 4.656   1.00 46.60 ? 156 THR A CA  1 
ATOM   3    C  C   . THR A 1 1   ? 4.855   -15.299 3.983   1.00 46.32 ? 156 THR A C   1 
ATOM   4    O  O   . THR A 1 1   ? 4.874   -14.601 2.963   1.00 47.18 ? 156 THR A O   1 
ATOM   5    C  CB  . THR A 1 1   ? 5.912   -16.669 5.822   1.00 46.42 ? 156 THR A CB  1 
ATOM   6    O  OG1 . THR A 1 1   ? 6.727   -16.311 6.946   1.00 47.15 ? 156 THR A OG1 1 
ATOM   7    C  CG2 . THR A 1 1   ? 6.253   -18.098 5.404   1.00 46.21 ? 156 THR A CG2 1 
ATOM   8    N  N   . GLU A 1 2   ? 3.716   -15.727 4.541   1.00 45.57 ? 157 GLU A N   1 
ATOM   9    C  CA  . GLU A 1 2   ? 2.413   -15.411 3.939   1.00 44.35 ? 157 GLU A CA  1 
ATOM   10   C  C   . GLU A 1 2   ? 1.163   -15.431 4.840   1.00 42.54 ? 157 GLU A C   1 
ATOM   11   O  O   . GLU A 1 2   ? 1.263   -15.584 6.061   1.00 43.54 ? 157 GLU A O   1 
ATOM   12   C  CB  . GLU A 1 2   ? 2.179   -16.304 2.715   1.00 45.03 ? 157 GLU A CB  1 
ATOM   13   C  CG  . GLU A 1 2   ? 2.132   -17.793 3.001   1.00 46.15 ? 157 GLU A CG  1 
ATOM   14   C  CD  . GLU A 1 2   ? 2.283   -18.627 1.739   1.00 47.12 ? 157 GLU A CD  1 
ATOM   15   O  OE1 . GLU A 1 2   ? 2.052   -18.081 0.632   1.00 48.08 ? 157 GLU A OE1 1 
ATOM   16   O  OE2 . GLU A 1 2   ? 2.626   -19.827 1.857   1.00 47.68 ? 157 GLU A OE2 1 
ATOM   17   N  N   . LYS A 1 3   ? -0.007  -15.288 4.210   1.00 39.54 ? 158 LYS A N   1 
ATOM   18   C  CA  . LYS A 1 3   ? -1.310  -15.209 4.891   1.00 35.82 ? 158 LYS A CA  1 
ATOM   19   C  C   . LYS A 1 3   ? -1.255  -13.923 5.723   1.00 31.74 ? 158 LYS A C   1 
ATOM   20   O  O   . LYS A 1 3   ? -1.179  -13.954 6.952   1.00 31.71 ? 158 LYS A O   1 
ATOM   21   C  CB  . LYS A 1 3   ? -1.540  -16.417 5.796   1.00 38.17 ? 158 LYS A CB  1 
ATOM   22   C  CG  . LYS A 1 3   ? -3.008  -16.722 6.022   1.00 39.84 ? 158 LYS A CG  1 
ATOM   23   C  CD  . LYS A 1 3   ? -3.301  -18.168 5.644   1.00 41.34 ? 158 LYS A CD  1 
ATOM   24   C  CE  . LYS A 1 3   ? -4.784  -18.510 5.741   1.00 42.00 ? 158 LYS A CE  1 
ATOM   25   N  NZ  . LYS A 1 3   ? -5.047  -19.943 5.373   1.00 42.72 ? 158 LYS A NZ  1 
ATOM   26   N  N   . ARG A 1 4   ? -1.301  -12.798 5.020   1.00 27.32 ? 159 ARG A N   1 
ATOM   27   C  CA  . ARG A 1 4   ? -1.173  -11.471 5.626   1.00 23.24 ? 159 ARG A CA  1 
ATOM   28   C  C   . ARG A 1 4   ? -2.386  -10.592 5.470   1.00 21.22 ? 159 ARG A C   1 
ATOM   29   O  O   . ARG A 1 4   ? -2.307  -9.388  5.715   1.00 20.41 ? 159 ARG A O   1 
ATOM   30   C  CB  . ARG A 1 4   ? 0.010   -10.739 4.998   1.00 22.88 ? 159 ARG A CB  1 
ATOM   31   C  CG  . ARG A 1 4   ? 1.338   -11.404 5.209   1.00 22.63 ? 159 ARG A CG  1 
ATOM   32   C  CD  . ARG A 1 4   ? 2.389   -10.722 4.366   1.00 23.39 ? 159 ARG A CD  1 
ATOM   33   N  NE  . ARG A 1 4   ? 3.724   -11.205 4.677   1.00 23.69 ? 159 ARG A NE  1 
ATOM   34   C  CZ  . ARG A 1 4   ? 4.467   -10.809 5.704   1.00 23.54 ? 159 ARG A CZ  1 
ATOM   35   N  NH1 . ARG A 1 4   ? 4.045   -9.887  6.566   1.00 23.00 ? 159 ARG A NH1 1 
ATOM   36   N  NH2 . ARG A 1 4   ? 5.644   -11.387 5.899   1.00 24.33 ? 159 ARG A NH2 1 
ATOM   37   N  N   . GLY A 1 5   ? -3.499  -11.170 5.058   1.00 19.55 ? 160 GLY A N   1 
ATOM   38   C  CA  . GLY A 1 5   ? -4.686  -10.375 4.880   1.00 18.88 ? 160 GLY A CA  1 
ATOM   39   C  C   . GLY A 1 5   ? -4.786  -9.783  3.484   1.00 18.28 ? 160 GLY A C   1 
ATOM   40   O  O   . GLY A 1 5   ? -4.047  -10.167 2.555   1.00 19.02 ? 160 GLY A O   1 
ATOM   41   N  N   . ARG A 1 6   ? -5.716  -8.858  3.335   1.00 17.94 ? 161 ARG A N   1 
ATOM   42   C  CA  . ARG A 1 6   ? -5.983  -8.243  2.049   1.00 17.58 ? 161 ARG A CA  1 
ATOM   43   C  C   . ARG A 1 6   ? -6.281  -6.764  2.208   1.00 17.08 ? 161 ARG A C   1 
ATOM   44   O  O   . ARG A 1 6   ? -6.618  -6.308  3.300   1.00 17.24 ? 161 ARG A O   1 
ATOM   45   C  CB  . ARG A 1 6   ? -7.178  -8.958  1.395   1.00 18.68 ? 161 ARG A CB  1 
ATOM   46   C  CG  . ARG A 1 6   ? -8.406  -9.102  2.326   1.00 19.42 ? 161 ARG A CG  1 
ATOM   47   C  CD  . ARG A 1 6   ? -9.426  -9.968  1.603   1.00 21.92 ? 161 ARG A CD  1 
ATOM   48   N  NE  . ARG A 1 6   ? -10.537 -10.472 2.417   1.00 23.27 ? 161 ARG A NE  1 
ATOM   49   C  CZ  . ARG A 1 6   ? -11.764 -9.952  2.434   1.00 24.41 ? 161 ARG A CZ  1 
ATOM   50   N  NH1 . ARG A 1 6   ? -12.068 -8.885  1.706   1.00 22.18 ? 161 ARG A NH1 1 
ATOM   51   N  NH2 . ARG A 1 6   ? -12.724 -10.560 3.120   1.00 24.16 ? 161 ARG A NH2 1 
ATOM   52   N  N   . ILE A 1 7   ? -6.167  -6.015  1.116   1.00 16.17 ? 162 ILE A N   1 
ATOM   53   C  CA  . ILE A 1 7   ? -6.419  -4.587  1.151   1.00 15.78 ? 162 ILE A CA  1 
ATOM   54   C  C   . ILE A 1 7   ? -7.264  -4.203  -0.055  1.00 15.39 ? 162 ILE A C   1 
ATOM   55   O  O   . ILE A 1 7   ? -7.122  -4.812  -1.132  1.00 15.72 ? 162 ILE A O   1 
ATOM   56   C  CB  . ILE A 1 7   ? -5.056  -3.799  1.173   1.00 15.99 ? 162 ILE A CB  1 
ATOM   57   C  CG1 . ILE A 1 7   ? -5.300  -2.301  1.331   1.00 17.15 ? 162 ILE A CG1 1 
ATOM   58   C  CG2 . ILE A 1 7   ? -4.225  -4.153  -0.047  1.00 16.27 ? 162 ILE A CG2 1 
ATOM   59   C  CD1 . ILE A 1 7   ? -4.010  -1.487  1.644   1.00 17.99 ? 162 ILE A CD1 1 
ATOM   60   N  N   . TYR A 1 8   ? -8.155  -3.242  0.115   1.00 15.80 ? 163 TYR A N   1 
ATOM   61   C  CA  . TYR A 1 8   ? -9.002  -2.761  -0.976  1.00 16.89 ? 163 TYR A CA  1 
ATOM   62   C  C   . TYR A 1 8   ? -8.440  -1.405  -1.411  1.00 16.89 ? 163 TYR A C   1 
ATOM   63   O  O   . TYR A 1 8   ? -8.324  -0.476  -0.609  1.00 16.27 ? 163 TYR A O   1 
ATOM   64   C  CB  . TYR A 1 8   ? -10.464 -2.619  -0.525  1.00 18.20 ? 163 TYR A CB  1 
ATOM   65   C  CG  . TYR A 1 8   ? -11.387 -2.314  -1.677  1.00 20.84 ? 163 TYR A CG  1 
ATOM   66   C  CD1 . TYR A 1 8   ? -11.430 -1.041  -2.236  1.00 20.73 ? 163 TYR A CD1 1 
ATOM   67   C  CD2 . TYR A 1 8   ? -12.200 -3.310  -2.228  1.00 21.55 ? 163 TYR A CD2 1 
ATOM   68   C  CE1 . TYR A 1 8   ? -12.263 -0.759  -3.328  1.00 23.34 ? 163 TYR A CE1 1 
ATOM   69   C  CE2 . TYR A 1 8   ? -13.031 -3.042  -3.311  1.00 24.07 ? 163 TYR A CE2 1 
ATOM   70   C  CZ  . TYR A 1 8   ? -13.056 -1.765  -3.853  1.00 23.98 ? 163 TYR A CZ  1 
ATOM   71   O  OH  . TYR A 1 8   ? -13.874 -1.482  -4.930  1.00 26.76 ? 163 TYR A OH  1 
ATOM   72   N  N   . LEU A 1 9   ? -8.075  -1.316  -2.689  1.00 17.65 ? 164 LEU A N   1 
ATOM   73   C  CA  . LEU A 1 9   ? -7.472  -0.125  -3.278  1.00 19.03 ? 164 LEU A CA  1 
ATOM   74   C  C   . LEU A 1 9   ? -8.063  0.235   -4.626  1.00 18.93 ? 164 LEU A C   1 
ATOM   75   O  O   . LEU A 1 9   ? -8.639  -0.613  -5.310  1.00 18.83 ? 164 LEU A O   1 
ATOM   76   C  CB  . LEU A 1 9   ? -5.976  -0.369  -3.531  1.00 20.47 ? 164 LEU A CB  1 
ATOM   77   C  CG  . LEU A 1 9   ? -5.094  -0.879  -2.404  1.00 22.89 ? 164 LEU A CG  1 
ATOM   78   C  CD1 . LEU A 1 9   ? -3.766  -1.371  -2.949  1.00 22.98 ? 164 LEU A CD1 1 
ATOM   79   C  CD2 . LEU A 1 9   ? -4.889  0.266   -1.420  1.00 24.38 ? 164 LEU A CD2 1 
ATOM   80   N  N   . LYS A 1 10  ? -7.926  1.505   -4.987  1.00 19.25 ? 165 LYS A N   1 
ATOM   81   C  CA  . LYS A 1 10  ? -8.291  1.989   -6.311  1.00 20.18 ? 165 LYS A CA  1 
ATOM   82   C  C   . LYS A 1 10  ? -7.070  2.833   -6.707  1.00 19.61 ? 165 LYS A C   1 
ATOM   83   O  O   . LYS A 1 10  ? -6.539  3.628   -5.901  1.00 19.23 ? 165 LYS A O   1 
ATOM   84   C  CB  . LYS A 1 10  ? -9.570  2.836   -6.306  1.00 22.08 ? 165 LYS A CB  1 
ATOM   85   C  CG  . LYS A 1 10  ? -10.823 2.007   -6.104  1.00 25.52 ? 165 LYS A CG  1 
ATOM   86   C  CD  . LYS A 1 10  ? -12.103 2.793   -6.356  1.00 30.38 ? 165 LYS A CD  1 
ATOM   87   C  CE  . LYS A 1 10  ? -13.311 1.858   -6.175  1.00 31.66 ? 165 LYS A CE  1 
ATOM   88   N  NZ  . LYS A 1 10  ? -14.644 2.499   -6.355  1.00 35.77 ? 165 LYS A NZ  1 
ATOM   89   N  N   . ALA A 1 11  ? -6.578  2.629   -7.923  1.00 19.51 ? 166 ALA A N   1 
ATOM   90   C  CA  . ALA A 1 11  ? -5.436  3.394   -8.409  1.00 19.76 ? 166 ALA A CA  1 
ATOM   91   C  C   . ALA A 1 11  ? -5.683  3.647   -9.890  1.00 19.90 ? 166 ALA A C   1 
ATOM   92   O  O   . ALA A 1 11  ? -5.873  2.711   -10.661 1.00 20.07 ? 166 ALA A O   1 
ATOM   93   C  CB  . ALA A 1 11  ? -4.130  2.626   -8.196  1.00 20.01 ? 166 ALA A CB  1 
ATOM   94   N  N   . GLU A 1 12  ? -5.700  4.911   -10.279 1.00 20.44 ? 167 GLU A N   1 
ATOM   95   C  CA  . GLU A 1 12  ? -5.970  5.243   -11.669 1.00 22.23 ? 167 GLU A CA  1 
ATOM   96   C  C   . GLU A 1 12  ? -5.164  6.456   -12.085 1.00 21.76 ? 167 GLU A C   1 
ATOM   97   O  O   . GLU A 1 12  ? -4.893  7.346   -11.272 1.00 21.59 ? 167 GLU A O   1 
ATOM   98   C  CB  . GLU A 1 12  ? -7.477  5.505   -11.829 1.00 24.92 ? 167 GLU A CB  1 
ATOM   99   C  CG  . GLU A 1 12  ? -7.843  6.659   -12.760 1.00 31.58 ? 167 GLU A CG  1 
ATOM   100  C  CD  . GLU A 1 12  ? -7.827  8.012   -12.049 1.00 34.12 ? 167 GLU A CD  1 
ATOM   101  O  OE1 . GLU A 1 12  ? -7.055  8.904   -12.469 1.00 37.01 ? 167 GLU A OE1 1 
ATOM   102  O  OE2 . GLU A 1 12  ? -8.587  8.193   -11.067 1.00 38.24 ? 167 GLU A OE2 1 
ATOM   103  N  N   . VAL A 1 13  ? -4.788  6.492   -13.358 1.00 22.44 ? 168 VAL A N   1 
ATOM   104  C  CA  . VAL A 1 13  ? -4.039  7.623   -13.894 1.00 23.93 ? 168 VAL A CA  1 
ATOM   105  C  C   . VAL A 1 13  ? -4.934  8.446   -14.827 1.00 25.37 ? 168 VAL A C   1 
ATOM   106  O  O   . VAL A 1 13  ? -5.561  7.903   -15.743 1.00 26.21 ? 168 VAL A O   1 
ATOM   107  C  CB  . VAL A 1 13  ? -2.759  7.152   -14.664 1.00 23.19 ? 168 VAL A CB  1 
ATOM   108  C  CG1 . VAL A 1 13  ? -2.025  8.358   -15.256 1.00 24.96 ? 168 VAL A CG1 1 
ATOM   109  C  CG2 . VAL A 1 13  ? -1.816  6.425   -13.725 1.00 22.35 ? 168 VAL A CG2 1 
ATOM   110  N  N   . THR A 1 14  ? -5.007  9.744   -14.568 1.00 27.26 ? 169 THR A N   1 
ATOM   111  C  CA  . THR A 1 14  ? -5.797  10.659  -15.396 1.00 29.18 ? 169 THR A CA  1 
ATOM   112  C  C   . THR A 1 14  ? -4.950  11.908  -15.605 1.00 29.55 ? 169 THR A C   1 
ATOM   113  O  O   . THR A 1 14  ? -4.470  12.503  -14.646 1.00 28.86 ? 169 THR A O   1 
ATOM   114  C  CB  . THR A 1 14  ? -7.127  11.069  -14.709 1.00 30.21 ? 169 THR A CB  1 
ATOM   115  O  OG1 . THR A 1 14  ? -7.935  9.905   -14.495 1.00 32.57 ? 169 THR A OG1 1 
ATOM   116  C  CG2 . THR A 1 14  ? -7.905  12.067  -15.580 1.00 31.89 ? 169 THR A CG2 1 
ATOM   117  N  N   . ASP A 1 15  ? -4.757  12.298  -16.862 1.00 30.93 ? 170 ASP A N   1 
ATOM   118  C  CA  . ASP A 1 15  ? -3.968  13.484  -17.186 1.00 32.28 ? 170 ASP A CA  1 
ATOM   119  C  C   . ASP A 1 15  ? -2.756  13.731  -16.272 1.00 31.46 ? 170 ASP A C   1 
ATOM   120  O  O   . ASP A 1 15  ? -2.729  14.676  -15.477 1.00 32.24 ? 170 ASP A O   1 
ATOM   121  C  CB  . ASP A 1 15  ? -4.862  14.723  -17.183 1.00 34.76 ? 170 ASP A CB  1 
ATOM   122  C  CG  . ASP A 1 15  ? -6.062  14.574  -18.102 1.00 36.85 ? 170 ASP A CG  1 
ATOM   123  O  OD1 . ASP A 1 15  ? -5.880  14.121  -19.254 1.00 38.22 ? 170 ASP A OD1 1 
ATOM   124  O  OD2 . ASP A 1 15  ? -7.185  14.914  -17.669 1.00 38.88 ? 170 ASP A OD2 1 
ATOM   125  N  N   . GLU A 1 16  ? -1.766  12.859  -16.400 1.00 29.68 ? 171 GLU A N   1 
ATOM   126  C  CA  . GLU A 1 16  ? -0.516  12.961  -15.659 1.00 27.33 ? 171 GLU A CA  1 
ATOM   127  C  C   . GLU A 1 16  ? -0.573  12.932  -14.128 1.00 24.45 ? 171 GLU A C   1 
ATOM   128  O  O   . GLU A 1 16  ? 0.392   13.287  -13.454 1.00 23.04 ? 171 GLU A O   1 
ATOM   129  C  CB  . GLU A 1 16  ? 0.257   14.191  -16.147 1.00 30.43 ? 171 GLU A CB  1 
ATOM   130  C  CG  . GLU A 1 16  ? 0.764   14.045  -17.582 1.00 34.80 ? 171 GLU A CG  1 
ATOM   131  C  CD  . GLU A 1 16  ? 1.457   15.299  -18.104 1.00 36.87 ? 171 GLU A CD  1 
ATOM   132  O  OE1 . GLU A 1 16  ? 2.251   15.901  -17.343 1.00 38.64 ? 171 GLU A OE1 1 
ATOM   133  O  OE2 . GLU A 1 16  ? 1.219   15.676  -19.277 1.00 38.83 ? 171 GLU A OE2 1 
ATOM   134  N  N   . LYS A 1 17  ? -1.712  12.533  -13.584 1.00 21.99 ? 172 LYS A N   1 
ATOM   135  C  CA  . LYS A 1 17  ? -1.824  12.403  -12.134 1.00 20.29 ? 172 LYS A CA  1 
ATOM   136  C  C   . LYS A 1 17  ? -2.234  10.984  -11.811 1.00 18.85 ? 172 LYS A C   1 
ATOM   137  O  O   . LYS A 1 17  ? -3.058  10.380  -12.500 1.00 19.04 ? 172 LYS A O   1 
ATOM   138  C  CB  . LYS A 1 17  ? -2.875  13.350  -11.541 1.00 21.45 ? 172 LYS A CB  1 
ATOM   139  C  CG  . LYS A 1 17  ? -2.362  14.747  -11.338 1.00 24.00 ? 172 LYS A CG  1 
ATOM   140  C  CD  . LYS A 1 17  ? -3.465  15.649  -10.872 1.00 25.57 ? 172 LYS A CD  1 
ATOM   141  C  CE  . LYS A 1 17  ? -2.913  17.013  -10.515 1.00 27.19 ? 172 LYS A CE  1 
ATOM   142  N  NZ  . LYS A 1 17  ? -4.030  17.943  -10.222 1.00 28.44 ? 172 LYS A NZ  1 
ATOM   143  N  N   . LEU A 1 18  ? -1.624  10.436  -10.771 1.00 17.08 ? 173 LEU A N   1 
ATOM   144  C  CA  . LEU A 1 18  ? -1.973  9.105   -10.310 1.00 16.00 ? 173 LEU A CA  1 
ATOM   145  C  C   . LEU A 1 18  ? -2.808  9.310   -9.031  1.00 15.59 ? 173 LEU A C   1 
ATOM   146  O  O   . LEU A 1 18  ? -2.346  9.911   -8.047  1.00 16.03 ? 173 LEU A O   1 
ATOM   147  C  CB  . LEU A 1 18  ? -0.721  8.284   -9.986  1.00 16.11 ? 173 LEU A CB  1 
ATOM   148  C  CG  . LEU A 1 18  ? -0.972  7.012   -9.161  1.00 16.36 ? 173 LEU A CG  1 
ATOM   149  C  CD1 . LEU A 1 18  ? -1.939  6.098   -9.882  1.00 18.49 ? 173 LEU A CD1 1 
ATOM   150  C  CD2 . LEU A 1 18  ? 0.364   6.331   -8.875  1.00 17.46 ? 173 LEU A CD2 1 
ATOM   151  N  N   . HIS A 1 19  ? -4.045  8.839   -9.066  1.00 15.40 ? 174 HIS A N   1 
ATOM   152  C  CA  . HIS A 1 19  ? -4.948  8.970   -7.924  1.00 15.96 ? 174 HIS A CA  1 
ATOM   153  C  C   . HIS A 1 19  ? -5.105  7.596   -7.277  1.00 15.91 ? 174 HIS A C   1 
ATOM   154  O  O   . HIS A 1 19  ? -5.456  6.629   -7.947  1.00 16.55 ? 174 HIS A O   1 
ATOM   155  C  CB  . HIS A 1 19  ? -6.313  9.473   -8.383  1.00 17.37 ? 174 HIS A CB  1 
ATOM   156  C  CG  . HIS A 1 19  ? -6.290  10.855  -8.942  1.00 19.82 ? 174 HIS A CG  1 
ATOM   157  N  ND1 . HIS A 1 19  ? -6.142  11.977  -8.152  1.00 21.78 ? 174 HIS A ND1 1 
ATOM   158  C  CD2 . HIS A 1 19  ? -6.427  11.308  -10.214 1.00 21.50 ? 174 HIS A CD2 1 
ATOM   159  C  CE1 . HIS A 1 19  ? -6.195  13.058  -8.912  1.00 22.52 ? 174 HIS A CE1 1 
ATOM   160  N  NE2 . HIS A 1 19  ? -6.367  12.678  -10.163 1.00 22.81 ? 174 HIS A NE2 1 
ATOM   161  N  N   . VAL A 1 20  ? -4.849  7.524   -5.977  1.00 15.77 ? 175 VAL A N   1 
ATOM   162  C  CA  . VAL A 1 20  ? -4.931  6.279   -5.229  1.00 16.10 ? 175 VAL A CA  1 
ATOM   163  C  C   . VAL A 1 20  ? -5.889  6.430   -4.049  1.00 15.92 ? 175 VAL A C   1 
ATOM   164  O  O   . VAL A 1 20  ? -5.849  7.430   -3.342  1.00 15.10 ? 175 VAL A O   1 
ATOM   165  C  CB  . VAL A 1 20  ? -3.524  5.866   -4.641  1.00 16.42 ? 175 VAL A CB  1 
ATOM   166  C  CG1 . VAL A 1 20  ? -3.602  4.496   -3.961  1.00 17.17 ? 175 VAL A CG1 1 
ATOM   167  C  CG2 . VAL A 1 20  ? -2.476  5.804   -5.749  1.00 18.49 ? 175 VAL A CG2 1 
ATOM   168  N  N   . THR A 1 21  ? -6.778  5.459   -3.868  1.00 16.25 ? 176 THR A N   1 
ATOM   169  C  CA  . THR A 1 21  ? -7.667  5.481   -2.723  1.00 17.48 ? 176 THR A CA  1 
ATOM   170  C  C   . THR A 1 21  ? -7.377  4.236   -1.928  1.00 17.24 ? 176 THR A C   1 
ATOM   171  O  O   . THR A 1 21  ? -7.406  3.133   -2.449  1.00 17.07 ? 176 THR A O   1 
ATOM   172  C  CB  . THR A 1 21  ? -9.152  5.509   -3.123  1.00 17.87 ? 176 THR A CB  1 
ATOM   173  O  OG1 . THR A 1 21  ? -9.447  6.786   -3.686  1.00 20.85 ? 176 THR A OG1 1 
ATOM   174  C  CG2 . THR A 1 21  ? -10.059 5.313   -1.883  1.00 19.54 ? 176 THR A CG2 1 
ATOM   175  N  N   . VAL A 1 22  ? -7.022  4.419   -0.660  1.00 17.24 ? 177 VAL A N   1 
ATOM   176  C  CA  . VAL A 1 22  ? -6.753  3.291   0.220   1.00 17.70 ? 177 VAL A CA  1 
ATOM   177  C  C   . VAL A 1 22  ? -8.026  3.186   1.031   1.00 17.33 ? 177 VAL A C   1 
ATOM   178  O  O   . VAL A 1 22  ? -8.343  4.065   1.830   1.00 18.11 ? 177 VAL A O   1 
ATOM   179  C  CB  . VAL A 1 22  ? -5.551  3.599   1.127   1.00 17.14 ? 177 VAL A CB  1 
ATOM   180  C  CG1 . VAL A 1 22  ? -5.311  2.435   2.099   1.00 19.85 ? 177 VAL A CG1 1 
ATOM   181  C  CG2 . VAL A 1 22  ? -4.308  3.812   0.260   1.00 19.45 ? 177 VAL A CG2 1 
ATOM   182  N  N   . ARG A 1 23  ? -8.788  2.122   0.817   1.00 17.58 ? 178 ARG A N   1 
ATOM   183  C  CA  . ARG A 1 23  ? -10.046 2.005   1.531   1.00 18.18 ? 178 ARG A CA  1 
ATOM   184  C  C   . ARG A 1 23  ? -9.920  1.314   2.878   1.00 17.51 ? 178 ARG A C   1 
ATOM   185  O  O   . ARG A 1 23  ? -9.915  1.964   3.923   1.00 17.01 ? 178 ARG A O   1 
ATOM   186  C  CB  . ARG A 1 23  ? -11.050 1.265   0.658   1.00 20.25 ? 178 ARG A CB  1 
ATOM   187  C  CG  . ARG A 1 23  ? -12.451 1.671   0.945   1.00 23.93 ? 178 ARG A CG  1 
ATOM   188  C  CD  . ARG A 1 23  ? -13.404 0.862   0.122   1.00 26.57 ? 178 ARG A CD  1 
ATOM   189  N  NE  . ARG A 1 23  ? -13.363 -0.512  0.582   1.00 27.83 ? 178 ARG A NE  1 
ATOM   190  C  CZ  . ARG A 1 23  ? -14.048 -1.509  0.040   1.00 29.39 ? 178 ARG A CZ  1 
ATOM   191  N  NH1 . ARG A 1 23  ? -14.838 -1.289  -1.006  1.00 30.22 ? 178 ARG A NH1 1 
ATOM   192  N  NH2 . ARG A 1 23  ? -13.938 -2.718  0.552   1.00 27.35 ? 178 ARG A NH2 1 
ATOM   193  N  N   . ASP A 1 24  ? -9.834  -0.007  2.859   1.00 17.60 ? 179 ASP A N   1 
ATOM   194  C  CA  . ASP A 1 24  ? -9.728  -0.779  4.090   1.00 17.90 ? 179 ASP A CA  1 
ATOM   195  C  C   . ASP A 1 24  ? -8.935  -2.039  3.871   1.00 17.48 ? 179 ASP A C   1 
ATOM   196  O  O   . ASP A 1 24  ? -8.610  -2.397  2.741   1.00 18.09 ? 179 ASP A O   1 
ATOM   197  C  CB  . ASP A 1 24  ? -11.127 -1.148  4.646   1.00 18.69 ? 179 ASP A CB  1 
ATOM   198  C  CG  . ASP A 1 24  ? -11.953 -2.072  3.726   1.00 20.22 ? 179 ASP A CG  1 
ATOM   199  O  OD1 . ASP A 1 24  ? -11.921 -1.933  2.485   1.00 20.76 ? 179 ASP A OD1 1 
ATOM   200  O  OD2 . ASP A 1 24  ? -12.674 -2.931  4.279   1.00 21.59 ? 179 ASP A OD2 1 
ATOM   201  N  N   . ALA A 1 25  ? -8.580  -2.695  4.964   1.00 16.64 ? 180 ALA A N   1 
ATOM   202  C  CA  . ALA A 1 25  ? -7.865  -3.958  4.891   1.00 16.30 ? 180 ALA A CA  1 
ATOM   203  C  C   . ALA A 1 25  ? -8.563  -4.898  5.860   1.00 16.30 ? 180 ALA A C   1 
ATOM   204  O  O   . ALA A 1 25  ? -9.247  -4.463  6.796   1.00 16.59 ? 180 ALA A O   1 
ATOM   205  C  CB  . ALA A 1 25  ? -6.409  -3.805  5.276   1.00 16.36 ? 180 ALA A CB  1 
ATOM   206  N  N   . LYS A 1 26  ? -8.405  -6.186  5.606   1.00 16.80 ? 181 LYS A N   1 
ATOM   207  C  CA  . LYS A 1 26  ? -9.033  -7.200  6.438   1.00 17.52 ? 181 LYS A CA  1 
ATOM   208  C  C   . LYS A 1 26  ? -8.041  -8.303  6.791   1.00 16.92 ? 181 LYS A C   1 
ATOM   209  O  O   . LYS A 1 26  ? -7.127  -8.638  6.027   1.00 16.48 ? 181 LYS A O   1 
ATOM   210  C  CB  . LYS A 1 26  ? -10.259 -7.813  5.703   1.00 18.54 ? 181 LYS A CB  1 
ATOM   211  C  CG  . LYS A 1 26  ? -11.454 -6.886  5.642   1.00 21.43 ? 181 LYS A CG  1 
ATOM   212  C  CD  . LYS A 1 26  ? -12.668 -7.517  4.963   1.00 23.78 ? 181 LYS A CD  1 
ATOM   213  C  CE  . LYS A 1 26  ? -13.841 -6.536  4.985   1.00 26.08 ? 181 LYS A CE  1 
ATOM   214  N  NZ  . LYS A 1 26  ? -14.132 -6.139  6.413   1.00 29.98 ? 181 LYS A NZ  1 
ATOM   215  N  N   . ASN A 1 27  ? -8.213  -8.854  7.985   1.00 17.45 ? 182 ASN A N   1 
ATOM   216  C  CA  . ASN A 1 27  ? -7.397  -9.973  8.430   1.00 18.45 ? 182 ASN A CA  1 
ATOM   217  C  C   . ASN A 1 27  ? -5.886  -9.787  8.445   1.00 17.70 ? 182 ASN A C   1 
ATOM   218  O  O   . ASN A 1 27  ? -5.114  -10.658 8.071   1.00 16.60 ? 182 ASN A O   1 
ATOM   219  C  CB  . ASN A 1 27  ? -7.791  -11.218 7.604   1.00 21.16 ? 182 ASN A CB  1 
ATOM   220  C  CG  . ASN A 1 27  ? -9.257  -11.559 7.771   1.00 25.53 ? 182 ASN A CG  1 
ATOM   221  O  OD1 . ASN A 1 27  ? -9.758  -11.621 8.901   1.00 27.32 ? 182 ASN A OD1 1 
ATOM   222  N  ND2 . ASN A 1 27  ? -9.957  -11.774 6.659   1.00 26.15 ? 182 ASN A ND2 1 
ATOM   223  N  N   . LEU A 1 28  ? -5.448  -8.639  8.928   1.00 17.69 ? 183 LEU A N   1 
ATOM   224  C  CA  . LEU A 1 28  ? -4.016  -8.403  8.996   1.00 18.54 ? 183 LEU A CA  1 
ATOM   225  C  C   . LEU A 1 28  ? -3.389  -9.268  10.087  1.00 19.67 ? 183 LEU A C   1 
ATOM   226  O  O   . LEU A 1 28  ? -4.094  -9.800  10.952  1.00 19.83 ? 183 LEU A O   1 
ATOM   227  C  CB  . LEU A 1 28  ? -3.771  -6.927  9.289   1.00 17.59 ? 183 LEU A CB  1 
ATOM   228  C  CG  . LEU A 1 28  ? -4.355  -5.971  8.249   1.00 17.18 ? 183 LEU A CG  1 
ATOM   229  C  CD1 . LEU A 1 28  ? -3.980  -4.555  8.688   1.00 16.75 ? 183 LEU A CD1 1 
ATOM   230  C  CD2 . LEU A 1 28  ? -3.769  -6.216  6.849   1.00 17.47 ? 183 LEU A CD2 1 
ATOM   231  N  N   . ILE A 1 29  ? -2.071  -9.411  10.045  1.00 21.04 ? 184 ILE A N   1 
ATOM   232  C  CA  . ILE A 1 29  ? -1.396  -10.219 11.031  1.00 22.90 ? 184 ILE A CA  1 
ATOM   233  C  C   . ILE A 1 29  ? -1.156  -9.473  12.335  1.00 22.44 ? 184 ILE A C   1 
ATOM   234  O  O   . ILE A 1 29  ? -0.882  -8.271  12.348  1.00 21.40 ? 184 ILE A O   1 
ATOM   235  C  CB  . ILE A 1 29  ? -0.038  -10.707 10.519  1.00 24.77 ? 184 ILE A CB  1 
ATOM   236  C  CG1 . ILE A 1 29  ? 0.885   -9.513  10.251  1.00 26.54 ? 184 ILE A CG1 1 
ATOM   237  C  CG2 . ILE A 1 29  ? -0.247  -11.529 9.266   1.00 26.86 ? 184 ILE A CG2 1 
ATOM   238  C  CD1 . ILE A 1 29  ? 2.308   -9.896  9.865   1.00 29.14 ? 184 ILE A CD1 1 
ATOM   239  N  N   . PRO A 1 30  ? -1.280  -10.178 13.460  1.00 22.70 ? 185 PRO A N   1 
ATOM   240  C  CA  . PRO A 1 30  ? -1.042  -9.494  14.729  1.00 22.11 ? 185 PRO A CA  1 
ATOM   241  C  C   . PRO A 1 30  ? 0.440   -9.156  14.867  1.00 20.77 ? 185 PRO A C   1 
ATOM   242  O  O   . PRO A 1 30  ? 1.298   -9.958  14.495  1.00 20.86 ? 185 PRO A O   1 
ATOM   243  C  CB  . PRO A 1 30  ? -1.525  -10.496 15.778  1.00 23.19 ? 185 PRO A CB  1 
ATOM   244  C  CG  . PRO A 1 30  ? -1.588  -11.776 15.081  1.00 24.74 ? 185 PRO A CG  1 
ATOM   245  C  CD  . PRO A 1 30  ? -1.909  -11.490 13.656  1.00 24.24 ? 185 PRO A CD  1 
ATOM   246  N  N   . MET A 1 31  ? 0.738   -7.979  15.407  1.00 19.65 ? 186 MET A N   1 
ATOM   247  C  CA  . MET A 1 31  ? 2.114   -7.500  15.557  1.00 19.15 ? 186 MET A CA  1 
ATOM   248  C  C   . MET A 1 31  ? 2.490   -7.115  16.989  1.00 18.62 ? 186 MET A C   1 
ATOM   249  O  O   . MET A 1 31  ? 3.656   -6.956  17.321  1.00 18.78 ? 186 MET A O   1 
ATOM   250  C  CB  . MET A 1 31  ? 2.314   -6.250  14.688  1.00 19.98 ? 186 MET A CB  1 
ATOM   251  C  CG  . MET A 1 31  ? 1.966   -6.470  13.239  1.00 20.92 ? 186 MET A CG  1 
ATOM   252  S  SD  . MET A 1 31  ? 3.221   -7.464  12.417  1.00 21.32 ? 186 MET A SD  1 
ATOM   253  C  CE  . MET A 1 31  ? 4.529   -6.279  12.154  1.00 22.65 ? 186 MET A CE  1 
ATOM   254  N  N   . ASP A 1 32  ? 1.472   -6.948  17.814  1.00 18.24 ? 187 ASP A N   1 
ATOM   255  C  CA  . ASP A 1 32  ? 1.668   -6.494  19.174  1.00 18.55 ? 187 ASP A CA  1 
ATOM   256  C  C   . ASP A 1 32  ? 1.343   -7.489  20.253  1.00 19.93 ? 187 ASP A C   1 
ATOM   257  O  O   . ASP A 1 32  ? 0.674   -8.474  19.999  1.00 19.68 ? 187 ASP A O   1 
ATOM   258  C  CB  . ASP A 1 32  ? 0.820   -5.249  19.382  1.00 17.71 ? 187 ASP A CB  1 
ATOM   259  C  CG  . ASP A 1 32  ? 1.185   -4.159  18.429  1.00 17.16 ? 187 ASP A CG  1 
ATOM   260  O  OD1 . ASP A 1 32  ? 2.417   -4.025  18.215  1.00 18.57 ? 187 ASP A OD1 1 
ATOM   261  O  OD2 . ASP A 1 32  ? 0.249   -3.460  17.953  1.00 18.49 ? 187 ASP A OD2 1 
ATOM   262  N  N   . PRO A 1 33  ? 1.840   -7.231  21.476  1.00 21.79 ? 188 PRO A N   1 
ATOM   263  C  CA  . PRO A 1 33  ? 1.582   -8.119  22.609  1.00 22.75 ? 188 PRO A CA  1 
ATOM   264  C  C   . PRO A 1 33  ? 0.077   -8.361  22.810  1.00 22.76 ? 188 PRO A C   1 
ATOM   265  O  O   . PRO A 1 33  ? -0.339  -9.455  23.205  1.00 23.62 ? 188 PRO A O   1 
ATOM   266  C  CB  . PRO A 1 33  ? 2.188   -7.357  23.781  1.00 23.30 ? 188 PRO A CB  1 
ATOM   267  C  CG  . PRO A 1 33  ? 3.346   -6.668  23.172  1.00 23.90 ? 188 PRO A CG  1 
ATOM   268  C  CD  . PRO A 1 33  ? 2.781   -6.162  21.855  1.00 22.92 ? 188 PRO A CD  1 
ATOM   269  N  N   . ASN A 1 34  ? -0.738  -7.350  22.536  1.00 22.33 ? 189 ASN A N   1 
ATOM   270  C  CA  . ASN A 1 34  ? -2.175  -7.491  22.735  1.00 21.79 ? 189 ASN A CA  1 
ATOM   271  C  C   . ASN A 1 34  ? -2.879  -8.267  21.623  1.00 21.20 ? 189 ASN A C   1 
ATOM   272  O  O   . ASN A 1 34  ? -4.107  -8.409  21.627  1.00 21.87 ? 189 ASN A O   1 
ATOM   273  C  CB  . ASN A 1 34  ? -2.821  -6.114  22.901  1.00 21.87 ? 189 ASN A CB  1 
ATOM   274  C  CG  . ASN A 1 34  ? -2.786  -5.281  21.614  1.00 22.56 ? 189 ASN A CG  1 
ATOM   275  O  OD1 . ASN A 1 34  ? -2.345  -5.745  20.555  1.00 24.10 ? 189 ASN A OD1 1 
ATOM   276  N  ND2 . ASN A 1 34  ? -3.257  -4.052  21.705  1.00 22.70 ? 189 ASN A ND2 1 
ATOM   277  N  N   . GLY A 1 35  ? -2.109  -8.782  20.674  1.00 20.32 ? 190 GLY A N   1 
ATOM   278  C  CA  . GLY A 1 35  ? -2.711  -9.528  19.586  1.00 19.63 ? 190 GLY A CA  1 
ATOM   279  C  C   . GLY A 1 35  ? -3.254  -8.723  18.408  1.00 19.07 ? 190 GLY A C   1 
ATOM   280  O  O   . GLY A 1 35  ? -3.799  -9.302  17.468  1.00 19.67 ? 190 GLY A O   1 
ATOM   281  N  N   . LEU A 1 36  ? -3.117  -7.403  18.439  1.00 17.91 ? 191 LEU A N   1 
ATOM   282  C  CA  . LEU A 1 36  ? -3.633  -6.589  17.343  1.00 16.53 ? 191 LEU A CA  1 
ATOM   283  C  C   . LEU A 1 36  ? -2.457  -5.860  16.732  1.00 15.64 ? 191 LEU A C   1 
ATOM   284  O  O   . LEU A 1 36  ? -1.318  -6.311  16.882  1.00 16.29 ? 191 LEU A O   1 
ATOM   285  C  CB  . LEU A 1 36  ? -4.680  -5.597  17.866  1.00 16.71 ? 191 LEU A CB  1 
ATOM   286  C  CG  . LEU A 1 36  ? -5.862  -6.257  18.605  1.00 17.26 ? 191 LEU A CG  1 
ATOM   287  C  CD1 . LEU A 1 36  ? -6.795  -5.192  19.100  1.00 17.79 ? 191 LEU A CD1 1 
ATOM   288  C  CD2 . LEU A 1 36  ? -6.604  -7.239  17.696  1.00 19.27 ? 191 LEU A CD2 1 
ATOM   289  N  N   . SER A 1 37  ? -2.742  -4.763  16.046  1.00 14.70 ? 192 SER A N   1 
ATOM   290  C  CA  . SER A 1 37  ? -1.704  -3.954  15.405  1.00 14.50 ? 192 SER A CA  1 
ATOM   291  C  C   . SER A 1 37  ? -2.229  -2.533  15.327  1.00 13.67 ? 192 SER A C   1 
ATOM   292  O  O   . SER A 1 37  ? -3.409  -2.282  15.648  1.00 13.91 ? 192 SER A O   1 
ATOM   293  C  CB  . SER A 1 37  ? -1.405  -4.480  13.977  1.00 14.68 ? 192 SER A CB  1 
ATOM   294  O  OG  . SER A 1 37  ? -0.844  -5.783  14.024  1.00 20.70 ? 192 SER A OG  1 
ATOM   295  N  N   . ASP A 1 38  ? -1.349  -1.598  14.960  1.00 13.21 ? 193 ASP A N   1 
ATOM   296  C  CA  . ASP A 1 38  ? -1.719  -0.173  14.788  1.00 13.17 ? 193 ASP A CA  1 
ATOM   297  C  C   . ASP A 1 38  ? -1.257  0.133   13.368  1.00 13.14 ? 193 ASP A C   1 
ATOM   298  O  O   . ASP A 1 38  ? -0.276  0.848   13.149  1.00 12.80 ? 193 ASP A O   1 
ATOM   299  C  CB  . ASP A 1 38  ? -0.954  0.671   15.807  1.00 14.16 ? 193 ASP A CB  1 
ATOM   300  C  CG  . ASP A 1 38  ? -1.153  0.153   17.209  1.00 15.09 ? 193 ASP A CG  1 
ATOM   301  O  OD1 . ASP A 1 38  ? -2.300  0.043   17.631  1.00 16.43 ? 193 ASP A OD1 1 
ATOM   302  O  OD2 . ASP A 1 38  ? -0.168  -0.192  17.886  1.00 17.35 ? 193 ASP A OD2 1 
ATOM   303  N  N   . PRO A 1 39  ? -2.027  -0.325  12.392  1.00 12.86 ? 194 PRO A N   1 
ATOM   304  C  CA  . PRO A 1 39  ? -1.623  -0.120  10.997  1.00 12.66 ? 194 PRO A CA  1 
ATOM   305  C  C   . PRO A 1 39  ? -1.770  1.195   10.321  1.00 12.05 ? 194 PRO A C   1 
ATOM   306  O  O   . PRO A 1 39  ? -2.711  1.950   10.587  1.00 12.18 ? 194 PRO A O   1 
ATOM   307  C  CB  . PRO A 1 39  ? -2.433  -1.175  10.266  1.00 12.67 ? 194 PRO A CB  1 
ATOM   308  C  CG  . PRO A 1 39  ? -3.781  -1.118  11.018  1.00 14.09 ? 194 PRO A CG  1 
ATOM   309  C  CD  . PRO A 1 39  ? -3.343  -1.003  12.486  1.00 13.75 ? 194 PRO A CD  1 
ATOM   310  N  N   . TYR A 1 40  ? -0.809  1.452   9.432   1.00 11.32 ? 195 TYR A N   1 
ATOM   311  C  CA  . TYR A 1 40  ? -0.872  2.622   8.564   1.00 11.34 ? 195 TYR A CA  1 
ATOM   312  C  C   . TYR A 1 40  ? -0.266  2.147   7.255   1.00 11.02 ? 195 TYR A C   1 
ATOM   313  O  O   . TYR A 1 40  ? 0.458   1.155   7.209   1.00 11.63 ? 195 TYR A O   1 
ATOM   314  C  CB  . TYR A 1 40  ? -0.112  3.835   9.119   1.00 10.98 ? 195 TYR A CB  1 
ATOM   315  C  CG  . TYR A 1 40  ? 1.376   3.671   9.242   1.00 10.36 ? 195 TYR A CG  1 
ATOM   316  C  CD1 . TYR A 1 40  ? 2.227   4.238   8.301   1.00 11.51 ? 195 TYR A CD1 1 
ATOM   317  C  CD2 . TYR A 1 40  ? 1.923   2.989   10.329  1.00 10.03 ? 195 TYR A CD2 1 
ATOM   318  C  CE1 . TYR A 1 40  ? 3.604   4.138   8.442   1.00 10.89 ? 195 TYR A CE1 1 
ATOM   319  C  CE2 . TYR A 1 40  ? 3.307   2.875   10.487  1.00 10.20 ? 195 TYR A CE2 1 
ATOM   320  C  CZ  . TYR A 1 40  ? 4.127   3.456   9.536   1.00 10.82 ? 195 TYR A CZ  1 
ATOM   321  O  OH  . TYR A 1 40  ? 5.491   3.339   9.672   1.00 12.77 ? 195 TYR A OH  1 
ATOM   322  N  N   . VAL A 1 41  ? -0.591  2.870   6.197   1.00 11.41 ? 196 VAL A N   1 
ATOM   323  C  CA  . VAL A 1 41  ? -0.108  2.523   4.878   1.00 11.74 ? 196 VAL A CA  1 
ATOM   324  C  C   . VAL A 1 41  ? 0.844   3.576   4.305   1.00 11.59 ? 196 VAL A C   1 
ATOM   325  O  O   . VAL A 1 41  ? 0.518   4.765   4.314   1.00 12.31 ? 196 VAL A O   1 
ATOM   326  C  CB  . VAL A 1 41  ? -1.287  2.393   3.900   1.00 11.74 ? 196 VAL A CB  1 
ATOM   327  C  CG1 . VAL A 1 41  ? -0.769  1.866   2.563   1.00 13.50 ? 196 VAL A CG1 1 
ATOM   328  C  CG2 . VAL A 1 41  ? -2.361  1.467   4.481   1.00 13.25 ? 196 VAL A CG2 1 
ATOM   329  N  N   . LYS A 1 42  ? 2.007   3.131   3.832   1.00 11.25 ? 197 LYS A N   1 
ATOM   330  C  CA  . LYS A 1 42  ? 2.996   3.970   3.160   1.00 12.41 ? 197 LYS A CA  1 
ATOM   331  C  C   . LYS A 1 42  ? 2.807   3.795   1.646   1.00 12.09 ? 197 LYS A C   1 
ATOM   332  O  O   . LYS A 1 42  ? 2.709   2.655   1.158   1.00 13.49 ? 197 LYS A O   1 
ATOM   333  C  CB  . LYS A 1 42  ? 4.414   3.495   3.482   1.00 13.52 ? 197 LYS A CB  1 
ATOM   334  C  CG  . LYS A 1 42  ? 4.861   3.530   4.935   1.00 16.09 ? 197 LYS A CG  1 
ATOM   335  C  CD  . LYS A 1 42  ? 6.373   3.210   4.986   1.00 19.04 ? 197 LYS A CD  1 
ATOM   336  C  CE  . LYS A 1 42  ? 6.876   2.983   6.387   1.00 21.55 ? 197 LYS A CE  1 
ATOM   337  N  NZ  . LYS A 1 42  ? 8.373   2.868   6.390   1.00 23.58 ? 197 LYS A NZ  1 
ATOM   338  N  N   . LEU A 1 43  ? 2.779   4.894   0.906   1.00 12.00 ? 198 LEU A N   1 
ATOM   339  C  CA  . LEU A 1 43  ? 2.657   4.879   -0.566  1.00 12.41 ? 198 LEU A CA  1 
ATOM   340  C  C   . LEU A 1 43  ? 3.868   5.630   -1.082  1.00 12.68 ? 198 LEU A C   1 
ATOM   341  O  O   . LEU A 1 43  ? 4.199   6.706   -0.568  1.00 13.30 ? 198 LEU A O   1 
ATOM   342  C  CB  . LEU A 1 43  ? 1.409   5.617   -1.058  1.00 14.23 ? 198 LEU A CB  1 
ATOM   343  C  CG  . LEU A 1 43  ? 0.069   5.089   -0.595  1.00 16.68 ? 198 LEU A CG  1 
ATOM   344  C  CD1 . LEU A 1 43  ? -0.190  5.482   0.845   1.00 20.35 ? 198 LEU A CD1 1 
ATOM   345  C  CD2 . LEU A 1 43  ? -0.998  5.733   -1.486  1.00 19.31 ? 198 LEU A CD2 1 
ATOM   346  N  N   . LYS A 1 44  ? 4.494   5.090   -2.119  1.00 12.86 ? 199 LYS A N   1 
ATOM   347  C  CA  . LYS A 1 44  ? 5.680   5.685   -2.729  1.00 14.24 ? 199 LYS A CA  1 
ATOM   348  C  C   . LYS A 1 44  ? 5.766   5.286   -4.197  1.00 13.77 ? 199 LYS A C   1 
ATOM   349  O  O   . LYS A 1 44  ? 5.227   4.263   -4.600  1.00 14.25 ? 199 LYS A O   1 
ATOM   350  C  CB  . LYS A 1 44  ? 6.974   5.134   -2.074  1.00 16.55 ? 199 LYS A CB  1 
ATOM   351  C  CG  . LYS A 1 44  ? 7.261   5.565   -0.647  1.00 20.66 ? 199 LYS A CG  1 
ATOM   352  C  CD  . LYS A 1 44  ? 8.687   5.119   -0.254  1.00 24.72 ? 199 LYS A CD  1 
ATOM   353  C  CE  . LYS A 1 44  ? 8.989   5.475   1.183   1.00 26.33 ? 199 LYS A CE  1 
ATOM   354  N  NZ  . LYS A 1 44  ? 8.113   4.749   2.112   1.00 29.61 ? 199 LYS A NZ  1 
ATOM   355  N  N   . LEU A 1 45  ? 6.465   6.103   -4.978  1.00 13.17 ? 200 LEU A N   1 
ATOM   356  C  CA  . LEU A 1 45  ? 6.743   5.740   -6.379  1.00 13.31 ? 200 LEU A CA  1 
ATOM   357  C  C   . LEU A 1 45  ? 8.213   5.349   -6.336  1.00 13.29 ? 200 LEU A C   1 
ATOM   358  O  O   . LEU A 1 45  ? 9.083   6.179   -6.078  1.00 13.87 ? 200 LEU A O   1 
ATOM   359  C  CB  . LEU A 1 45  ? 6.522   6.923   -7.331  1.00 13.93 ? 200 LEU A CB  1 
ATOM   360  C  CG  . LEU A 1 45  ? 5.043   7.281   -7.482  1.00 14.58 ? 200 LEU A CG  1 
ATOM   361  C  CD1 . LEU A 1 45  ? 4.885   8.588   -8.283  1.00 15.53 ? 200 LEU A CD1 1 
ATOM   362  C  CD2 . LEU A 1 45  ? 4.324   6.138   -8.209  1.00 17.73 ? 200 LEU A CD2 1 
ATOM   363  N  N   . ILE A 1 46  ? 8.481   4.061   -6.546  1.00 13.43 ? 201 ILE A N   1 
ATOM   364  C  CA  . ILE A 1 46  ? 9.847   3.564   -6.467  1.00 14.21 ? 201 ILE A CA  1 
ATOM   365  C  C   . ILE A 1 46  ? 10.431  3.215   -7.820  1.00 14.34 ? 201 ILE A C   1 
ATOM   366  O  O   . ILE A 1 46  ? 9.703   2.872   -8.758  1.00 14.65 ? 201 ILE A O   1 
ATOM   367  C  CB  . ILE A 1 46  ? 9.932   2.314   -5.549  1.00 15.07 ? 201 ILE A CB  1 
ATOM   368  C  CG1 . ILE A 1 46  ? 9.006   1.204   -6.064  1.00 15.93 ? 201 ILE A CG1 1 
ATOM   369  C  CG2 . ILE A 1 46  ? 9.542   2.697   -4.124  1.00 15.25 ? 201 ILE A CG2 1 
ATOM   370  C  CD1 . ILE A 1 46  ? 9.183   -0.135  -5.303  1.00 16.56 ? 201 ILE A CD1 1 
ATOM   371  N  N   . PRO A 1 47  ? 11.756  3.368   -7.963  1.00 14.79 ? 202 PRO A N   1 
ATOM   372  C  CA  . PRO A 1 47  ? 12.753  3.845   -6.991  1.00 14.75 ? 202 PRO A CA  1 
ATOM   373  C  C   . PRO A 1 47  ? 12.553  5.325   -6.638  1.00 14.26 ? 202 PRO A C   1 
ATOM   374  O  O   . PRO A 1 47  ? 12.167  6.132   -7.501  1.00 15.03 ? 202 PRO A O   1 
ATOM   375  C  CB  . PRO A 1 47  ? 14.105  3.653   -7.707  1.00 15.54 ? 202 PRO A CB  1 
ATOM   376  C  CG  . PRO A 1 47  ? 13.813  2.841   -8.893  1.00 16.89 ? 202 PRO A CG  1 
ATOM   377  C  CD  . PRO A 1 47  ? 12.368  2.974   -9.244  1.00 15.70 ? 202 PRO A CD  1 
ATOM   378  N  N   . ASP A 1 48  ? 12.837  5.665   -5.384  1.00 13.64 ? 203 ASP A N   1 
ATOM   379  C  CA  . ASP A 1 48  ? 12.722  7.031   -4.873  1.00 14.49 ? 203 ASP A CA  1 
ATOM   380  C  C   . ASP A 1 48  ? 13.999  7.269   -4.057  1.00 14.59 ? 203 ASP A C   1 
ATOM   381  O  O   . ASP A 1 48  ? 13.991  7.327   -2.840  1.00 14.89 ? 203 ASP A O   1 
ATOM   382  C  CB  . ASP A 1 48  ? 11.455  7.129   -4.004  1.00 14.86 ? 203 ASP A CB  1 
ATOM   383  C  CG  . ASP A 1 48  ? 11.200  8.530   -3.460  1.00 16.03 ? 203 ASP A CG  1 
ATOM   384  O  OD1 . ASP A 1 48  ? 11.904  9.505   -3.814  1.00 15.63 ? 203 ASP A OD1 1 
ATOM   385  O  OD2 . ASP A 1 48  ? 10.260  8.647   -2.634  1.00 16.60 ? 203 ASP A OD2 1 
ATOM   386  N  N   . PRO A 1 49  ? 15.135  7.416   -4.763  1.00 15.30 ? 204 PRO A N   1 
ATOM   387  C  CA  . PRO A 1 49  ? 16.426  7.640   -4.093  1.00 15.62 ? 204 PRO A CA  1 
ATOM   388  C  C   . PRO A 1 49  ? 16.496  8.842   -3.160  1.00 15.65 ? 204 PRO A C   1 
ATOM   389  O  O   . PRO A 1 49  ? 17.145  8.786   -2.098  1.00 15.40 ? 204 PRO A O   1 
ATOM   390  C  CB  . PRO A 1 49  ? 17.428  7.764   -5.238  1.00 16.10 ? 204 PRO A CB  1 
ATOM   391  C  CG  . PRO A 1 49  ? 16.698  7.430   -6.504  1.00 17.72 ? 204 PRO A CG  1 
ATOM   392  C  CD  . PRO A 1 49  ? 15.227  7.369   -6.230  1.00 15.89 ? 204 PRO A CD  1 
ATOM   393  N  N   . LYS A 1 50  ? 15.847  9.939   -3.546  1.00 16.24 ? 205 LYS A N   1 
ATOM   394  C  CA  . LYS A 1 50  ? 15.914  11.141  -2.736  1.00 17.51 ? 205 LYS A CA  1 
ATOM   395  C  C   . LYS A 1 50  ? 14.920  11.119  -1.595  1.00 18.49 ? 205 LYS A C   1 
ATOM   396  O  O   . LYS A 1 50  ? 14.989  11.958  -0.704  1.00 19.66 ? 205 LYS A O   1 
ATOM   397  C  CB  . LYS A 1 50  ? 15.670  12.378  -3.610  1.00 17.71 ? 205 LYS A CB  1 
ATOM   398  C  CG  . LYS A 1 50  ? 16.691  12.534  -4.735  1.00 19.88 ? 205 LYS A CG  1 
ATOM   399  C  CD  . LYS A 1 50  ? 16.384  13.712  -5.671  1.00 25.27 ? 205 LYS A CD  1 
ATOM   400  C  CE  . LYS A 1 50  ? 17.379  13.783  -6.833  1.00 27.79 ? 205 LYS A CE  1 
ATOM   401  N  NZ  . LYS A 1 50  ? 17.765  15.187  -7.083  1.00 32.90 ? 205 LYS A NZ  1 
ATOM   402  N  N   . ASN A 1 51  ? 14.029  10.129  -1.633  1.00 20.31 ? 206 ASN A N   1 
ATOM   403  C  CA  . ASN A 1 51  ? 12.935  9.937   -0.686  1.00 22.25 ? 206 ASN A CA  1 
ATOM   404  C  C   . ASN A 1 51  ? 12.054  11.172  -0.583  1.00 21.34 ? 206 ASN A C   1 
ATOM   405  O  O   . ASN A 1 51  ? 11.957  11.812  0.479   1.00 22.88 ? 206 ASN A O   1 
ATOM   406  C  CB  . ASN A 1 51  ? 13.428  9.519   0.697   1.00 26.02 ? 206 ASN A CB  1 
ATOM   407  C  CG  . ASN A 1 51  ? 12.543  8.457   1.291   1.00 30.14 ? 206 ASN A CG  1 
ATOM   408  O  OD1 . ASN A 1 51  ? 12.129  7.515   0.591   1.00 32.86 ? 206 ASN A OD1 1 
ATOM   409  N  ND2 . ASN A 1 51  ? 12.243  8.580   2.578   1.00 33.10 ? 206 ASN A ND2 1 
ATOM   410  N  N   . GLU A 1 52  ? 11.389  11.458  -1.699  1.00 20.02 ? 207 GLU A N   1 
ATOM   411  C  CA  . GLU A 1 52  ? 10.505  12.617  -1.833  1.00 19.65 ? 207 GLU A CA  1 
ATOM   412  C  C   . GLU A 1 52  ? 9.038   12.288  -2.156  1.00 18.58 ? 207 GLU A C   1 
ATOM   413  O  O   . GLU A 1 52  ? 8.163   13.166  -2.050  1.00 18.87 ? 207 GLU A O   1 
ATOM   414  C  CB  . GLU A 1 52  ? 11.055  13.531  -2.937  1.00 20.61 ? 207 GLU A CB  1 
ATOM   415  C  CG  . GLU A 1 52  ? 12.383  14.173  -2.553  1.00 23.03 ? 207 GLU A CG  1 
ATOM   416  C  CD  . GLU A 1 52  ? 13.022  14.982  -3.670  1.00 25.38 ? 207 GLU A CD  1 
ATOM   417  O  OE1 . GLU A 1 52  ? 12.686  14.768  -4.862  1.00 26.71 ? 207 GLU A OE1 1 
ATOM   418  O  OE2 . GLU A 1 52  ? 13.887  15.828  -3.346  1.00 25.55 ? 207 GLU A OE2 1 
ATOM   419  N  N   . SER A 1 53  ? 8.741   11.038  -2.521  1.00 17.69 ? 208 SER A N   1 
ATOM   420  C  CA  . SER A 1 53  ? 7.367   10.691  -2.925  1.00 16.41 ? 208 SER A CA  1 
ATOM   421  C  C   . SER A 1 53  ? 6.469   10.083  -1.845  1.00 15.41 ? 208 SER A C   1 
ATOM   422  O  O   . SER A 1 53  ? 5.262   9.892   -2.057  1.00 15.38 ? 208 SER A O   1 
ATOM   423  C  CB  . SER A 1 53  ? 7.397   9.711   -4.099  1.00 17.49 ? 208 SER A CB  1 
ATOM   424  O  OG  . SER A 1 53  ? 7.729   8.391   -3.683  1.00 17.77 ? 208 SER A OG  1 
ATOM   425  N  N   . LYS A 1 54  ? 7.025   9.851   -0.683  1.00 14.89 ? 209 LYS A N   1 
ATOM   426  C  CA  . LYS A 1 54  ? 6.257   9.186   0.349   1.00 15.36 ? 209 LYS A CA  1 
ATOM   427  C  C   . LYS A 1 54  ? 5.003   9.934   0.809   1.00 14.36 ? 209 LYS A C   1 
ATOM   428  O  O   . LYS A 1 54  ? 5.021   11.150  0.992   1.00 15.06 ? 209 LYS A O   1 
ATOM   429  C  CB  . LYS A 1 54  ? 7.162   8.919   1.545   1.00 18.53 ? 209 LYS A CB  1 
ATOM   430  C  CG  . LYS A 1 54  ? 6.534   8.081   2.654   1.00 22.68 ? 209 LYS A CG  1 
ATOM   431  C  CD  . LYS A 1 54  ? 7.509   7.945   3.812   1.00 27.47 ? 209 LYS A CD  1 
ATOM   432  C  CE  . LYS A 1 54  ? 6.860   7.335   5.031   1.00 29.07 ? 209 LYS A CE  1 
ATOM   433  N  NZ  . LYS A 1 54  ? 7.909   7.171   6.069   1.00 31.53 ? 209 LYS A NZ  1 
ATOM   434  N  N   . GLN A 1 55  ? 3.918   9.180   0.942   1.00 13.32 ? 210 GLN A N   1 
ATOM   435  C  CA  . GLN A 1 55  ? 2.664   9.683   1.503   1.00 12.41 ? 210 GLN A CA  1 
ATOM   436  C  C   . GLN A 1 55  ? 2.203   8.550   2.393   1.00 11.95 ? 210 GLN A C   1 
ATOM   437  O  O   . GLN A 1 55  ? 2.608   7.397   2.203   1.00 12.70 ? 210 GLN A O   1 
ATOM   438  C  CB  . GLN A 1 55  ? 1.592   9.936   0.445   1.00 12.59 ? 210 GLN A CB  1 
ATOM   439  C  CG  . GLN A 1 55  ? 2.048   10.910  -0.611  1.00 14.12 ? 210 GLN A CG  1 
ATOM   440  C  CD  . GLN A 1 55  ? 0.904   11.494  -1.394  1.00 14.13 ? 210 GLN A CD  1 
ATOM   441  O  OE1 . GLN A 1 55  ? 0.019   12.102  -0.816  1.00 15.82 ? 210 GLN A OE1 1 
ATOM   442  N  NE2 . GLN A 1 55  ? 0.932   11.331  -2.718  1.00 15.88 ? 210 GLN A NE2 1 
ATOM   443  N  N   . LYS A 1 56  ? 1.400   8.863   3.391   1.00 12.17 ? 211 LYS A N   1 
ATOM   444  C  CA  . LYS A 1 56  ? 0.908   7.809   4.273   1.00 12.89 ? 211 LYS A CA  1 
ATOM   445  C  C   . LYS A 1 56  ? -0.445  8.113   4.833   1.00 12.06 ? 211 LYS A C   1 
ATOM   446  O  O   . LYS A 1 56  ? -0.838  9.272   4.918   1.00 12.04 ? 211 LYS A O   1 
ATOM   447  C  CB  . LYS A 1 56  ? 1.884   7.540   5.420   1.00 16.15 ? 211 LYS A CB  1 
ATOM   448  C  CG  . LYS A 1 56  ? 2.053   8.653   6.393   1.00 19.56 ? 211 LYS A CG  1 
ATOM   449  C  CD  . LYS A 1 56  ? 3.106   8.242   7.420   1.00 22.86 ? 211 LYS A CD  1 
ATOM   450  C  CE  . LYS A 1 56  ? 3.426   9.376   8.338   1.00 25.38 ? 211 LYS A CE  1 
ATOM   451  N  NZ  . LYS A 1 56  ? 4.704   9.084   9.002   1.00 27.59 ? 211 LYS A NZ  1 
ATOM   452  N  N   . THR A 1 57  ? -1.174  7.042   5.166   1.00 12.24 ? 212 THR A N   1 
ATOM   453  C  CA  . THR A 1 57  ? -2.466  7.191   5.790   1.00 12.22 ? 212 THR A CA  1 
ATOM   454  C  C   . THR A 1 57  ? -2.239  7.471   7.272   1.00 12.36 ? 212 THR A C   1 
ATOM   455  O  O   . THR A 1 57  ? -1.108  7.405   7.785   1.00 12.25 ? 212 THR A O   1 
ATOM   456  C  CB  . THR A 1 57  ? -3.282  5.869   5.765   1.00 12.20 ? 212 THR A CB  1 
ATOM   457  O  OG1 . THR A 1 57  ? -2.593  4.866   6.534   1.00 11.41 ? 212 THR A OG1 1 
ATOM   458  C  CG2 . THR A 1 57  ? -3.507  5.367   4.328   1.00 13.62 ? 212 THR A CG2 1 
ATOM   459  N  N   . LYS A 1 58  ? -3.327  7.794   7.951   1.00 12.79 ? 213 LYS A N   1 
ATOM   460  C  CA  . LYS A 1 58  ? -3.283  7.942   9.394   1.00 13.42 ? 213 LYS A CA  1 
ATOM   461  C  C   . LYS A 1 58  ? -3.080  6.537   9.960   1.00 12.82 ? 213 LYS A C   1 
ATOM   462  O  O   . LYS A 1 58  ? -3.294  5.507   9.286   1.00 12.26 ? 213 LYS A O   1 
ATOM   463  C  CB  . LYS A 1 58  ? -4.614  8.480   9.932   1.00 15.52 ? 213 LYS A CB  1 
ATOM   464  C  CG  . LYS A 1 58  ? -4.915  9.893   9.495   1.00 18.73 ? 213 LYS A CG  1 
ATOM   465  C  CD  . LYS A 1 58  ? -6.347  10.284  9.820   1.00 24.69 ? 213 LYS A CD  1 
ATOM   466  C  CE  . LYS A 1 58  ? -6.521  11.796  9.723   1.00 28.33 ? 213 LYS A CE  1 
ATOM   467  N  NZ  . LYS A 1 58  ? -6.212  12.315  8.371   1.00 33.18 ? 213 LYS A NZ  1 
ATOM   468  N  N   . THR A 1 59  ? -2.675  6.490   11.225  1.00 13.05 ? 214 THR A N   1 
ATOM   469  C  CA  . THR A 1 59  ? -2.493  5.251   11.934  1.00 13.23 ? 214 THR A CA  1 
ATOM   470  C  C   . THR A 1 59  ? -3.823  4.967   12.615  1.00 13.26 ? 214 THR A C   1 
ATOM   471  O  O   . THR A 1 59  ? -4.427  5.884   13.177  1.00 14.56 ? 214 THR A O   1 
ATOM   472  C  CB  . THR A 1 59  ? -1.424  5.410   13.029  1.00 13.71 ? 214 THR A CB  1 
ATOM   473  O  OG1 . THR A 1 59  ? -0.159  5.601   12.386  1.00 14.40 ? 214 THR A OG1 1 
ATOM   474  C  CG2 . THR A 1 59  ? -1.354  4.190   13.942  1.00 14.62 ? 214 THR A CG2 1 
ATOM   475  N  N   . ILE A 1 60  ? -4.280  3.736   12.545  1.00 13.16 ? 215 ILE A N   1 
ATOM   476  C  CA  . ILE A 1 60  ? -5.530  3.369   13.242  1.00 14.02 ? 215 ILE A CA  1 
ATOM   477  C  C   . ILE A 1 60  ? -5.086  2.390   14.297  1.00 14.73 ? 215 ILE A C   1 
ATOM   478  O  O   . ILE A 1 60  ? -4.526  1.313   14.008  1.00 16.24 ? 215 ILE A O   1 
ATOM   479  C  CB  . ILE A 1 60  ? -6.549  2.725   12.299  1.00 13.73 ? 215 ILE A CB  1 
ATOM   480  C  CG1 . ILE A 1 60  ? -6.963  3.746   11.237  1.00 14.18 ? 215 ILE A CG1 1 
ATOM   481  C  CG2 . ILE A 1 60  ? -7.783  2.233   13.115  1.00 14.62 ? 215 ILE A CG2 1 
ATOM   482  C  CD1 . ILE A 1 60  ? -7.808  3.133   10.121  1.00 15.07 ? 215 ILE A CD1 1 
ATOM   483  N  N   . ARG A 1 61  ? -5.321  2.751   15.549  1.00 15.63 ? 216 ARG A N   1 
ATOM   484  C  CA  . ARG A 1 61  ? -4.842  1.883   16.609  1.00 17.15 ? 216 ARG A CA  1 
ATOM   485  C  C   . ARG A 1 61  ? -5.739  0.731   17.006  1.00 17.02 ? 216 ARG A C   1 
ATOM   486  O  O   . ARG A 1 61  ? -6.981  0.816   16.949  1.00 17.17 ? 216 ARG A O   1 
ATOM   487  C  CB  . ARG A 1 61  ? -4.479  2.726   17.842  1.00 19.74 ? 216 ARG A CB  1 
ATOM   488  C  CG  . ARG A 1 61  ? -3.247  3.630   17.581  1.00 23.74 ? 216 ARG A CG  1 
ATOM   489  C  CD  . ARG A 1 61  ? -2.822  4.512   18.768  1.00 28.06 ? 216 ARG A CD  1 
ATOM   490  N  NE  . ARG A 1 61  ? -1.569  5.215   18.451  1.00 30.51 ? 216 ARG A NE  1 
ATOM   491  C  CZ  . ARG A 1 61  ? -1.462  6.253   17.619  1.00 31.70 ? 216 ARG A CZ  1 
ATOM   492  N  NH1 . ARG A 1 61  ? -2.531  6.751   17.015  1.00 32.75 ? 216 ARG A NH1 1 
ATOM   493  N  NH2 . ARG A 1 61  ? -0.268  6.766   17.340  1.00 31.24 ? 216 ARG A NH2 1 
ATOM   494  N  N   . SER A 1 62  ? -5.074  -0.356  17.379  1.00 17.00 ? 217 SER A N   1 
ATOM   495  C  CA  . SER A 1 62  ? -5.727  -1.562  17.881  1.00 17.41 ? 217 SER A CA  1 
ATOM   496  C  C   . SER A 1 62  ? -6.793  -2.173  16.990  1.00 16.92 ? 217 SER A C   1 
ATOM   497  O  O   . SER A 1 62  ? -7.958  -2.279  17.370  1.00 17.32 ? 217 SER A O   1 
ATOM   498  C  CB  . SER A 1 62  ? -6.309  -1.277  19.282  1.00 18.38 ? 217 SER A CB  1 
ATOM   499  O  OG  . SER A 1 62  ? -5.238  -1.017  20.198  1.00 22.13 ? 217 SER A OG  1 
ATOM   500  N  N   . THR A 1 63  ? -6.393  -2.545  15.775  1.00 16.44 ? 218 THR A N   1 
ATOM   501  C  CA  . THR A 1 63  ? -7.302  -3.224  14.857  1.00 16.91 ? 218 THR A CA  1 
ATOM   502  C  C   . THR A 1 63  ? -6.519  -4.067  13.848  1.00 16.57 ? 218 THR A C   1 
ATOM   503  O  O   . THR A 1 63  ? -5.342  -3.815  13.574  1.00 17.41 ? 218 THR A O   1 
ATOM   504  C  CB  . THR A 1 63  ? -8.166  -2.216  14.082  1.00 17.31 ? 218 THR A CB  1 
ATOM   505  O  OG1 . THR A 1 63  ? -9.161  -2.916  13.325  1.00 17.19 ? 218 THR A OG1 1 
ATOM   506  C  CG2 . THR A 1 63  ? -7.306  -1.410  13.129  1.00 17.84 ? 218 THR A CG2 1 
ATOM   507  N  N   . LEU A 1 64  ? -7.165  -5.099  13.332  1.00 16.62 ? 219 LEU A N   1 
ATOM   508  C  CA  . LEU A 1 64  ? -6.558  -5.911  12.288  1.00 16.97 ? 219 LEU A CA  1 
ATOM   509  C  C   . LEU A 1 64  ? -7.454  -5.780  11.066  1.00 16.08 ? 219 LEU A C   1 
ATOM   510  O  O   . LEU A 1 64  ? -7.262  -6.498  10.077  1.00 16.34 ? 219 LEU A O   1 
ATOM   511  C  CB  . LEU A 1 64  ? -6.444  -7.381  12.703  1.00 18.95 ? 219 LEU A CB  1 
ATOM   512  C  CG  . LEU A 1 64  ? -5.507  -7.736  13.870  1.00 20.82 ? 219 LEU A CG  1 
ATOM   513  C  CD1 . LEU A 1 64  ? -5.638  -9.229  14.148  1.00 22.51 ? 219 LEU A CD1 1 
ATOM   514  C  CD2 . LEU A 1 64  ? -4.048  -7.391  13.574  1.00 20.84 ? 219 LEU A CD2 1 
ATOM   515  N  N   . ASN A 1 65  ? -8.428  -4.871  11.130  1.00 15.44 ? 220 ASN A N   1 
ATOM   516  C  CA  . ASN A 1 65  ? -9.366  -4.643  10.022  1.00 15.24 ? 220 ASN A CA  1 
ATOM   517  C  C   . ASN A 1 65  ? -9.658  -3.166  9.882   1.00 15.19 ? 220 ASN A C   1 
ATOM   518  O  O   . ASN A 1 65  ? -10.796 -2.709  9.938   1.00 16.48 ? 220 ASN A O   1 
ATOM   519  C  CB  . ASN A 1 65  ? -10.670 -5.412  10.266  1.00 16.14 ? 220 ASN A CB  1 
ATOM   520  C  CG  . ASN A 1 65  ? -10.427 -6.903  10.431  1.00 16.93 ? 220 ASN A CG  1 
ATOM   521  O  OD1 . ASN A 1 65  ? -10.225 -7.405  11.556  1.00 20.23 ? 220 ASN A OD1 1 
ATOM   522  N  ND2 . ASN A 1 65  ? -10.415 -7.614  9.329   1.00 17.09 ? 220 ASN A ND2 1 
ATOM   523  N  N   . PRO A 1 66  ? -8.601  -2.388  9.631   1.00 14.79 ? 221 PRO A N   1 
ATOM   524  C  CA  . PRO A 1 66  ? -8.686  -0.942  9.481   1.00 14.62 ? 221 PRO A CA  1 
ATOM   525  C  C   . PRO A 1 66  ? -9.456  -0.420  8.296   1.00 14.41 ? 221 PRO A C   1 
ATOM   526  O  O   . PRO A 1 66  ? -9.372  -0.967  7.208   1.00 15.56 ? 221 PRO A O   1 
ATOM   527  C  CB  . PRO A 1 66  ? -7.216  -0.523  9.401   1.00 14.32 ? 221 PRO A CB  1 
ATOM   528  C  CG  . PRO A 1 66  ? -6.595  -1.674  8.657   1.00 15.35 ? 221 PRO A CG  1 
ATOM   529  C  CD  . PRO A 1 66  ? -7.245  -2.879  9.343   1.00 15.23 ? 221 PRO A CD  1 
ATOM   530  N  N   . GLN A 1 67  ? -10.134 0.691   8.509   1.00 14.53 ? 222 GLN A N   1 
ATOM   531  C  CA  . GLN A 1 67  ? -10.871 1.372   7.462   1.00 15.54 ? 222 GLN A CA  1 
ATOM   532  C  C   . GLN A 1 67  ? -10.338 2.800   7.427   1.00 14.46 ? 222 GLN A C   1 
ATOM   533  O  O   . GLN A 1 67  ? -10.715 3.657   8.234   1.00 15.03 ? 222 GLN A O   1 
ATOM   534  C  CB  . GLN A 1 67  ? -12.374 1.319   7.772   1.00 17.62 ? 222 GLN A CB  1 
ATOM   535  C  CG  . GLN A 1 67  ? -12.899 -0.119  7.880   1.00 25.01 ? 222 GLN A CG  1 
ATOM   536  C  CD  . GLN A 1 67  ? -14.143 -0.396  7.029   1.00 29.05 ? 222 GLN A CD  1 
ATOM   537  O  OE1 . GLN A 1 67  ? -14.255 0.060   5.887   1.00 33.09 ? 222 GLN A OE1 1 
ATOM   538  N  NE2 . GLN A 1 67  ? -15.076 -1.164  7.583   1.00 32.56 ? 222 GLN A NE2 1 
ATOM   539  N  N   . TRP A 1 68  ? -9.428  3.054   6.482   1.00 14.46 ? 223 TRP A N   1 
ATOM   540  C  CA  . TRP A 1 68  ? -8.819  4.373   6.359   1.00 14.15 ? 223 TRP A CA  1 
ATOM   541  C  C   . TRP A 1 68  ? -9.621  5.355   5.515   1.00 14.61 ? 223 TRP A C   1 
ATOM   542  O  O   . TRP A 1 68  ? -9.759  6.508   5.877   1.00 15.03 ? 223 TRP A O   1 
ATOM   543  C  CB  . TRP A 1 68  ? -7.415  4.243   5.736   1.00 13.99 ? 223 TRP A CB  1 
ATOM   544  C  CG  . TRP A 1 68  ? -6.377  3.556   6.581   1.00 13.15 ? 223 TRP A CG  1 
ATOM   545  C  CD1 . TRP A 1 68  ? -5.685  4.077   7.648   1.00 13.62 ? 223 TRP A CD1 1 
ATOM   546  C  CD2 . TRP A 1 68  ? -5.882  2.228   6.401   1.00 13.16 ? 223 TRP A CD2 1 
ATOM   547  N  NE1 . TRP A 1 68  ? -4.785  3.157   8.123   1.00 13.62 ? 223 TRP A NE1 1 
ATOM   548  C  CE2 . TRP A 1 68  ? -4.876  2.010   7.372   1.00 13.05 ? 223 TRP A CE2 1 
ATOM   549  C  CE3 . TRP A 1 68  ? -6.176  1.191   5.492   1.00 13.34 ? 223 TRP A CE3 1 
ATOM   550  C  CZ2 . TRP A 1 68  ? -4.164  0.801   7.471   1.00 13.97 ? 223 TRP A CZ2 1 
ATOM   551  C  CZ3 . TRP A 1 68  ? -5.474  -0.006  5.584   1.00 14.46 ? 223 TRP A CZ3 1 
ATOM   552  C  CH2 . TRP A 1 68  ? -4.472  -0.193  6.564   1.00 14.57 ? 223 TRP A CH2 1 
ATOM   553  N  N   . ASN A 1 69  ? -10.124 4.878   4.378   1.00 15.32 ? 224 ASN A N   1 
ATOM   554  C  CA  . ASN A 1 69  ? -10.869 5.700   3.444   1.00 16.49 ? 224 ASN A CA  1 
ATOM   555  C  C   . ASN A 1 69  ? -10.154 7.009   3.151   1.00 15.93 ? 224 ASN A C   1 
ATOM   556  O  O   . ASN A 1 69  ? -10.694 8.088   3.309   1.00 17.04 ? 224 ASN A O   1 
ATOM   557  C  CB  . ASN A 1 69  ? -12.277 5.964   3.982   1.00 18.62 ? 224 ASN A CB  1 
ATOM   558  C  CG  . ASN A 1 69  ? -13.085 4.687   4.094   1.00 21.99 ? 224 ASN A CG  1 
ATOM   559  O  OD1 . ASN A 1 69  ? -13.104 3.869   3.184   1.00 24.17 ? 224 ASN A OD1 1 
ATOM   560  N  ND2 . ASN A 1 69  ? -13.757 4.510   5.227   1.00 24.96 ? 224 ASN A ND2 1 
ATOM   561  N  N   . GLU A 1 70  ? -8.903  6.897   2.727   1.00 15.03 ? 225 GLU A N   1 
ATOM   562  C  CA  . GLU A 1 70  ? -8.120  8.083   2.407   1.00 14.22 ? 225 GLU A CA  1 
ATOM   563  C  C   . GLU A 1 70  ? -7.681  8.091   0.965   1.00 13.85 ? 225 GLU A C   1 
ATOM   564  O  O   . GLU A 1 70  ? -7.425  7.033   0.387   1.00 14.23 ? 225 GLU A O   1 
ATOM   565  C  CB  . GLU A 1 70  ? -6.878  8.148   3.291   1.00 14.11 ? 225 GLU A CB  1 
ATOM   566  C  CG  . GLU A 1 70  ? -7.189  8.548   4.706   1.00 14.54 ? 225 GLU A CG  1 
ATOM   567  C  CD  . GLU A 1 70  ? -5.932  8.682   5.562   1.00 15.42 ? 225 GLU A CD  1 
ATOM   568  O  OE1 . GLU A 1 70  ? -5.068  9.486   5.184   1.00 16.80 ? 225 GLU A OE1 1 
ATOM   569  O  OE2 . GLU A 1 70  ? -5.809  7.976   6.587   1.00 16.08 ? 225 GLU A OE2 1 
ATOM   570  N  N   . SER A 1 71  ? -7.572  9.284   0.380   1.00 14.37 ? 226 SER A N   1 
ATOM   571  C  CA  . SER A 1 71  ? -7.149  9.403   -1.014  1.00 15.07 ? 226 SER A CA  1 
ATOM   572  C  C   . SER A 1 71  ? -5.855  10.195  -1.130  1.00 14.89 ? 226 SER A C   1 
ATOM   573  O  O   . SER A 1 71  ? -5.581  11.074  -0.303  1.00 15.09 ? 226 SER A O   1 
ATOM   574  C  CB  . SER A 1 71  ? -8.242  10.067  -1.837  1.00 16.81 ? 226 SER A CB  1 
ATOM   575  O  OG  . SER A 1 71  ? -9.369  9.209   -1.897  1.00 20.34 ? 226 SER A OG  1 
ATOM   576  N  N   . PHE A 1 72  ? -5.094  9.873   -2.177  1.00 14.54 ? 227 PHE A N   1 
ATOM   577  C  CA  . PHE A 1 72  ? -3.789  10.472  -2.423  1.00 14.40 ? 227 PHE A CA  1 
ATOM   578  C  C   . PHE A 1 72  ? -3.597  10.723  -3.898  1.00 14.66 ? 227 PHE A C   1 
ATOM   579  O  O   . PHE A 1 72  ? -4.165  10.025  -4.760  1.00 15.00 ? 227 PHE A O   1 
ATOM   580  C  CB  . PHE A 1 72  ? -2.678  9.530   -1.948  1.00 14.72 ? 227 PHE A CB  1 
ATOM   581  C  CG  . PHE A 1 72  ? -2.817  9.118   -0.518  1.00 14.16 ? 227 PHE A CG  1 
ATOM   582  C  CD1 . PHE A 1 72  ? -3.634  8.045   -0.185  1.00 14.12 ? 227 PHE A CD1 1 
ATOM   583  C  CD2 . PHE A 1 72  ? -2.183  9.826   0.493   1.00 14.97 ? 227 PHE A CD2 1 
ATOM   584  C  CE1 . PHE A 1 72  ? -3.822  7.673   1.147   1.00 14.65 ? 227 PHE A CE1 1 
ATOM   585  C  CE2 . PHE A 1 72  ? -2.361  9.461   1.822   1.00 15.38 ? 227 PHE A CE2 1 
ATOM   586  C  CZ  . PHE A 1 72  ? -3.184  8.380   2.142   1.00 14.93 ? 227 PHE A CZ  1 
ATOM   587  N  N   . THR A 1 73  ? -2.767  11.718  -4.194  1.00 14.63 ? 228 THR A N   1 
ATOM   588  C  CA  . THR A 1 73  ? -2.486  12.045  -5.580  1.00 15.23 ? 228 THR A CA  1 
ATOM   589  C  C   . THR A 1 73  ? -0.995  12.267  -5.765  1.00 14.64 ? 228 THR A C   1 
ATOM   590  O  O   . THR A 1 73  ? -0.359  12.910  -4.927  1.00 14.81 ? 228 THR A O   1 
ATOM   591  C  CB  . THR A 1 73  ? -3.216  13.319  -6.005  1.00 16.35 ? 228 THR A CB  1 
ATOM   592  O  OG1 . THR A 1 73  ? -4.629  13.116  -5.836  1.00 17.52 ? 228 THR A OG1 1 
ATOM   593  C  CG2 . THR A 1 73  ? -2.933  13.638  -7.478  1.00 18.50 ? 228 THR A CG2 1 
ATOM   594  N  N   . PHE A 1 74  ? -0.459  11.691  -6.840  1.00 14.69 ? 229 PHE A N   1 
ATOM   595  C  CA  . PHE A 1 74  ? 0.944   11.880  -7.200  1.00 14.68 ? 229 PHE A CA  1 
ATOM   596  C  C   . PHE A 1 74  ? 1.001   12.541  -8.577  1.00 15.12 ? 229 PHE A C   1 
ATOM   597  O  O   . PHE A 1 74  ? 0.280   12.116  -9.478  1.00 15.81 ? 229 PHE A O   1 
ATOM   598  C  CB  . PHE A 1 74  ? 1.679   10.539  -7.332  1.00 15.17 ? 229 PHE A CB  1 
ATOM   599  C  CG  . PHE A 1 74  ? 1.801   9.756   -6.056  1.00 15.63 ? 229 PHE A CG  1 
ATOM   600  C  CD1 . PHE A 1 74  ? 0.758   8.942   -5.628  1.00 17.02 ? 229 PHE A CD1 1 
ATOM   601  C  CD2 . PHE A 1 74  ? 2.997   9.773   -5.327  1.00 16.45 ? 229 PHE A CD2 1 
ATOM   602  C  CE1 . PHE A 1 74  ? 0.897   8.155   -4.486  1.00 18.64 ? 229 PHE A CE1 1 
ATOM   603  C  CE2 . PHE A 1 74  ? 3.143   8.983   -4.176  1.00 17.94 ? 229 PHE A CE2 1 
ATOM   604  C  CZ  . PHE A 1 74  ? 2.085   8.171   -3.761  1.00 18.06 ? 229 PHE A CZ  1 
ATOM   605  N  N   . LYS A 1 75  ? 1.836   13.561  -8.747  1.00 15.65 ? 230 LYS A N   1 
ATOM   606  C  CA  . LYS A 1 75  ? 1.997   14.129  -10.095 1.00 16.98 ? 230 LYS A CA  1 
ATOM   607  C  C   . LYS A 1 75  ? 3.068   13.278  -10.756 1.00 17.70 ? 230 LYS A C   1 
ATOM   608  O  O   . LYS A 1 75  ? 4.119   13.030  -10.143 1.00 18.97 ? 230 LYS A O   1 
ATOM   609  C  CB  . LYS A 1 75  ? 2.459   15.596  -10.063 1.00 17.00 ? 230 LYS A CB  1 
ATOM   610  C  CG  . LYS A 1 75  ? 1.374   16.561  -9.644  1.00 17.09 ? 230 LYS A CG  1 
ATOM   611  C  CD  . LYS A 1 75  ? 1.769   18.022  -9.916  1.00 15.82 ? 230 LYS A CD  1 
ATOM   612  C  CE  . LYS A 1 75  ? 0.749   18.946  -9.297  1.00 15.60 ? 230 LYS A CE  1 
ATOM   613  N  NZ  . LYS A 1 75  ? 0.694   18.835  -7.803  1.00 15.34 ? 230 LYS A NZ  1 
ATOM   614  N  N   . LEU A 1 76  ? 2.792   12.811  -11.974 1.00 18.23 ? 231 LEU A N   1 
ATOM   615  C  CA  . LEU A 1 76  ? 3.718   11.960  -12.701 1.00 19.32 ? 231 LEU A CA  1 
ATOM   616  C  C   . LEU A 1 76  ? 4.611   12.777  -13.624 1.00 20.21 ? 231 LEU A C   1 
ATOM   617  O  O   . LEU A 1 76  ? 4.241   13.866  -14.084 1.00 21.59 ? 231 LEU A O   1 
ATOM   618  C  CB  . LEU A 1 76  ? 2.962   10.929  -13.541 1.00 18.94 ? 231 LEU A CB  1 
ATOM   619  C  CG  . LEU A 1 76  ? 2.010   10.010  -12.756 1.00 18.62 ? 231 LEU A CG  1 
ATOM   620  C  CD1 . LEU A 1 76  ? 1.381   8.995   -13.694 1.00 20.11 ? 231 LEU A CD1 1 
ATOM   621  C  CD2 . LEU A 1 76  ? 2.755   9.312   -11.645 1.00 19.94 ? 231 LEU A CD2 1 
ATOM   622  N  N   . LYS A 1 77  ? 5.804   12.251  -13.855 1.00 21.72 ? 232 LYS A N   1 
ATOM   623  C  CA  . LYS A 1 77  ? 6.753   12.877  -14.768 1.00 22.83 ? 232 LYS A CA  1 
ATOM   624  C  C   . LYS A 1 77  ? 7.147   11.771  -15.752 1.00 22.82 ? 232 LYS A C   1 
ATOM   625  O  O   . LYS A 1 77  ? 6.865   10.597  -15.515 1.00 22.50 ? 232 LYS A O   1 
ATOM   626  C  CB  . LYS A 1 77  ? 7.956   13.476  -14.015 1.00 25.24 ? 232 LYS A CB  1 
ATOM   627  C  CG  . LYS A 1 77  ? 8.622   12.613  -12.991 1.00 28.22 ? 232 LYS A CG  1 
ATOM   628  C  CD  . LYS A 1 77  ? 9.506   13.480  -12.074 1.00 32.09 ? 232 LYS A CD  1 
ATOM   629  C  CE  . LYS A 1 77  ? 10.185  12.644  -11.009 1.00 33.51 ? 232 LYS A CE  1 
ATOM   630  N  NZ  . LYS A 1 77  ? 11.157  13.447  -10.224 1.00 34.98 ? 232 LYS A NZ  1 
ATOM   631  N  N   . PRO A 1 78  ? 7.759   12.134  -16.893 1.00 23.09 ? 233 PRO A N   1 
ATOM   632  C  CA  . PRO A 1 78  ? 8.161   11.141  -17.893 1.00 22.87 ? 233 PRO A CA  1 
ATOM   633  C  C   . PRO A 1 78  ? 8.927   9.944   -17.366 1.00 22.36 ? 233 PRO A C   1 
ATOM   634  O  O   . PRO A 1 78  ? 8.668   8.818   -17.791 1.00 22.22 ? 233 PRO A O   1 
ATOM   635  C  CB  . PRO A 1 78  ? 8.993   11.962  -18.881 1.00 23.74 ? 233 PRO A CB  1 
ATOM   636  C  CG  . PRO A 1 78  ? 8.329   13.288  -18.820 1.00 24.83 ? 233 PRO A CG  1 
ATOM   637  C  CD  . PRO A 1 78  ? 8.102   13.497  -17.339 1.00 23.75 ? 233 PRO A CD  1 
ATOM   638  N  N   . SER A 1 79  ? 9.864   10.179  -16.451 1.00 21.96 ? 234 SER A N   1 
ATOM   639  C  CA  . SER A 1 79  ? 10.658  9.085   -15.898 1.00 22.29 ? 234 SER A CA  1 
ATOM   640  C  C   . SER A 1 79  ? 9.828   8.058   -15.134 1.00 21.87 ? 234 SER A C   1 
ATOM   641  O  O   . SER A 1 79  ? 10.304  6.943   -14.878 1.00 22.28 ? 234 SER A O   1 
ATOM   642  C  CB  . SER A 1 79  ? 11.763  9.625   -14.996 1.00 23.40 ? 234 SER A CB  1 
ATOM   643  O  OG  . SER A 1 79  ? 11.223  10.397  -13.948 1.00 26.01 ? 234 SER A OG  1 
ATOM   644  N  N   . ASP A 1 80  ? 8.591   8.400   -14.778 1.00 20.99 ? 235 ASP A N   1 
ATOM   645  C  CA  . ASP A 1 80  ? 7.769   7.431   -14.053 1.00 21.04 ? 235 ASP A CA  1 
ATOM   646  C  C   . ASP A 1 80  ? 7.380   6.214   -14.867 1.00 21.96 ? 235 ASP A C   1 
ATOM   647  O  O   . ASP A 1 80  ? 6.828   5.250   -14.328 1.00 22.29 ? 235 ASP A O   1 
ATOM   648  C  CB  . ASP A 1 80  ? 6.523   8.095   -13.469 1.00 19.03 ? 235 ASP A CB  1 
ATOM   649  C  CG  . ASP A 1 80  ? 6.852   8.973   -12.300 1.00 20.01 ? 235 ASP A CG  1 
ATOM   650  O  OD1 . ASP A 1 80  ? 7.705   8.550   -11.485 1.00 19.88 ? 235 ASP A OD1 1 
ATOM   651  O  OD2 . ASP A 1 80  ? 6.286   10.082  -12.172 1.00 19.99 ? 235 ASP A OD2 1 
ATOM   652  N  N   . LYS A 1 81  ? 7.680   6.227   -16.167 1.00 23.71 ? 236 LYS A N   1 
ATOM   653  C  CA  . LYS A 1 81  ? 7.373   5.077   -17.004 1.00 25.20 ? 236 LYS A CA  1 
ATOM   654  C  C   . LYS A 1 81  ? 8.122   3.850   -16.465 1.00 25.06 ? 236 LYS A C   1 
ATOM   655  O  O   . LYS A 1 81  ? 7.706   2.706   -16.676 1.00 25.59 ? 236 LYS A O   1 
ATOM   656  C  CB  . LYS A 1 81  ? 7.799   5.345   -18.458 1.00 26.92 ? 236 LYS A CB  1 
ATOM   657  C  CG  . LYS A 1 81  ? 9.299   5.489   -18.652 1.00 29.25 ? 236 LYS A CG  1 
ATOM   658  C  CD  . LYS A 1 81  ? 9.639   5.965   -20.067 1.00 31.80 ? 236 LYS A CD  1 
ATOM   659  C  CE  . LYS A 1 81  ? 11.134  5.859   -20.336 1.00 32.82 ? 236 LYS A CE  1 
ATOM   660  N  NZ  . LYS A 1 81  ? 11.542  4.426   -20.474 1.00 35.28 ? 236 LYS A NZ  1 
ATOM   661  N  N   . ASP A 1 82  ? 9.227   4.089   -15.768 1.00 24.82 ? 237 ASP A N   1 
ATOM   662  C  CA  . ASP A 1 82  ? 10.035  2.998   -15.225 1.00 24.73 ? 237 ASP A CA  1 
ATOM   663  C  C   . ASP A 1 82  ? 9.856   2.826   -13.712 1.00 23.00 ? 237 ASP A C   1 
ATOM   664  O  O   . ASP A 1 82  ? 10.694  2.191   -13.064 1.00 24.08 ? 237 ASP A O   1 
ATOM   665  C  CB  . ASP A 1 82  ? 11.527  3.234   -15.503 1.00 27.60 ? 237 ASP A CB  1 
ATOM   666  C  CG  . ASP A 1 82  ? 11.865  3.218   -16.984 1.00 30.06 ? 237 ASP A CG  1 
ATOM   667  O  OD1 . ASP A 1 82  ? 11.502  2.239   -17.663 1.00 31.69 ? 237 ASP A OD1 1 
ATOM   668  O  OD2 . ASP A 1 82  ? 12.499  4.187   -17.453 1.00 31.64 ? 237 ASP A OD2 1 
ATOM   669  N  N   . ARG A 1 83  ? 8.785   3.397   -13.158 1.00 20.20 ? 238 ARG A N   1 
ATOM   670  C  CA  . ARG A 1 83  ? 8.551   3.296   -11.715 1.00 17.45 ? 238 ARG A CA  1 
ATOM   671  C  C   . ARG A 1 83  ? 7.315   2.499   -11.360 1.00 16.29 ? 238 ARG A C   1 
ATOM   672  O  O   . ARG A 1 83  ? 6.477   2.192   -12.209 1.00 16.55 ? 238 ARG A O   1 
ATOM   673  C  CB  . ARG A 1 83  ? 8.455   4.698   -11.061 1.00 15.95 ? 238 ARG A CB  1 
ATOM   674  C  CG  . ARG A 1 83  ? 9.791   5.486   -11.102 1.00 16.04 ? 238 ARG A CG  1 
ATOM   675  C  CD  . ARG A 1 83  ? 9.920   6.577   -10.010 1.00 17.43 ? 238 ARG A CD  1 
ATOM   676  N  NE  . ARG A 1 83  ? 11.210  7.267   -10.131 1.00 18.62 ? 238 ARG A NE  1 
ATOM   677  C  CZ  . ARG A 1 83  ? 11.454  8.217   -11.031 1.00 21.43 ? 238 ARG A CZ  1 
ATOM   678  N  NH1 . ARG A 1 83  ? 10.493  8.612   -11.860 1.00 23.17 ? 238 ARG A NH1 1 
ATOM   679  N  NH2 . ARG A 1 83  ? 12.684  8.707   -11.176 1.00 22.48 ? 238 ARG A NH2 1 
ATOM   680  N  N   . ARG A 1 84  ? 7.226   2.142   -10.080 1.00 15.19 ? 239 ARG A N   1 
ATOM   681  C  CA  . ARG A 1 84  ? 6.072   1.399   -9.571  1.00 14.79 ? 239 ARG A CA  1 
ATOM   682  C  C   . ARG A 1 84  ? 5.494   2.106   -8.361  1.00 13.70 ? 239 ARG A C   1 
ATOM   683  O  O   . ARG A 1 84  ? 6.208   2.768   -7.601  1.00 13.80 ? 239 ARG A O   1 
ATOM   684  C  CB  . ARG A 1 84  ? 6.463   -0.021  -9.112  1.00 15.11 ? 239 ARG A CB  1 
ATOM   685  C  CG  . ARG A 1 84  ? 7.123   -0.914  -10.192 1.00 16.88 ? 239 ARG A CG  1 
ATOM   686  C  CD  . ARG A 1 84  ? 7.433   -2.369  -9.725  1.00 17.00 ? 239 ARG A CD  1 
ATOM   687  N  NE  . ARG A 1 84  ? 6.230   -3.119  -9.360  1.00 16.67 ? 239 ARG A NE  1 
ATOM   688  C  CZ  . ARG A 1 84  ? 5.323   -3.592  -10.208 1.00 18.33 ? 239 ARG A CZ  1 
ATOM   689  N  NH1 . ARG A 1 84  ? 5.465   -3.421  -11.528 1.00 18.23 ? 239 ARG A NH1 1 
ATOM   690  N  NH2 . ARG A 1 84  ? 4.222   -4.187  -9.745  1.00 17.10 ? 239 ARG A NH2 1 
ATOM   691  N  N   . LEU A 1 85  ? 4.180   2.001   -8.220  1.00 13.16 ? 240 LEU A N   1 
ATOM   692  C  CA  . LEU A 1 85  ? 3.513   2.513   -7.033  1.00 13.12 ? 240 LEU A CA  1 
ATOM   693  C  C   . LEU A 1 85  ? 3.647   1.367   -6.013  1.00 12.95 ? 240 LEU A C   1 
ATOM   694  O  O   . LEU A 1 85  ? 3.142   0.258   -6.236  1.00 13.69 ? 240 LEU A O   1 
ATOM   695  C  CB  . LEU A 1 85  ? 2.037   2.759   -7.322  1.00 13.43 ? 240 LEU A CB  1 
ATOM   696  C  CG  . LEU A 1 85  ? 1.164   2.896   -6.067  1.00 13.37 ? 240 LEU A CG  1 
ATOM   697  C  CD1 . LEU A 1 85  ? 1.468   4.202   -5.376  1.00 15.20 ? 240 LEU A CD1 1 
ATOM   698  C  CD2 . LEU A 1 85  ? -0.333  2.828   -6.462  1.00 15.72 ? 240 LEU A CD2 1 
ATOM   699  N  N   . SER A 1 86  ? 4.346   1.634   -4.916  1.00 12.99 ? 241 SER A N   1 
ATOM   700  C  CA  . SER A 1 86  ? 4.555   0.694   -3.816  1.00 12.59 ? 241 SER A CA  1 
ATOM   701  C  C   . SER A 1 86  ? 3.550   1.020   -2.692  1.00 12.35 ? 241 SER A C   1 
ATOM   702  O  O   . SER A 1 86  ? 3.405   2.185   -2.311  1.00 12.35 ? 241 SER A O   1 
ATOM   703  C  CB  . SER A 1 86  ? 5.985   0.832   -3.295  1.00 12.96 ? 241 SER A CB  1 
ATOM   704  O  OG  . SER A 1 86  ? 6.140   0.269   -1.994  1.00 13.89 ? 241 SER A OG  1 
ATOM   705  N  N   . VAL A 1 87  ? 2.867   -0.001  -2.171  1.00 12.23 ? 242 VAL A N   1 
ATOM   706  C  CA  . VAL A 1 87  ? 1.859   0.172   -1.117  1.00 12.60 ? 242 VAL A CA  1 
ATOM   707  C  C   . VAL A 1 87  ? 2.248   -0.790  0.008   1.00 12.61 ? 242 VAL A C   1 
ATOM   708  O  O   . VAL A 1 87  ? 2.145   -2.004  -0.178  1.00 13.75 ? 242 VAL A O   1 
ATOM   709  C  CB  . VAL A 1 87  ? 0.447   -0.207  -1.646  1.00 12.24 ? 242 VAL A CB  1 
ATOM   710  C  CG1 . VAL A 1 87  ? -0.600  -0.039  -0.533  1.00 12.94 ? 242 VAL A CG1 1 
ATOM   711  C  CG2 . VAL A 1 87  ? 0.080   0.677   -2.848  1.00 13.68 ? 242 VAL A CG2 1 
ATOM   712  N  N   . GLU A 1 88  ? 2.697   -0.271  1.159   1.00 12.15 ? 243 GLU A N   1 
ATOM   713  C  CA  . GLU A 1 88  ? 3.122   -1.114  2.272   1.00 12.62 ? 243 GLU A CA  1 
ATOM   714  C  C   . GLU A 1 88  ? 2.391   -0.798  3.557   1.00 12.77 ? 243 GLU A C   1 
ATOM   715  O  O   . GLU A 1 88  ? 2.332   0.361   3.954   1.00 12.92 ? 243 GLU A O   1 
ATOM   716  C  CB  . GLU A 1 88  ? 4.612   -0.939  2.571   1.00 12.63 ? 243 GLU A CB  1 
ATOM   717  C  CG  . GLU A 1 88  ? 5.534   -1.212  1.375   1.00 13.85 ? 243 GLU A CG  1 
ATOM   718  C  CD  . GLU A 1 88  ? 6.999   -1.243  1.766   1.00 15.40 ? 243 GLU A CD  1 
ATOM   719  O  OE1 . GLU A 1 88  ? 7.402   -0.614  2.768   1.00 16.12 ? 243 GLU A OE1 1 
ATOM   720  O  OE2 . GLU A 1 88  ? 7.783   -1.894  1.042   1.00 17.77 ? 243 GLU A OE2 1 
ATOM   721  N  N   . ILE A 1 89  ? 1.825   -1.818  4.190   1.00 13.12 ? 244 ILE A N   1 
ATOM   722  C  CA  . ILE A 1 89  ? 1.192   -1.624  5.488   1.00 13.79 ? 244 ILE A CA  1 
ATOM   723  C  C   . ILE A 1 89  ? 2.261   -1.901  6.546   1.00 13.67 ? 244 ILE A C   1 
ATOM   724  O  O   . ILE A 1 89  ? 2.976   -2.908  6.494   1.00 14.18 ? 244 ILE A O   1 
ATOM   725  C  CB  . ILE A 1 89  ? 0.008   -2.602  5.718   1.00 14.15 ? 244 ILE A CB  1 
ATOM   726  C  CG1 . ILE A 1 89  ? -1.013  -2.450  4.580   1.00 14.95 ? 244 ILE A CG1 1 
ATOM   727  C  CG2 . ILE A 1 89  ? -0.638  -2.315  7.078   1.00 14.64 ? 244 ILE A CG2 1 
ATOM   728  C  CD1 . ILE A 1 89  ? -2.272  -3.303  4.753   1.00 15.57 ? 244 ILE A CD1 1 
ATOM   729  N  N   . TRP A 1 90  ? 2.375   -0.986  7.499   1.00 13.10 ? 245 TRP A N   1 
ATOM   730  C  CA  . TRP A 1 90  ? 3.317   -1.095  8.616   1.00 13.46 ? 245 TRP A CA  1 
ATOM   731  C  C   . TRP A 1 90  ? 2.566   -0.907  9.922   1.00 13.48 ? 245 TRP A C   1 
ATOM   732  O  O   . TRP A 1 90  ? 1.485   -0.309  9.953   1.00 14.03 ? 245 TRP A O   1 
ATOM   733  C  CB  . TRP A 1 90  ? 4.387   0.002   8.519   1.00 13.30 ? 245 TRP A CB  1 
ATOM   734  C  CG  . TRP A 1 90  ? 5.411   -0.224  7.453   1.00 12.86 ? 245 TRP A CG  1 
ATOM   735  C  CD1 . TRP A 1 90  ? 5.237   -0.133  6.084   1.00 13.97 ? 245 TRP A CD1 1 
ATOM   736  C  CD2 . TRP A 1 90  ? 6.759   -0.616  7.671   1.00 13.67 ? 245 TRP A CD2 1 
ATOM   737  N  NE1 . TRP A 1 90  ? 6.425   -0.455  5.450   1.00 13.42 ? 245 TRP A NE1 1 
ATOM   738  C  CE2 . TRP A 1 90  ? 7.370   -0.761  6.406   1.00 14.34 ? 245 TRP A CE2 1 
ATOM   739  C  CE3 . TRP A 1 90  ? 7.522   -0.871  8.828   1.00 14.74 ? 245 TRP A CE3 1 
ATOM   740  C  CZ2 . TRP A 1 90  ? 8.710   -1.147  6.260   1.00 15.72 ? 245 TRP A CZ2 1 
ATOM   741  C  CZ3 . TRP A 1 90  ? 8.858   -1.259  8.686   1.00 16.68 ? 245 TRP A CZ3 1 
ATOM   742  C  CH2 . TRP A 1 90  ? 9.439   -1.394  7.407   1.00 17.23 ? 245 TRP A CH2 1 
ATOM   743  N  N   . ASP A 1 91  ? 3.135   -1.446  10.997  1.00 14.05 ? 246 ASP A N   1 
ATOM   744  C  CA  . ASP A 1 91  ? 2.557   -1.281  12.331  1.00 14.00 ? 246 ASP A CA  1 
ATOM   745  C  C   . ASP A 1 91  ? 3.297   -0.115  12.993  1.00 13.80 ? 246 ASP A C   1 
ATOM   746  O  O   . ASP A 1 91  ? 4.533   -0.122  13.077  1.00 13.19 ? 246 ASP A O   1 
ATOM   747  C  CB  . ASP A 1 91  ? 2.753   -2.557  13.169  1.00 15.46 ? 246 ASP A CB  1 
ATOM   748  C  CG  . ASP A 1 91  ? 2.451   -2.331  14.644  1.00 17.36 ? 246 ASP A CG  1 
ATOM   749  O  OD1 . ASP A 1 91  ? 1.350   -1.853  15.007  1.00 17.49 ? 246 ASP A OD1 1 
ATOM   750  O  OD2 . ASP A 1 91  ? 3.333   -2.616  15.478  1.00 18.17 ? 246 ASP A OD2 1 
ATOM   751  N  N   . TRP A 1 92  ? 2.550   0.880   13.459  1.00 13.84 ? 247 TRP A N   1 
ATOM   752  C  CA  . TRP A 1 92  ? 3.138   2.010   14.173  1.00 14.37 ? 247 TRP A CA  1 
ATOM   753  C  C   . TRP A 1 92  ? 3.380   1.503   15.604  1.00 14.49 ? 247 TRP A C   1 
ATOM   754  O  O   . TRP A 1 92  ? 2.520   0.862   16.189  1.00 14.21 ? 247 TRP A O   1 
ATOM   755  C  CB  . TRP A 1 92  ? 2.175   3.187   14.168  1.00 14.68 ? 247 TRP A CB  1 
ATOM   756  C  CG  . TRP A 1 92  ? 2.670   4.402   14.913  1.00 15.20 ? 247 TRP A CG  1 
ATOM   757  C  CD1 . TRP A 1 92  ? 3.284   5.491   14.377  1.00 15.66 ? 247 TRP A CD1 1 
ATOM   758  C  CD2 . TRP A 1 92  ? 2.528   4.654   16.311  1.00 16.76 ? 247 TRP A CD2 1 
ATOM   759  N  NE1 . TRP A 1 92  ? 3.531   6.433   15.373  1.00 16.78 ? 247 TRP A NE1 1 
ATOM   760  C  CE2 . TRP A 1 92  ? 3.080   5.935   16.562  1.00 16.01 ? 247 TRP A CE2 1 
ATOM   761  C  CE3 . TRP A 1 92  ? 1.988   3.929   17.373  1.00 17.18 ? 247 TRP A CE3 1 
ATOM   762  C  CZ2 . TRP A 1 92  ? 3.101   6.503   17.841  1.00 17.66 ? 247 TRP A CZ2 1 
ATOM   763  C  CZ3 . TRP A 1 92  ? 2.011   4.507   18.667  1.00 18.35 ? 247 TRP A CZ3 1 
ATOM   764  C  CH2 . TRP A 1 92  ? 2.562   5.773   18.866  1.00 16.40 ? 247 TRP A CH2 1 
ATOM   765  N  N   . ASP A 1 93  ? 4.556   1.755   16.176  1.00 14.40 ? 248 ASP A N   1 
ATOM   766  C  CA  . ASP A 1 93  ? 4.882   1.278   17.531  1.00 15.79 ? 248 ASP A CA  1 
ATOM   767  C  C   . ASP A 1 93  ? 5.338   2.398   18.441  1.00 15.34 ? 248 ASP A C   1 
ATOM   768  O  O   . ASP A 1 93  ? 6.209   3.170   18.108  1.00 14.99 ? 248 ASP A O   1 
ATOM   769  C  CB  . ASP A 1 93  ? 6.018   0.257   17.490  1.00 17.82 ? 248 ASP A CB  1 
ATOM   770  C  CG  . ASP A 1 93  ? 5.560   -1.133  17.208  1.00 20.98 ? 248 ASP A CG  1 
ATOM   771  O  OD1 . ASP A 1 93  ? 4.686   -1.665  17.938  1.00 25.59 ? 248 ASP A OD1 1 
ATOM   772  O  OD2 . ASP A 1 93  ? 6.122   -1.709  16.249  1.00 23.34 ? 248 ASP A OD2 1 
ATOM   773  N  N   . ARG A 1 94  ? 4.723   2.435   19.616  1.00 15.48 ? 249 ARG A N   1 
ATOM   774  C  CA  . ARG A 1 94  ? 5.008   3.404   20.655  1.00 15.99 ? 249 ARG A CA  1 
ATOM   775  C  C   . ARG A 1 94  ? 6.396   3.211   21.277  1.00 15.50 ? 249 ARG A C   1 
ATOM   776  O  O   . ARG A 1 94  ? 7.055   4.193   21.631  1.00 15.74 ? 249 ARG A O   1 
ATOM   777  C  CB  . ARG A 1 94  ? 3.945   3.197   21.736  1.00 17.23 ? 249 ARG A CB  1 
ATOM   778  C  CG  . ARG A 1 94  ? 4.028   4.017   23.025  1.00 18.29 ? 249 ARG A CG  1 
ATOM   779  C  CD  . ARG A 1 94  ? 3.654   5.449   22.750  1.00 19.35 ? 249 ARG A CD  1 
ATOM   780  N  NE  . ARG A 1 94  ? 2.986   6.109   23.870  1.00 19.34 ? 249 ARG A NE  1 
ATOM   781  C  CZ  . ARG A 1 94  ? 2.841   7.428   23.956  1.00 19.54 ? 249 ARG A CZ  1 
ATOM   782  N  NH1 . ARG A 1 94  ? 2.205   7.964   24.996  1.00 19.21 ? 249 ARG A NH1 1 
ATOM   783  N  NH2 . ARG A 1 94  ? 3.347   8.219   23.018  1.00 19.28 ? 249 ARG A NH2 1 
ATOM   784  N  N   . THR A 1 95  ? 6.839   1.958   21.366  1.00 15.45 ? 250 THR A N   1 
ATOM   785  C  CA  . THR A 1 95  ? 8.080   1.672   22.087  1.00 16.09 ? 250 THR A CA  1 
ATOM   786  C  C   . THR A 1 95  ? 9.157   0.887   21.375  1.00 16.31 ? 250 THR A C   1 
ATOM   787  O  O   . THR A 1 95  ? 10.163  0.499   21.986  1.00 17.41 ? 250 THR A O   1 
ATOM   788  C  CB  . THR A 1 95  ? 7.762   0.934   23.399  1.00 15.77 ? 250 THR A CB  1 
ATOM   789  O  OG1 . THR A 1 95  ? 7.167   -0.332  23.107  1.00 17.45 ? 250 THR A OG1 1 
ATOM   790  C  CG2 . THR A 1 95  ? 6.809   1.780   24.265  1.00 16.76 ? 250 THR A CG2 1 
ATOM   791  N  N   . THR A 1 96  ? 8.930   0.630   20.090  1.00 16.58 ? 251 THR A N   1 
ATOM   792  C  CA  . THR A 1 96  ? 9.906   -0.088  19.270  1.00 16.89 ? 251 THR A CA  1 
ATOM   793  C  C   . THR A 1 96  ? 9.895   0.543   17.887  1.00 16.68 ? 251 THR A C   1 
ATOM   794  O  O   . THR A 1 96  ? 9.077   1.415   17.593  1.00 16.50 ? 251 THR A O   1 
ATOM   795  C  CB  . THR A 1 96  ? 9.558   -1.587  19.082  1.00 17.25 ? 251 THR A CB  1 
ATOM   796  O  OG1 . THR A 1 96  ? 8.403   -1.714  18.242  1.00 18.76 ? 251 THR A OG1 1 
ATOM   797  C  CG2 . THR A 1 96  ? 9.275   -2.256  20.429  1.00 18.80 ? 251 THR A CG2 1 
ATOM   798  N  N   . ARG A 1 97  ? 10.847  0.146   17.048  1.00 16.38 ? 252 ARG A N   1 
ATOM   799  C  CA  . ARG A 1 97  ? 10.830  0.645   15.674  1.00 16.87 ? 252 ARG A CA  1 
ATOM   800  C  C   . ARG A 1 97  ? 9.566   0.050   15.022  1.00 16.10 ? 252 ARG A C   1 
ATOM   801  O  O   . ARG A 1 97  ? 9.117   -1.038  15.378  1.00 16.79 ? 252 ARG A O   1 
ATOM   802  C  CB  . ARG A 1 97  ? 12.078  0.164   14.904  1.00 18.58 ? 252 ARG A CB  1 
ATOM   803  C  CG  . ARG A 1 97  ? 13.366  0.839   15.331  1.00 19.74 ? 252 ARG A CG  1 
ATOM   804  C  CD  . ARG A 1 97  ? 14.473  0.615   14.295  1.00 22.14 ? 252 ARG A CD  1 
ATOM   805  N  NE  . ARG A 1 97  ? 15.692  1.317   14.685  1.00 23.36 ? 252 ARG A NE  1 
ATOM   806  C  CZ  . ARG A 1 97  ? 15.879  2.627   14.568  1.00 25.82 ? 252 ARG A CZ  1 
ATOM   807  N  NH1 . ARG A 1 97  ? 14.918  3.401   14.057  1.00 24.88 ? 252 ARG A NH1 1 
ATOM   808  N  NH2 . ARG A 1 97  ? 17.023  3.172   14.981  1.00 24.42 ? 252 ARG A NH2 1 
ATOM   809  N  N   . ASN A 1 98  ? 8.961   0.796   14.103  1.00 15.68 ? 253 ASN A N   1 
ATOM   810  C  CA  . ASN A 1 98  ? 7.773   0.293   13.412  1.00 15.55 ? 253 ASN A CA  1 
ATOM   811  C  C   . ASN A 1 98  ? 8.163   -0.932  12.578  1.00 16.35 ? 253 ASN A C   1 
ATOM   812  O  O   . ASN A 1 98  ? 9.301   -1.014  12.095  1.00 16.82 ? 253 ASN A O   1 
ATOM   813  C  CB  . ASN A 1 98  ? 7.181   1.358   12.491  1.00 15.12 ? 253 ASN A CB  1 
ATOM   814  C  CG  . ASN A 1 98  ? 6.647   2.551   13.244  1.00 14.44 ? 253 ASN A CG  1 
ATOM   815  O  OD1 . ASN A 1 98  ? 6.638   2.561   14.476  1.00 15.50 ? 253 ASN A OD1 1 
ATOM   816  N  ND2 . ASN A 1 98  ? 6.217   3.563   12.523  1.00 14.22 ? 253 ASN A ND2 1 
ATOM   817  N  N   . ASP A 1 99  ? 7.232   -1.869  12.412  1.00 17.10 ? 254 ASP A N   1 
ATOM   818  C  CA  . ASP A 1 99  ? 7.526   -3.087  11.656  1.00 18.64 ? 254 ASP A CA  1 
ATOM   819  C  C   . ASP A 1 99  ? 6.556   -3.371  10.511  1.00 17.65 ? 254 ASP A C   1 
ATOM   820  O  O   . ASP A 1 99  ? 5.405   -2.943  10.511  1.00 16.93 ? 254 ASP A O   1 
ATOM   821  C  CB  . ASP A 1 99  ? 7.656   -4.301  12.600  1.00 22.09 ? 254 ASP A CB  1 
ATOM   822  C  CG  . ASP A 1 99  ? 6.814   -4.176  13.856  1.00 26.29 ? 254 ASP A CG  1 
ATOM   823  O  OD1 . ASP A 1 99  ? 7.279   -4.617  14.935  1.00 27.54 ? 254 ASP A OD1 1 
ATOM   824  O  OD2 . ASP A 1 99  ? 5.685   -3.657  13.776  1.00 26.67 ? 254 ASP A OD2 1 
ATOM   825  N  N   . PHE A 1 100 ? 7.058   -4.105  9.516   1.00 16.93 ? 255 PHE A N   1 
ATOM   826  C  CA  . PHE A 1 100 ? 6.316   -4.413  8.295   1.00 16.54 ? 255 PHE A CA  1 
ATOM   827  C  C   . PHE A 1 100 ? 5.175   -5.412  8.465   1.00 16.09 ? 255 PHE A C   1 
ATOM   828  O  O   . PHE A 1 100 ? 5.336   -6.426  9.143   1.00 16.48 ? 255 PHE A O   1 
ATOM   829  C  CB  . PHE A 1 100 ? 7.323   -4.955  7.258   1.00 16.26 ? 255 PHE A CB  1 
ATOM   830  C  CG  . PHE A 1 100 ? 6.708   -5.360  5.954   1.00 17.36 ? 255 PHE A CG  1 
ATOM   831  C  CD1 . PHE A 1 100 ? 6.506   -4.424  4.934   1.00 16.65 ? 255 PHE A CD1 1 
ATOM   832  C  CD2 . PHE A 1 100 ? 6.293   -6.675  5.745   1.00 17.47 ? 255 PHE A CD2 1 
ATOM   833  C  CE1 . PHE A 1 100 ? 5.898   -4.804  3.716   1.00 16.60 ? 255 PHE A CE1 1 
ATOM   834  C  CE2 . PHE A 1 100 ? 5.683   -7.057  4.536   1.00 17.86 ? 255 PHE A CE2 1 
ATOM   835  C  CZ  . PHE A 1 100 ? 5.487   -6.119  3.522   1.00 16.51 ? 255 PHE A CZ  1 
ATOM   836  N  N   . MET A 1 101 ? 4.041   -5.151  7.809   1.00 15.48 ? 256 MET A N   1 
ATOM   837  C  CA  . MET A 1 101 ? 2.880   -6.047  7.862   1.00 15.24 ? 256 MET A CA  1 
ATOM   838  C  C   . MET A 1 101 ? 2.488   -6.693  6.533   1.00 15.65 ? 256 MET A C   1 
ATOM   839  O  O   . MET A 1 101 ? 2.011   -7.828  6.517   1.00 16.55 ? 256 MET A O   1 
ATOM   840  C  CB  . MET A 1 101 ? 1.669   -5.307  8.420   1.00 14.93 ? 256 MET A CB  1 
ATOM   841  C  CG  . MET A 1 101 ? 1.907   -4.878  9.852   1.00 14.38 ? 256 MET A CG  1 
ATOM   842  S  SD  . MET A 1 101 ? 0.505   -3.981  10.537  1.00 15.19 ? 256 MET A SD  1 
ATOM   843  C  CE  . MET A 1 101 ? -0.761  -5.309  10.474  1.00 16.49 ? 256 MET A CE  1 
ATOM   844  N  N   . GLY A 1 102 ? 2.665   -5.995  5.412   1.00 15.54 ? 257 GLY A N   1 
ATOM   845  C  CA  . GLY A 1 102 ? 2.275   -6.600  4.136   1.00 15.31 ? 257 GLY A CA  1 
ATOM   846  C  C   . GLY A 1 102 ? 2.286   -5.595  3.028   1.00 15.36 ? 257 GLY A C   1 
ATOM   847  O  O   . GLY A 1 102 ? 2.154   -4.421  3.303   1.00 15.22 ? 257 GLY A O   1 
ATOM   848  N  N   . SER A 1 103 ? 2.409   -6.022  1.775   1.00 14.95 ? 258 SER A N   1 
ATOM   849  C  CA  . SER A 1 103 ? 2.502   -5.037  0.699   1.00 15.15 ? 258 SER A CA  1 
ATOM   850  C  C   . SER A 1 103 ? 2.193   -5.570  -0.693  1.00 15.15 ? 258 SER A C   1 
ATOM   851  O  O   . SER A 1 103 ? 1.856   -6.736  -0.875  1.00 15.84 ? 258 SER A O   1 
ATOM   852  C  CB  . SER A 1 103 ? 3.912   -4.442  0.690   1.00 14.48 ? 258 SER A CB  1 
ATOM   853  O  OG  . SER A 1 103 ? 4.849   -5.439  0.323   1.00 15.82 ? 258 SER A OG  1 
ATOM   854  N  N   . LEU A 1 104 ? 2.319   -4.680  -1.665  1.00 15.42 ? 259 LEU A N   1 
ATOM   855  C  CA  . LEU A 1 104 ? 2.092   -4.982  -3.070  1.00 15.57 ? 259 LEU A CA  1 
ATOM   856  C  C   . LEU A 1 104 ? 2.515   -3.767  -3.897  1.00 15.25 ? 259 LEU A C   1 
ATOM   857  O  O   . LEU A 1 104 ? 2.885   -2.713  -3.364  1.00 15.10 ? 259 LEU A O   1 
ATOM   858  C  CB  . LEU A 1 104 ? 0.604   -5.275  -3.332  1.00 16.90 ? 259 LEU A CB  1 
ATOM   859  C  CG  . LEU A 1 104 ? -0.351  -4.083  -3.145  1.00 17.64 ? 259 LEU A CG  1 
ATOM   860  C  CD1 . LEU A 1 104 ? -1.685  -4.302  -3.876  1.00 19.27 ? 259 LEU A CD1 1 
ATOM   861  C  CD2 . LEU A 1 104 ? -0.607  -3.852  -1.654  1.00 20.52 ? 259 LEU A CD2 1 
ATOM   862  N  N   . SER A 1 105 ? 2.468   -3.893  -5.209  1.00 14.73 ? 260 SER A N   1 
ATOM   863  C  CA  . SER A 1 105 ? 2.819   -2.756  -6.037  1.00 15.20 ? 260 SER A CA  1 
ATOM   864  C  C   . SER A 1 105 ? 2.214   -2.877  -7.418  1.00 15.22 ? 260 SER A C   1 
ATOM   865  O  O   . SER A 1 105 ? 1.764   -3.967  -7.829  1.00 16.50 ? 260 SER A O   1 
ATOM   866  C  CB  . SER A 1 105 ? 4.337   -2.631  -6.143  1.00 14.33 ? 260 SER A CB  1 
ATOM   867  O  OG  . SER A 1 105 ? 4.899   -3.789  -6.740  1.00 15.28 ? 260 SER A OG  1 
ATOM   868  N  N   . PHE A 1 106 ? 2.184   -1.750  -8.110  1.00 15.66 ? 261 PHE A N   1 
ATOM   869  C  CA  . PHE A 1 106 ? 1.641   -1.684  -9.460  1.00 16.79 ? 261 PHE A CA  1 
ATOM   870  C  C   . PHE A 1 106 ? 2.611   -0.915  -10.341 1.00 17.42 ? 261 PHE A C   1 
ATOM   871  O  O   . PHE A 1 106 ? 3.253   0.037   -9.907  1.00 17.86 ? 261 PHE A O   1 
ATOM   872  C  CB  . PHE A 1 106 ? 0.296   -0.945  -9.473  1.00 17.38 ? 261 PHE A CB  1 
ATOM   873  C  CG  . PHE A 1 106 ? -0.745  -1.542  -8.561  1.00 18.02 ? 261 PHE A CG  1 
ATOM   874  C  CD1 . PHE A 1 106 ? -0.782  -1.218  -7.215  1.00 19.22 ? 261 PHE A CD1 1 
ATOM   875  C  CD2 . PHE A 1 106 ? -1.717  -2.407  -9.072  1.00 19.08 ? 261 PHE A CD2 1 
ATOM   876  C  CE1 . PHE A 1 106 ? -1.771  -1.744  -6.381  1.00 19.54 ? 261 PHE A CE1 1 
ATOM   877  C  CE2 . PHE A 1 106 ? -2.703  -2.939  -8.252  1.00 18.83 ? 261 PHE A CE2 1 
ATOM   878  C  CZ  . PHE A 1 106 ? -2.738  -2.608  -6.903  1.00 20.13 ? 261 PHE A CZ  1 
ATOM   879  N  N   . GLY A 1 107 ? 2.768   -1.348  -11.580 1.00 17.67 ? 262 GLY A N   1 
ATOM   880  C  CA  . GLY A 1 107 ? 3.630   -0.583  -12.466 1.00 17.94 ? 262 GLY A CA  1 
ATOM   881  C  C   . GLY A 1 107 ? 2.866   0.648   -12.916 1.00 17.90 ? 262 GLY A C   1 
ATOM   882  O  O   . GLY A 1 107 ? 1.663   0.586   -13.198 1.00 17.80 ? 262 GLY A O   1 
ATOM   883  N  N   . VAL A 1 108 ? 3.534   1.802   -12.972 1.00 18.31 ? 263 VAL A N   1 
ATOM   884  C  CA  . VAL A 1 108 ? 2.849   3.005   -13.409 1.00 19.26 ? 263 VAL A CA  1 
ATOM   885  C  C   . VAL A 1 108 ? 2.353   2.832   -14.841 1.00 20.07 ? 263 VAL A C   1 
ATOM   886  O  O   . VAL A 1 108 ? 1.229   3.168   -15.149 1.00 19.42 ? 263 VAL A O   1 
ATOM   887  C  CB  . VAL A 1 108 ? 3.778   4.234   -13.327 1.00 19.14 ? 263 VAL A CB  1 
ATOM   888  C  CG1 . VAL A 1 108 ? 3.152   5.411   -14.033 1.00 19.71 ? 263 VAL A CG1 1 
ATOM   889  C  CG2 . VAL A 1 108 ? 4.042   4.580   -11.865 1.00 19.43 ? 263 VAL A CG2 1 
ATOM   890  N  N   . SER A 1 109 ? 3.194   2.290   -15.702 1.00 22.04 ? 264 SER A N   1 
ATOM   891  C  CA  . SER A 1 109 ? 2.782   2.079   -17.084 1.00 24.35 ? 264 SER A CA  1 
ATOM   892  C  C   . SER A 1 109 ? 1.564   1.170   -17.170 1.00 25.21 ? 264 SER A C   1 
ATOM   893  O  O   . SER A 1 109 ? 0.684   1.375   -18.003 1.00 25.73 ? 264 SER A O   1 
ATOM   894  C  CB  . SER A 1 109 ? 3.940   1.465   -17.867 1.00 25.30 ? 264 SER A CB  1 
ATOM   895  O  OG  . SER A 1 109 ? 5.051   2.333   -17.816 1.00 28.61 ? 264 SER A OG  1 
ATOM   896  N  N   . GLU A 1 110 ? 1.514   0.153   -16.312 1.00 26.03 ? 265 GLU A N   1 
ATOM   897  C  CA  . GLU A 1 110 ? 0.389   -0.778  -16.314 1.00 26.77 ? 265 GLU A CA  1 
ATOM   898  C  C   . GLU A 1 110 ? -0.903  -0.106  -15.869 1.00 25.74 ? 265 GLU A C   1 
ATOM   899  O  O   . GLU A 1 110 ? -1.964  -0.308  -16.476 1.00 26.02 ? 265 GLU A O   1 
ATOM   900  C  CB  . GLU A 1 110 ? 0.693   -1.978  -15.411 1.00 28.81 ? 265 GLU A CB  1 
ATOM   901  C  CG  . GLU A 1 110 ? 1.671   -2.986  -16.012 1.00 32.56 ? 265 GLU A CG  1 
ATOM   902  C  CD  . GLU A 1 110 ? 3.009   -2.371  -16.416 1.00 35.29 ? 265 GLU A CD  1 
ATOM   903  O  OE1 . GLU A 1 110 ? 3.535   -2.759  -17.494 1.00 36.72 ? 265 GLU A OE1 1 
ATOM   904  O  OE2 . GLU A 1 110 ? 3.542   -1.515  -15.668 1.00 35.54 ? 265 GLU A OE2 1 
ATOM   905  N  N   . LEU A 1 111 ? -0.823  0.706   -14.813 1.00 25.09 ? 266 LEU A N   1 
ATOM   906  C  CA  . LEU A 1 111 ? -2.003  1.403   -14.322 1.00 24.44 ? 266 LEU A CA  1 
ATOM   907  C  C   . LEU A 1 111 ? -2.544  2.325   -15.398 1.00 25.36 ? 266 LEU A C   1 
ATOM   908  O  O   . LEU A 1 111 ? -3.756  2.545   -15.485 1.00 25.49 ? 266 LEU A O   1 
ATOM   909  C  CB  . LEU A 1 111 ? -1.669  2.228   -13.078 1.00 22.83 ? 266 LEU A CB  1 
ATOM   910  C  CG  . LEU A 1 111 ? -1.396  1.455   -11.790 1.00 21.54 ? 266 LEU A CG  1 
ATOM   911  C  CD1 . LEU A 1 111 ? -0.895  2.463   -10.748 1.00 21.07 ? 266 LEU A CD1 1 
ATOM   912  C  CD2 . LEU A 1 111 ? -2.657  0.723   -11.321 1.00 22.00 ? 266 LEU A CD2 1 
ATOM   913  N  N   . MET A 1 112 ? -1.641  2.873   -16.204 1.00 27.15 ? 267 MET A N   1 
ATOM   914  C  CA  . MET A 1 112 ? -2.023  3.770   -17.287 1.00 29.52 ? 267 MET A CA  1 
ATOM   915  C  C   . MET A 1 112 ? -2.861  3.020   -18.314 1.00 30.68 ? 267 MET A C   1 
ATOM   916  O  O   . MET A 1 112 ? -3.803  3.574   -18.872 1.00 31.82 ? 267 MET A O   1 
ATOM   917  C  CB  . MET A 1 112 ? -0.779  4.364   -17.943 1.00 30.56 ? 267 MET A CB  1 
ATOM   918  C  CG  . MET A 1 112 ? -0.057  5.345   -17.045 1.00 32.95 ? 267 MET A CG  1 
ATOM   919  S  SD  . MET A 1 112 ? 1.287   6.122   -17.904 1.00 36.31 ? 267 MET A SD  1 
ATOM   920  C  CE  . MET A 1 112 ? 2.644   5.667   -17.008 1.00 38.49 ? 267 MET A CE  1 
ATOM   921  N  N   . LYS A 1 113 ? -2.529  1.757   -18.539 1.00 31.62 ? 268 LYS A N   1 
ATOM   922  C  CA  . LYS A 1 113 ? -3.277  0.926   -19.485 1.00 32.46 ? 268 LYS A CA  1 
ATOM   923  C  C   . LYS A 1 113 ? -4.615  0.514   -18.872 1.00 32.41 ? 268 LYS A C   1 
ATOM   924  O  O   . LYS A 1 113 ? -5.648  0.504   -19.551 1.00 33.20 ? 268 LYS A O   1 
ATOM   925  C  CB  . LYS A 1 113 ? -2.499  -0.348  -19.833 1.00 33.20 ? 268 LYS A CB  1 
ATOM   926  C  CG  . LYS A 1 113 ? -1.209  -0.148  -20.614 1.00 34.75 ? 268 LYS A CG  1 
ATOM   927  C  CD  . LYS A 1 113 ? -0.494  -1.485  -20.797 1.00 35.35 ? 268 LYS A CD  1 
ATOM   928  C  CE  . LYS A 1 113 ? 0.896   -1.293  -21.373 1.00 36.37 ? 268 LYS A CE  1 
ATOM   929  N  NZ  . LYS A 1 113 ? 1.606   -2.588  -21.603 1.00 37.09 ? 268 LYS A NZ  1 
ATOM   930  N  N   . MET A 1 114 ? -4.594  0.156   -17.590 1.00 32.20 ? 269 MET A N   1 
ATOM   931  C  CA  . MET A 1 114 ? -5.807  -0.263  -16.904 1.00 32.09 ? 269 MET A CA  1 
ATOM   932  C  C   . MET A 1 114 ? -5.786  0.053   -15.420 1.00 30.51 ? 269 MET A C   1 
ATOM   933  O  O   . MET A 1 114 ? -4.896  -0.399  -14.695 1.00 29.33 ? 269 MET A O   1 
ATOM   934  C  CB  . MET A 1 114 ? -6.036  -1.760  -17.070 1.00 35.17 ? 269 MET A CB  1 
ATOM   935  C  CG  . MET A 1 114 ? -6.990  -2.306  -16.028 1.00 39.65 ? 269 MET A CG  1 
ATOM   936  S  SD  . MET A 1 114 ? -8.140  -3.471  -16.711 1.00 45.15 ? 269 MET A SD  1 
ATOM   937  C  CE  . MET A 1 114 ? -8.962  -2.382  -17.899 1.00 44.08 ? 269 MET A CE  1 
ATOM   938  N  N   . PRO A 1 115 ? -6.774  0.834   -14.956 1.00 30.09 ? 270 PRO A N   1 
ATOM   939  C  CA  . PRO A 1 115 ? -6.883  1.217   -13.545 1.00 29.50 ? 270 PRO A CA  1 
ATOM   940  C  C   . PRO A 1 115 ? -7.051  -0.011  -12.670 1.00 28.60 ? 270 PRO A C   1 
ATOM   941  O  O   . PRO A 1 115 ? -7.513  -1.062  -13.125 1.00 28.32 ? 270 PRO A O   1 
ATOM   942  C  CB  . PRO A 1 115 ? -8.132  2.089   -13.509 1.00 30.06 ? 270 PRO A CB  1 
ATOM   943  C  CG  . PRO A 1 115 ? -8.196  2.670   -14.889 1.00 31.24 ? 270 PRO A CG  1 
ATOM   944  C  CD  . PRO A 1 115 ? -7.790  1.523   -15.773 1.00 30.32 ? 270 PRO A CD  1 
ATOM   945  N  N   . ALA A 1 116 ? -6.680  0.138   -11.405 1.00 27.76 ? 271 ALA A N   1 
ATOM   946  C  CA  . ALA A 1 116 ? -6.800  -0.933  -10.437 1.00 26.40 ? 271 ALA A CA  1 
ATOM   947  C  C   . ALA A 1 116 ? -7.971  -0.600  -9.514  1.00 25.41 ? 271 ALA A C   1 
ATOM   948  O  O   . ALA A 1 116 ? -8.205  0.558   -9.176  1.00 23.85 ? 271 ALA A O   1 
ATOM   949  C  CB  . ALA A 1 116 ? -5.524  -1.061  -9.654  1.00 27.89 ? 271 ALA A CB  1 
ATOM   950  N  N   . SER A 1 117 ? -8.748  -1.621  -9.163  1.00 24.89 ? 272 SER A N   1 
ATOM   951  C  CA  . SER A 1 117 ? -9.880  -1.458  -8.271  1.00 25.61 ? 272 SER A CA  1 
ATOM   952  C  C   . SER A 1 117 ? -10.226 -2.809  -7.679  1.00 24.67 ? 272 SER A C   1 
ATOM   953  O  O   . SER A 1 117 ? -10.325 -3.806  -8.401  1.00 26.16 ? 272 SER A O   1 
ATOM   954  C  CB  . SER A 1 117 ? -11.112 -0.925  -9.002  1.00 26.71 ? 272 SER A CB  1 
ATOM   955  O  OG  . SER A 1 117 ? -12.187 -0.759  -8.090  1.00 28.68 ? 272 SER A OG  1 
ATOM   956  N  N   . GLY A 1 118 ? -10.383 -2.855  -6.367  1.00 23.28 ? 273 GLY A N   1 
ATOM   957  C  CA  . GLY A 1 118 ? -10.756 -4.109  -5.747  1.00 21.12 ? 273 GLY A CA  1 
ATOM   958  C  C   . GLY A 1 118 ? -9.838  -4.592  -4.654  1.00 20.11 ? 273 GLY A C   1 
ATOM   959  O  O   . GLY A 1 118 ? -8.966  -3.859  -4.189  1.00 19.61 ? 273 GLY A O   1 
ATOM   960  N  N   . TRP A 1 119 ? -10.064 -5.828  -4.235  1.00 19.35 ? 274 TRP A N   1 
ATOM   961  C  CA  . TRP A 1 119 ? -9.289  -6.482  -3.199  1.00 19.11 ? 274 TRP A CA  1 
ATOM   962  C  C   . TRP A 1 119 ? -8.003  -7.102  -3.740  1.00 18.74 ? 274 TRP A C   1 
ATOM   963  O  O   . TRP A 1 119 ? -7.979  -7.703  -4.816  1.00 19.88 ? 274 TRP A O   1 
ATOM   964  C  CB  . TRP A 1 119 ? -10.131 -7.582  -2.507  1.00 18.77 ? 274 TRP A CB  1 
ATOM   965  C  CG  . TRP A 1 119 ? -11.199 -7.045  -1.628  1.00 18.35 ? 274 TRP A CG  1 
ATOM   966  C  CD1 . TRP A 1 119 ? -12.530 -6.922  -1.914  1.00 18.53 ? 274 TRP A CD1 1 
ATOM   967  C  CD2 . TRP A 1 119 ? -11.014 -6.497  -0.312  1.00 18.73 ? 274 TRP A CD2 1 
ATOM   968  N  NE1 . TRP A 1 119 ? -13.191 -6.325  -0.855  1.00 18.37 ? 274 TRP A NE1 1 
ATOM   969  C  CE2 . TRP A 1 119 ? -12.283 -6.051  0.136   1.00 18.64 ? 274 TRP A CE2 1 
ATOM   970  C  CE3 . TRP A 1 119 ? -9.895  -6.334  0.527   1.00 18.86 ? 274 TRP A CE3 1 
ATOM   971  C  CZ2 . TRP A 1 119 ? -12.468 -5.452  1.399   1.00 19.44 ? 274 TRP A CZ2 1 
ATOM   972  C  CZ3 . TRP A 1 119 ? -10.083 -5.739  1.780   1.00 18.95 ? 274 TRP A CZ3 1 
ATOM   973  C  CH2 . TRP A 1 119 ? -11.360 -5.305  2.198   1.00 20.10 ? 274 TRP A CH2 1 
ATOM   974  N  N   . TYR A 1 120 ? -6.941  -6.972  -2.949  1.00 18.15 ? 275 TYR A N   1 
ATOM   975  C  CA  . TYR A 1 120 ? -5.614  -7.489  -3.284  1.00 17.84 ? 275 TYR A CA  1 
ATOM   976  C  C   . TYR A 1 120 ? -5.009  -8.235  -2.125  1.00 18.11 ? 275 TYR A C   1 
ATOM   977  O  O   . TYR A 1 120 ? -5.186  -7.839  -0.968  1.00 17.70 ? 275 TYR A O   1 
ATOM   978  C  CB  . TYR A 1 120 ? -4.648  -6.344  -3.663  1.00 17.29 ? 275 TYR A CB  1 
ATOM   979  C  CG  . TYR A 1 120 ? -4.983  -5.668  -4.958  1.00 17.62 ? 275 TYR A CG  1 
ATOM   980  C  CD1 . TYR A 1 120 ? -5.930  -4.631  -5.015  1.00 17.49 ? 275 TYR A CD1 1 
ATOM   981  C  CD2 . TYR A 1 120 ? -4.428  -6.135  -6.158  1.00 18.96 ? 275 TYR A CD2 1 
ATOM   982  C  CE1 . TYR A 1 120 ? -6.324  -4.086  -6.240  1.00 18.61 ? 275 TYR A CE1 1 
ATOM   983  C  CE2 . TYR A 1 120 ? -4.816  -5.596  -7.377  1.00 18.70 ? 275 TYR A CE2 1 
ATOM   984  C  CZ  . TYR A 1 120 ? -5.766  -4.581  -7.411  1.00 20.00 ? 275 TYR A CZ  1 
ATOM   985  O  OH  . TYR A 1 120 ? -6.221  -4.094  -8.613  1.00 21.52 ? 275 TYR A OH  1 
ATOM   986  N  N   . LYS A 1 121 ? -4.268  -9.296  -2.428  1.00 19.14 ? 276 LYS A N   1 
ATOM   987  C  CA  . LYS A 1 121 ? -3.607  -10.121 -1.429  1.00 20.73 ? 276 LYS A CA  1 
ATOM   988  C  C   . LYS A 1 121 ? -2.319  -9.442  -0.966  1.00 20.39 ? 276 LYS A C   1 
ATOM   989  O  O   . LYS A 1 121 ? -1.536  -8.972  -1.788  1.00 21.27 ? 276 LYS A O   1 
ATOM   990  C  CB  . LYS A 1 121 ? -3.304  -11.498 -2.032  1.00 22.73 ? 276 LYS A CB  1 
ATOM   991  C  CG  . LYS A 1 121 ? -2.572  -12.424 -1.093  1.00 25.70 ? 276 LYS A CG  1 
ATOM   992  C  CD  . LYS A 1 121 ? -2.251  -13.756 -1.751  1.00 28.20 ? 276 LYS A CD  1 
ATOM   993  C  CE  . LYS A 1 121 ? -1.355  -14.587 -0.853  1.00 29.93 ? 276 LYS A CE  1 
ATOM   994  N  NZ  . LYS A 1 121 ? -0.905  -15.830 -1.550  1.00 32.64 ? 276 LYS A NZ  1 
ATOM   995  N  N   . LEU A 1 122 ? -2.106  -9.347  0.348   1.00 19.27 ? 277 LEU A N   1 
ATOM   996  C  CA  . LEU A 1 122 ? -0.889  -8.709  0.829   1.00 17.97 ? 277 LEU A CA  1 
ATOM   997  C  C   . LEU A 1 122 ? 0.251   -9.692  0.773   1.00 17.68 ? 277 LEU A C   1 
ATOM   998  O  O   . LEU A 1 122 ? 0.109   -10.861 1.146   1.00 17.98 ? 277 LEU A O   1 
ATOM   999  C  CB  . LEU A 1 122 ? -1.067  -8.172  2.244   1.00 17.24 ? 277 LEU A CB  1 
ATOM   1000 C  CG  . LEU A 1 122 ? -2.027  -6.992  2.325   1.00 16.57 ? 277 LEU A CG  1 
ATOM   1001 C  CD1 . LEU A 1 122 ? -2.451  -6.817  3.780   1.00 15.81 ? 277 LEU A CD1 1 
ATOM   1002 C  CD2 . LEU A 1 122 ? -1.371  -5.713  1.806   1.00 16.30 ? 277 LEU A CD2 1 
ATOM   1003 N  N   . LEU A 1 123 ? 1.386   -9.191  0.303   1.00 17.25 ? 278 LEU A N   1 
ATOM   1004 C  CA  . LEU A 1 123 ? 2.590   -9.966  0.083   1.00 17.52 ? 278 LEU A CA  1 
ATOM   1005 C  C   . LEU A 1 123 ? 3.709   -9.614  1.036   1.00 17.32 ? 278 LEU A C   1 
ATOM   1006 O  O   . LEU A 1 123 ? 3.599   -8.675  1.833   1.00 16.46 ? 278 LEU A O   1 
ATOM   1007 C  CB  . LEU A 1 123 ? 3.061   -9.722  -1.360  1.00 18.37 ? 278 LEU A CB  1 
ATOM   1008 C  CG  . LEU A 1 123 ? 2.002   -9.884  -2.455  1.00 20.10 ? 278 LEU A CG  1 
ATOM   1009 C  CD1 . LEU A 1 123 ? 2.535   -9.362  -3.789  1.00 20.03 ? 278 LEU A CD1 1 
ATOM   1010 C  CD2 . LEU A 1 123 ? 1.621   -11.358 -2.581  1.00 21.51 ? 278 LEU A CD2 1 
ATOM   1011 N  N   . ASN A 1 124 ? 4.810   -10.353 0.977   1.00 17.98 ? 279 ASN A N   1 
ATOM   1012 C  CA  . ASN A 1 124 ? 5.905   -10.017 1.855   1.00 19.73 ? 279 ASN A CA  1 
ATOM   1013 C  C   . ASN A 1 124 ? 6.630   -8.793  1.290   1.00 19.75 ? 279 ASN A C   1 
ATOM   1014 O  O   . ASN A 1 124 ? 6.317   -8.331  0.176   1.00 19.79 ? 279 ASN A O   1 
ATOM   1015 C  CB  . ASN A 1 124 ? 6.824   -11.222 2.137   1.00 22.06 ? 279 ASN A CB  1 
ATOM   1016 C  CG  . ASN A 1 124 ? 7.677   -11.609 0.971   1.00 24.71 ? 279 ASN A CG  1 
ATOM   1017 O  OD1 . ASN A 1 124 ? 7.985   -10.791 0.111   1.00 26.81 ? 279 ASN A OD1 1 
ATOM   1018 N  ND2 . ASN A 1 124 ? 8.104   -12.873 0.952   1.00 27.20 ? 279 ASN A ND2 1 
ATOM   1019 N  N   . GLN A 1 125 ? 7.565   -8.247  2.053   1.00 20.20 ? 280 GLN A N   1 
ATOM   1020 C  CA  . GLN A 1 125 ? 8.206   -7.006  1.641   1.00 21.14 ? 280 GLN A CA  1 
ATOM   1021 C  C   . GLN A 1 125 ? 8.960   -7.017  0.326   1.00 21.75 ? 280 GLN A C   1 
ATOM   1022 O  O   . GLN A 1 125 ? 8.869   -6.057  -0.443  1.00 20.95 ? 280 GLN A O   1 
ATOM   1023 C  CB  . GLN A 1 125 ? 9.101   -6.488  2.755   1.00 21.52 ? 280 GLN A CB  1 
ATOM   1024 C  CG  . GLN A 1 125 ? 9.279   -4.977  2.730   1.00 22.97 ? 280 GLN A CG  1 
ATOM   1025 C  CD  . GLN A 1 125 ? 10.123  -4.468  3.887   1.00 24.28 ? 280 GLN A CD  1 
ATOM   1026 O  OE1 . GLN A 1 125 ? 10.195  -5.095  4.950   1.00 26.28 ? 280 GLN A OE1 1 
ATOM   1027 N  NE2 . GLN A 1 125 ? 10.747  -3.317  3.696   1.00 26.50 ? 280 GLN A NE2 1 
ATOM   1028 N  N   . GLU A 1 126 ? 9.696   -8.092  0.062   1.00 22.87 ? 281 GLU A N   1 
ATOM   1029 C  CA  . GLU A 1 126 ? 10.440  -8.178  -1.204  1.00 24.79 ? 281 GLU A CA  1 
ATOM   1030 C  C   . GLU A 1 126 ? 9.475   -8.356  -2.364  1.00 24.10 ? 281 GLU A C   1 
ATOM   1031 O  O   . GLU A 1 126 ? 9.498   -7.594  -3.332  1.00 24.17 ? 281 GLU A O   1 
ATOM   1032 C  CB  . GLU A 1 126 ? 11.413  -9.356  -1.197  1.00 27.36 ? 281 GLU A CB  1 
ATOM   1033 C  CG  . GLU A 1 126 ? 12.249  -9.443  -2.485  1.00 32.08 ? 281 GLU A CG  1 
ATOM   1034 C  CD  . GLU A 1 126 ? 13.034  -10.753 -2.609  1.00 34.77 ? 281 GLU A CD  1 
ATOM   1035 O  OE1 . GLU A 1 126 ? 12.801  -11.506 -3.590  1.00 35.33 ? 281 GLU A OE1 1 
ATOM   1036 O  OE2 . GLU A 1 126 ? 13.876  -11.032 -1.727  1.00 36.82 ? 281 GLU A OE2 1 
ATOM   1037 N  N   . GLU A 1 127 ? 8.642   -9.382  -2.267  1.00 23.41 ? 282 GLU A N   1 
ATOM   1038 C  CA  . GLU A 1 127 ? 7.639   -9.666  -3.283  1.00 22.82 ? 282 GLU A CA  1 
ATOM   1039 C  C   . GLU A 1 127 ? 6.798   -8.444  -3.629  1.00 21.37 ? 282 GLU A C   1 
ATOM   1040 O  O   . GLU A 1 127 ? 6.529   -8.155  -4.803  1.00 21.53 ? 282 GLU A O   1 
ATOM   1041 C  CB  . GLU A 1 127 ? 6.677   -10.730 -2.772  1.00 23.94 ? 282 GLU A CB  1 
ATOM   1042 C  CG  . GLU A 1 127 ? 7.354   -11.981 -2.316  1.00 27.04 ? 282 GLU A CG  1 
ATOM   1043 C  CD  . GLU A 1 127 ? 6.395   -12.927 -1.631  1.00 27.06 ? 282 GLU A CD  1 
ATOM   1044 O  OE1 . GLU A 1 127 ? 5.402   -12.470 -1.003  1.00 25.18 ? 282 GLU A OE1 1 
ATOM   1045 O  OE2 . GLU A 1 127 ? 6.641   -14.145 -1.713  1.00 26.24 ? 282 GLU A OE2 1 
ATOM   1046 N  N   . GLY A 1 128 ? 6.374   -7.733  -2.583  1.00 19.56 ? 283 GLY A N   1 
ATOM   1047 C  CA  . GLY A 1 128 ? 5.508   -6.600  -2.770  1.00 17.48 ? 283 GLY A CA  1 
ATOM   1048 C  C   . GLY A 1 128 ? 6.055   -5.530  -3.673  1.00 16.29 ? 283 GLY A C   1 
ATOM   1049 O  O   . GLY A 1 128 ? 5.283   -4.814  -4.291  1.00 16.57 ? 283 GLY A O   1 
ATOM   1050 N  N   . GLU A 1 129 ? 7.372   -5.398  -3.744  1.00 15.39 ? 284 GLU A N   1 
ATOM   1051 C  CA  . GLU A 1 129 ? 7.924   -4.363  -4.629  1.00 16.11 ? 284 GLU A CA  1 
ATOM   1052 C  C   . GLU A 1 129 ? 7.876   -4.745  -6.110  1.00 15.81 ? 284 GLU A C   1 
ATOM   1053 O  O   . GLU A 1 129 ? 8.169   -3.918  -6.964  1.00 15.36 ? 284 GLU A O   1 
ATOM   1054 C  CB  . GLU A 1 129 ? 9.387   -4.082  -4.283  1.00 17.59 ? 284 GLU A CB  1 
ATOM   1055 C  CG  . GLU A 1 129 ? 9.630   -3.459  -2.933  1.00 22.21 ? 284 GLU A CG  1 
ATOM   1056 C  CD  . GLU A 1 129 ? 11.110  -3.161  -2.675  1.00 25.73 ? 284 GLU A CD  1 
ATOM   1057 O  OE1 . GLU A 1 129 ? 11.956  -3.465  -3.538  1.00 28.96 ? 284 GLU A OE1 1 
ATOM   1058 O  OE2 . GLU A 1 129 ? 11.429  -2.629  -1.591  1.00 29.10 ? 284 GLU A OE2 1 
ATOM   1059 N  N   . TYR A 1 130 ? 7.495   -5.989  -6.403  1.00 16.38 ? 285 TYR A N   1 
ATOM   1060 C  CA  . TYR A 1 130 ? 7.509   -6.497  -7.774  1.00 16.73 ? 285 TYR A CA  1 
ATOM   1061 C  C   . TYR A 1 130 ? 6.197   -6.841  -8.442  1.00 17.07 ? 285 TYR A C   1 
ATOM   1062 O  O   . TYR A 1 130 ? 6.121   -6.824  -9.657  1.00 17.80 ? 285 TYR A O   1 
ATOM   1063 C  CB  . TYR A 1 130 ? 8.386   -7.753  -7.849  1.00 16.70 ? 285 TYR A CB  1 
ATOM   1064 C  CG  . TYR A 1 130 ? 9.843   -7.535  -7.601  1.00 17.22 ? 285 TYR A CG  1 
ATOM   1065 C  CD1 . TYR A 1 130 ? 10.703  -7.181  -8.642  1.00 18.47 ? 285 TYR A CD1 1 
ATOM   1066 C  CD2 . TYR A 1 130 ? 10.381  -7.702  -6.330  1.00 19.25 ? 285 TYR A CD2 1 
ATOM   1067 C  CE1 . TYR A 1 130 ? 12.058  -7.000  -8.410  1.00 19.38 ? 285 TYR A CE1 1 
ATOM   1068 C  CE2 . TYR A 1 130 ? 11.735  -7.524  -6.090  1.00 18.71 ? 285 TYR A CE2 1 
ATOM   1069 C  CZ  . TYR A 1 130 ? 12.567  -7.173  -7.137  1.00 20.47 ? 285 TYR A CZ  1 
ATOM   1070 O  OH  . TYR A 1 130 ? 13.909  -6.997  -6.872  1.00 22.09 ? 285 TYR A OH  1 
ATOM   1071 N  N   . TYR A 1 131 ? 5.176   -7.206  -7.676  1.00 17.23 ? 286 TYR A N   1 
ATOM   1072 C  CA  . TYR A 1 131 ? 3.909   -7.549  -8.302  1.00 17.50 ? 286 TYR A CA  1 
ATOM   1073 C  C   . TYR A 1 131 ? 2.750   -7.359  -7.354  1.00 17.76 ? 286 TYR A C   1 
ATOM   1074 O  O   . TYR A 1 131 ? 2.904   -6.814  -6.235  1.00 17.97 ? 286 TYR A O   1 
ATOM   1075 C  CB  . TYR A 1 131 ? 3.941   -9.009  -8.812  1.00 17.54 ? 286 TYR A CB  1 
ATOM   1076 C  CG  . TYR A 1 131 ? 4.126   -10.076 -7.750  1.00 17.09 ? 286 TYR A CG  1 
ATOM   1077 C  CD1 . TYR A 1 131 ? 3.044   -10.888 -7.363  1.00 17.61 ? 286 TYR A CD1 1 
ATOM   1078 C  CD2 . TYR A 1 131 ? 5.370   -10.296 -7.146  1.00 17.37 ? 286 TYR A CD2 1 
ATOM   1079 C  CE1 . TYR A 1 131 ? 3.195   -11.890 -6.416  1.00 18.04 ? 286 TYR A CE1 1 
ATOM   1080 C  CE2 . TYR A 1 131 ? 5.536   -11.298 -6.193  1.00 19.23 ? 286 TYR A CE2 1 
ATOM   1081 C  CZ  . TYR A 1 131 ? 4.442   -12.099 -5.830  1.00 18.38 ? 286 TYR A CZ  1 
ATOM   1082 O  OH  . TYR A 1 131 ? 4.599   -13.118 -4.912  1.00 20.50 ? 286 TYR A OH  1 
ATOM   1083 N  N   . ASN A 1 132 ? 1.565   -7.725  -7.829  1.00 18.12 ? 287 ASN A N   1 
ATOM   1084 C  CA  . ASN A 1 132 ? 0.365   -7.670  -7.011  1.00 18.25 ? 287 ASN A CA  1 
ATOM   1085 C  C   . ASN A 1 132 ? -0.453  -8.914  -7.398  1.00 18.15 ? 287 ASN A C   1 
ATOM   1086 O  O   . ASN A 1 132 ? -0.192  -9.556  -8.429  1.00 18.56 ? 287 ASN A O   1 
ATOM   1087 C  CB  . ASN A 1 132 ? -0.438  -6.375  -7.252  1.00 18.42 ? 287 ASN A CB  1 
ATOM   1088 C  CG  . ASN A 1 132 ? -0.914  -6.223  -8.693  1.00 19.77 ? 287 ASN A CG  1 
ATOM   1089 O  OD1 . ASN A 1 132 ? -1.896  -6.855  -9.107  1.00 19.53 ? 287 ASN A OD1 1 
ATOM   1090 N  ND2 . ASN A 1 132 ? -0.227  -5.389  -9.457  1.00 18.90 ? 287 ASN A ND2 1 
ATOM   1091 N  N   . VAL A 1 133 ? -1.422  -9.239  -6.560  1.00 18.34 ? 288 VAL A N   1 
ATOM   1092 C  CA  . VAL A 1 133 ? -2.283  -10.399 -6.759  1.00 18.77 ? 288 VAL A CA  1 
ATOM   1093 C  C   . VAL A 1 133 ? -3.717  -10.015 -6.454  1.00 18.96 ? 288 VAL A C   1 
ATOM   1094 O  O   . VAL A 1 133 ? -4.127  -9.929  -5.295  1.00 18.98 ? 288 VAL A O   1 
ATOM   1095 C  CB  . VAL A 1 133 ? -1.854  -11.549 -5.844  1.00 19.19 ? 288 VAL A CB  1 
ATOM   1096 C  CG1 . VAL A 1 133 ? -2.754  -12.784 -6.086  1.00 19.94 ? 288 VAL A CG1 1 
ATOM   1097 C  CG2 . VAL A 1 133 ? -0.399  -11.900 -6.115  1.00 18.22 ? 288 VAL A CG2 1 
ATOM   1098 N  N   . PRO A 1 134 ? -4.502  -9.763  -7.494  1.00 19.76 ? 289 PRO A N   1 
ATOM   1099 C  CA  . PRO A 1 134 ? -5.901  -9.392  -7.251  1.00 20.33 ? 289 PRO A CA  1 
ATOM   1100 C  C   . PRO A 1 134 ? -6.643  -10.617 -6.715  1.00 20.86 ? 289 PRO A C   1 
ATOM   1101 O  O   . PRO A 1 134 ? -6.296  -11.736 -7.054  1.00 21.34 ? 289 PRO A O   1 
ATOM   1102 C  CB  . PRO A 1 134 ? -6.409  -9.002  -8.638  1.00 20.49 ? 289 PRO A CB  1 
ATOM   1103 C  CG  . PRO A 1 134 ? -5.150  -8.655  -9.412  1.00 21.09 ? 289 PRO A CG  1 
ATOM   1104 C  CD  . PRO A 1 134 ? -4.138  -9.638  -8.915  1.00 19.85 ? 289 PRO A CD  1 
ATOM   1105 N  N   . ILE A 1 135 ? -7.651  -10.412 -5.874  1.00 21.75 ? 290 ILE A N   1 
ATOM   1106 C  CA  . ILE A 1 135 ? -8.435  -11.544 -5.390  1.00 23.22 ? 290 ILE A CA  1 
ATOM   1107 C  C   . ILE A 1 135 ? -9.918  -11.223 -5.542  1.00 24.31 ? 290 ILE A C   1 
ATOM   1108 O  O   . ILE A 1 135 ? -10.655 -11.072 -4.567  1.00 23.46 ? 290 ILE A O   1 
ATOM   1109 C  CB  . ILE A 1 135 ? -8.079  -11.935 -3.925  1.00 23.46 ? 290 ILE A CB  1 
ATOM   1110 C  CG1 . ILE A 1 135 ? -7.929  -10.708 -3.028  1.00 24.62 ? 290 ILE A CG1 1 
ATOM   1111 C  CG2 . ILE A 1 135 ? -6.776  -12.705 -3.913  1.00 23.74 ? 290 ILE A CG2 1 
ATOM   1112 C  CD1 . ILE A 1 135 ? -7.602  -11.073 -1.586  1.00 25.85 ? 290 ILE A CD1 1 
ATOM   1113 N  N   . PRO A 1 136 ? -10.373 -11.105 -6.793  1.00 26.60 ? 291 PRO A N   1 
ATOM   1114 C  CA  . PRO A 1 136 ? -11.763 -10.803 -7.157  1.00 28.31 ? 291 PRO A CA  1 
ATOM   1115 C  C   . PRO A 1 136 ? -12.723 -11.946 -6.793  1.00 30.20 ? 291 PRO A C   1 
ATOM   1116 O  O   . PRO A 1 136 ? -13.916 -11.707 -6.548  1.00 30.26 ? 291 PRO A O   1 
ATOM   1117 C  CB  . PRO A 1 136 ? -11.674 -10.588 -8.665  1.00 29.02 ? 291 PRO A CB  1 
ATOM   1118 C  CG  . PRO A 1 136 ? -10.595 -11.585 -9.060  1.00 29.23 ? 291 PRO A CG  1 
ATOM   1119 C  CD  . PRO A 1 136 ? -9.552  -11.297 -8.006  1.00 27.01 ? 291 PRO A CD  1 
ATOM   1120 N  N   . GLU A 1 137 ? -12.191 -13.173 -6.753  1.00 32.27 ? 292 GLU A N   1 
ATOM   1121 C  CA  . GLU A 1 137 ? -12.986 -14.365 -6.438  1.00 34.01 ? 292 GLU A CA  1 
ATOM   1122 C  C   . GLU A 1 137 ? -13.613 -14.343 -5.042  1.00 34.46 ? 292 GLU A C   1 
ATOM   1123 O  O   . GLU A 1 137 ? -14.727 -14.898 -4.898  1.00 34.84 ? 292 GLU A O   1 
ATOM   1124 C  CB  . GLU A 1 137 ? -12.156 -15.656 -6.611  1.00 35.25 ? 292 GLU A CB  1 
ATOM   1125 C  CG  . GLU A 1 137 ? -11.005 -15.847 -5.615  1.00 37.10 ? 292 GLU A CG  1 
ATOM   1126 C  CD  . GLU A 1 137 ? -9.686  -15.293 -6.131  1.00 37.54 ? 292 GLU A CD  1 
ATOM   1127 O  OE1 . GLU A 1 137 ? -9.708  -14.278 -6.867  1.00 36.37 ? 292 GLU A OE1 1 
ATOM   1128 O  OE2 . GLU A 1 137 ? -8.630  -15.869 -5.787  1.00 37.87 ? 292 GLU A OE2 1 
ATOM   1129 O  OXT . GLU A 1 137 ? -12.989 -13.795 -4.109  1.00 34.22 ? 292 GLU A OXT 1 
HETATM 1130 PB PB  . PB  B 2 .   ? 2.006   -1.488  17.420  1.00 15.85 ? 1   PB  A PB  1 
HETATM 1131 PB PB  . PB  C 2 .   ? 5.198   -3.857  16.271  1.00 24.65 ? 2   PB  A PB  1 
HETATM 1132 S  S   . SO4 D 3 .   ? -17.572 -4.327  6.246   1.00 34.85 ? 293 SO4 A S   1 
HETATM 1133 O  O1  . SO4 D 3 .   ? -17.002 -4.749  7.541   1.00 36.72 ? 293 SO4 A O1  1 
HETATM 1134 O  O2  . SO4 D 3 .   ? -18.960 -4.798  6.165   1.00 35.45 ? 293 SO4 A O2  1 
HETATM 1135 O  O3  . SO4 D 3 .   ? -17.588 -2.852  6.166   1.00 36.57 ? 293 SO4 A O3  1 
HETATM 1136 O  O4  . SO4 D 3 .   ? -16.785 -4.865  5.111   1.00 36.56 ? 293 SO4 A O4  1 
HETATM 1137 S  S   . SO4 E 3 .   ? -16.822 -11.202 0.620   1.00 21.69 ? 294 SO4 A S   1 
HETATM 1138 O  O1  . SO4 E 3 .   ? -16.496 -11.356 2.043   1.00 23.62 ? 294 SO4 A O1  1 
HETATM 1139 O  O2  . SO4 E 3 .   ? -18.298 -11.188 0.446   1.00 21.47 ? 294 SO4 A O2  1 
HETATM 1140 O  O3  . SO4 E 3 .   ? -16.210 -9.987  0.043   1.00 24.21 ? 294 SO4 A O3  1 
HETATM 1141 O  O4  . SO4 E 3 .   ? -16.302 -12.368 -0.137  1.00 23.30 ? 294 SO4 A O4  1 
HETATM 1142 S  S   . SO4 F 3 .   ? -20.525 -8.995  5.687   1.00 33.44 ? 3   SO4 A S   1 
HETATM 1143 O  O1  . SO4 F 3 .   ? -20.689 -8.894  7.145   1.00 35.04 ? 3   SO4 A O1  1 
HETATM 1144 O  O2  . SO4 F 3 .   ? -21.556 -9.857  5.093   1.00 34.69 ? 3   SO4 A O2  1 
HETATM 1145 O  O3  . SO4 F 3 .   ? -20.666 -7.676  5.082   1.00 34.93 ? 3   SO4 A O3  1 
HETATM 1146 O  O4  . SO4 F 3 .   ? -19.213 -9.607  5.378   1.00 34.03 ? 3   SO4 A O4  1 
HETATM 1147 S  S   . SO4 G 3 .   ? 2.032   -4.662  -12.731 1.00 27.13 ? 4   SO4 A S   1 
HETATM 1148 O  O1  . SO4 G 3 .   ? 2.391   -5.537  -11.575 1.00 27.07 ? 4   SO4 A O1  1 
HETATM 1149 O  O2  . SO4 G 3 .   ? 0.885   -3.798  -12.399 1.00 28.64 ? 4   SO4 A O2  1 
HETATM 1150 O  O3  . SO4 G 3 .   ? 3.205   -3.839  -13.112 1.00 29.08 ? 4   SO4 A O3  1 
HETATM 1151 O  O4  . SO4 G 3 .   ? 1.668   -5.501  -13.900 1.00 29.69 ? 4   SO4 A O4  1 
HETATM 1152 O  O   . HOH H 4 .   ? -12.437 -7.500  -5.511  1.00 17.77 ? 5   HOH A O   1 
HETATM 1153 O  O   . HOH H 4 .   ? 10.019  8.641   -7.129  1.00 17.53 ? 6   HOH A O   1 
HETATM 1154 O  O   . HOH H 4 .   ? 0.463   7.222   10.144  1.00 15.31 ? 7   HOH A O   1 
HETATM 1155 O  O   . HOH H 4 .   ? 5.821   -2.402  -2.302  1.00 17.30 ? 8   HOH A O   1 
HETATM 1156 O  O   . HOH H 4 .   ? 7.059   -4.025  -0.428  1.00 16.78 ? 9   HOH A O   1 
HETATM 1157 O  O   . HOH H 4 .   ? -8.088  7.408   7.854   1.00 18.55 ? 10  HOH A O   1 
HETATM 1158 O  O   . HOH H 4 .   ? -2.263  13.501  -1.939  1.00 17.75 ? 11  HOH A O   1 
HETATM 1159 O  O   . HOH H 4 .   ? 5.470   2.110   0.080   1.00 16.24 ? 12  HOH A O   1 
HETATM 1160 O  O   . HOH H 4 .   ? -1.391  -7.971  -4.094  1.00 19.00 ? 13  HOH A O   1 
HETATM 1161 O  O   . HOH H 4 .   ? -2.084  9.004   12.607  1.00 22.20 ? 14  HOH A O   1 
HETATM 1162 O  O   . HOH H 4 .   ? 13.786  10.339  -5.598  1.00 18.66 ? 15  HOH A O   1 
HETATM 1163 O  O   . HOH H 4 .   ? 1.169   4.608   25.598  1.00 21.05 ? 16  HOH A O   1 
HETATM 1164 O  O   . HOH H 4 .   ? 0.126   -4.442  22.647  1.00 23.35 ? 17  HOH A O   1 
HETATM 1165 O  O   . HOH H 4 .   ? -1.121  15.694  -4.680  1.00 22.56 ? 18  HOH A O   1 
HETATM 1166 O  O   . HOH H 4 .   ? -2.949  10.786  5.955   1.00 19.97 ? 19  HOH A O   1 
HETATM 1167 O  O   . HOH H 4 .   ? -5.574  4.353   -15.050 1.00 26.32 ? 20  HOH A O   1 
HETATM 1168 O  O   . HOH H 4 .   ? -0.676  -8.101  7.627   1.00 20.50 ? 21  HOH A O   1 
HETATM 1169 O  O   . HOH H 4 .   ? 1.337   -8.120  -10.865 1.00 25.37 ? 22  HOH A O   1 
HETATM 1170 O  O   . HOH H 4 .   ? 13.705  3.567   -3.561  1.00 18.93 ? 23  HOH A O   1 
HETATM 1171 O  O   . HOH H 4 .   ? -2.161  -2.728  19.065  1.00 19.57 ? 24  HOH A O   1 
HETATM 1172 O  O   . HOH H 4 .   ? 11.959  13.570  -15.659 1.00 27.91 ? 25  HOH A O   1 
HETATM 1173 O  O   . HOH H 4 .   ? 2.170   0.848   19.713  1.00 26.27 ? 26  HOH A O   1 
HETATM 1174 O  O   . HOH H 4 .   ? -8.761  7.345   10.590  1.00 23.67 ? 27  HOH A O   1 
HETATM 1175 O  O   . HOH H 4 .   ? 6.745   -20.019 2.071   1.00 22.88 ? 28  HOH A O   1 
HETATM 1176 O  O   . HOH H 4 .   ? -6.873  10.734  -5.364  1.00 20.93 ? 29  HOH A O   1 
HETATM 1177 O  O   . HOH H 4 .   ? 10.583  -3.246  -8.037  1.00 23.76 ? 30  HOH A O   1 
HETATM 1178 O  O   . HOH H 4 .   ? 6.200   6.675   12.824  1.00 23.61 ? 31  HOH A O   1 
HETATM 1179 O  O   . HOH H 4 .   ? 8.860   0.332   -0.991  1.00 22.40 ? 32  HOH A O   1 
HETATM 1180 O  O   . HOH H 4 .   ? 0.958   11.753  3.701   1.00 22.48 ? 33  HOH A O   1 
HETATM 1181 O  O   . HOH H 4 .   ? 7.450   -2.317  -13.234 1.00 24.66 ? 34  HOH A O   1 
HETATM 1182 O  O   . HOH H 4 .   ? -11.964 -14.948 -2.076  1.00 32.26 ? 35  HOH A O   1 
HETATM 1183 O  O   . HOH H 4 .   ? 7.537   2.191   1.920   1.00 25.95 ? 36  HOH A O   1 
HETATM 1184 O  O   . HOH H 4 .   ? -11.922 -3.602  6.867   1.00 24.05 ? 37  HOH A O   1 
HETATM 1185 O  O   . HOH H 4 .   ? -16.027 -5.800  -1.428  1.00 30.38 ? 38  HOH A O   1 
HETATM 1186 O  O   . HOH H 4 .   ? -9.714  -5.984  14.417  1.00 22.48 ? 39  HOH A O   1 
HETATM 1187 O  O   . HOH H 4 .   ? 8.224   -6.052  -11.375 1.00 23.36 ? 40  HOH A O   1 
HETATM 1188 O  O   . HOH H 4 .   ? 5.970   1.682   -14.946 1.00 23.73 ? 41  HOH A O   1 
HETATM 1189 O  O   . HOH H 4 .   ? -14.803 -8.299  1.642   1.00 22.47 ? 42  HOH A O   1 
HETATM 1190 O  O   . HOH H 4 .   ? -5.760  11.605  3.805   1.00 29.11 ? 43  HOH A O   1 
HETATM 1191 O  O   . HOH H 4 .   ? -8.303  11.615  1.854   1.00 29.04 ? 44  HOH A O   1 
HETATM 1192 O  O   . HOH H 4 .   ? 10.619  0.207   -11.391 1.00 31.52 ? 45  HOH A O   1 
HETATM 1193 O  O   . HOH H 4 .   ? 10.537  -9.865  2.173   1.00 24.63 ? 46  HOH A O   1 
HETATM 1194 O  O   . HOH H 4 .   ? 4.671   -4.152  19.691  1.00 31.91 ? 47  HOH A O   1 
HETATM 1195 O  O   . HOH H 4 .   ? 4.689   -7.275  -12.014 1.00 25.40 ? 48  HOH A O   1 
HETATM 1196 O  O   . HOH H 4 .   ? -12.742 5.368   8.411   1.00 26.53 ? 49  HOH A O   1 
HETATM 1197 O  O   . HOH H 4 .   ? -0.239  -4.295  25.412  1.00 27.06 ? 50  HOH A O   1 
HETATM 1198 O  O   . HOH H 4 .   ? -3.152  -8.201  26.400  1.00 26.40 ? 51  HOH A O   1 
HETATM 1199 O  O   . HOH H 4 .   ? 0.648   8.069   13.819  1.00 27.02 ? 52  HOH A O   1 
HETATM 1200 O  O   . HOH H 4 .   ? -1.290  16.972  -7.212  1.00 23.67 ? 53  HOH A O   1 
HETATM 1201 O  O   . HOH H 4 .   ? -0.824  -1.814  21.516  1.00 25.07 ? 54  HOH A O   1 
HETATM 1202 O  O   . HOH H 4 .   ? -10.303 -3.535  17.390  1.00 27.17 ? 55  HOH A O   1 
HETATM 1203 O  O   . HOH H 4 .   ? 5.444   -0.392  20.623  1.00 28.14 ? 56  HOH A O   1 
HETATM 1204 O  O   . HOH H 4 .   ? 10.091  -7.500  5.975   1.00 30.63 ? 57  HOH A O   1 
HETATM 1205 O  O   . HOH H 4 .   ? -2.143  -12.183 2.321   1.00 23.93 ? 58  HOH A O   1 
HETATM 1206 O  O   . HOH H 4 .   ? -9.739  -7.686  -7.017  1.00 25.76 ? 59  HOH A O   1 
HETATM 1207 O  O   . HOH H 4 .   ? 8.626   -9.495  4.525   1.00 25.18 ? 60  HOH A O   1 
HETATM 1208 O  O   . HOH H 4 .   ? -8.899  10.199  7.747   1.00 31.13 ? 61  HOH A O   1 
HETATM 1209 O  O   . HOH H 4 .   ? 12.763  9.351   -7.938  1.00 25.31 ? 62  HOH A O   1 
HETATM 1210 O  O   . HOH H 4 .   ? 10.981  -0.508  -8.656  1.00 26.49 ? 63  HOH A O   1 
HETATM 1211 O  O   . HOH H 4 .   ? 17.730  4.356   -7.501  1.00 30.99 ? 64  HOH A O   1 
HETATM 1212 O  O   . HOH H 4 .   ? -15.499 -10.161 4.153   1.00 27.71 ? 65  HOH A O   1 
HETATM 1213 O  O   . HOH H 4 .   ? -6.572  5.184   16.362  1.00 28.87 ? 66  HOH A O   1 
HETATM 1214 O  O   . HOH H 4 .   ? -12.119 -13.241 4.200   1.00 36.11 ? 67  HOH A O   1 
HETATM 1215 O  O   . HOH H 4 .   ? -16.596 -12.328 -6.816  1.00 29.22 ? 68  HOH A O   1 
HETATM 1216 O  O   . HOH H 4 .   ? 9.812   -5.046  9.903   1.00 25.41 ? 69  HOH A O   1 
HETATM 1217 O  O   . HOH H 4 .   ? 3.038   6.655   10.845  1.00 26.59 ? 70  HOH A O   1 
HETATM 1218 O  O   . HOH H 4 .   ? 19.521  14.997  -9.264  1.00 35.53 ? 71  HOH A O   1 
HETATM 1219 O  O   . HOH H 4 .   ? -6.220  -11.409 11.388  1.00 32.89 ? 72  HOH A O   1 
HETATM 1220 O  O   . HOH H 4 .   ? -10.006 2.456   -10.301 1.00 32.42 ? 73  HOH A O   1 
HETATM 1221 O  O   . HOH H 4 .   ? -12.440 4.296   0.222   1.00 34.27 ? 74  HOH A O   1 
HETATM 1222 O  O   . HOH H 4 .   ? -5.777  -0.218  22.799  1.00 30.66 ? 75  HOH A O   1 
HETATM 1223 O  O   . HOH H 4 .   ? 7.110   -4.129  18.029  1.00 28.32 ? 76  HOH A O   1 
HETATM 1224 O  O   . HOH H 4 .   ? -0.763  10.725  8.026   1.00 35.82 ? 77  HOH A O   1 
HETATM 1225 O  O   . HOH H 4 .   ? -0.940  -10.196 -10.980 1.00 31.17 ? 78  HOH A O   1 
HETATM 1226 O  O   . HOH H 4 .   ? -4.918  -11.613 17.070  1.00 33.24 ? 79  HOH A O   1 
HETATM 1227 O  O   . HOH H 4 .   ? 12.864  0.804   -3.792  1.00 29.53 ? 80  HOH A O   1 
HETATM 1228 O  O   . HOH H 4 .   ? 9.543   0.961   3.727   1.00 28.44 ? 81  HOH A O   1 
HETATM 1229 O  O   . HOH H 4 .   ? 2.584   -10.995 17.404  1.00 37.07 ? 82  HOH A O   1 
HETATM 1230 O  O   . HOH H 4 .   ? 4.592   9.497   -16.956 1.00 39.08 ? 83  HOH A O   1 
HETATM 1231 O  O   . HOH H 4 .   ? 11.294  -2.903  11.686  1.00 28.94 ? 84  HOH A O   1 
HETATM 1232 O  O   . HOH H 4 .   ? 1.915   -1.945  20.361  1.00 34.09 ? 85  HOH A O   1 
HETATM 1233 O  O   . HOH H 4 .   ? 5.435   -9.107  8.999   1.00 33.39 ? 86  HOH A O   1 
HETATM 1234 O  O   . HOH H 4 .   ? 11.321  -4.582  7.434   1.00 29.87 ? 87  HOH A O   1 
HETATM 1235 O  O   . HOH H 4 .   ? 8.880   -2.464  23.760  1.00 29.68 ? 88  HOH A O   1 
HETATM 1236 O  O   . HOH H 4 .   ? 12.808  -3.110  -6.346  1.00 31.99 ? 89  HOH A O   1 
HETATM 1237 O  O   . HOH H 4 .   ? 16.433  5.979   15.194  1.00 28.64 ? 90  HOH A O   1 
HETATM 1238 O  O   . HOH H 4 .   ? -8.301  6.040   -7.379  1.00 30.43 ? 91  HOH A O   1 
HETATM 1239 O  O   . HOH H 4 .   ? 16.323  5.656   -9.839  1.00 27.77 ? 92  HOH A O   1 
HETATM 1240 O  O   . HOH H 4 .   ? 6.072   -1.057  -15.428 1.00 36.17 ? 93  HOH A O   1 
HETATM 1241 O  O   . HOH H 4 .   ? 9.605   2.176   8.779   1.00 31.15 ? 94  HOH A O   1 
HETATM 1242 O  O   . HOH H 4 .   ? 9.040   4.133   10.913  1.00 29.84 ? 95  HOH A O   1 
HETATM 1243 O  O   . HOH H 4 .   ? -5.708  -4.873  -11.006 1.00 33.24 ? 96  HOH A O   1 
HETATM 1244 O  O   . HOH H 4 .   ? -9.698  -6.677  -9.650  1.00 35.71 ? 97  HOH A O   1 
HETATM 1245 O  O   . HOH H 4 .   ? 7.528   -7.468  10.460  1.00 31.80 ? 99  HOH A O   1 
HETATM 1246 O  O   . HOH H 4 .   ? -4.458  -13.910 4.271   1.00 32.27 ? 100 HOH A O   1 
HETATM 1247 O  O   . HOH H 4 .   ? -10.860 9.448   0.451   1.00 32.93 ? 101 HOH A O   1 
HETATM 1248 O  O   . HOH H 4 .   ? 16.586  17.425  -7.286  1.00 31.22 ? 102 HOH A O   1 
HETATM 1249 O  O   . HOH H 4 .   ? -3.298  -13.114 21.225  1.00 35.54 ? 103 HOH A O   1 
HETATM 1250 O  O   . HOH H 4 .   ? 14.172  11.465  -12.261 1.00 34.25 ? 104 HOH A O   1 
HETATM 1251 O  O   . HOH H 4 .   ? 12.712  15.181  -11.958 1.00 35.23 ? 105 HOH A O   1 
HETATM 1252 O  O   . HOH H 4 .   ? 5.758   -7.451  19.699  1.00 38.59 ? 106 HOH A O   1 
HETATM 1253 O  O   . HOH H 4 .   ? 6.904   13.029  0.621   1.00 30.20 ? 107 HOH A O   1 
HETATM 1254 O  O   . HOH H 4 .   ? 13.699  4.863   -11.910 1.00 36.71 ? 108 HOH A O   1 
HETATM 1255 O  O   . HOH H 4 .   ? -1.358  15.401  -18.870 1.00 40.94 ? 109 HOH A O   1 
HETATM 1256 O  O   . HOH H 4 .   ? 12.804  -0.117  -6.494  1.00 33.70 ? 110 HOH A O   1 
HETATM 1257 O  O   . HOH H 4 .   ? -3.081  -6.223  -11.438 1.00 28.72 ? 111 HOH A O   1 
HETATM 1258 O  O   . HOH H 4 .   ? -8.848  -12.902 3.512   1.00 31.74 ? 112 HOH A O   1 
HETATM 1259 O  O   . HOH H 4 .   ? 10.390  -1.956  1.095   1.00 31.90 ? 114 HOH A O   1 
HETATM 1260 O  O   . HOH H 4 .   ? -6.991  7.065   12.854  1.00 29.06 ? 115 HOH A O   1 
HETATM 1261 O  O   . HOH H 4 .   ? 1.131   2.505   -20.503 1.00 32.32 ? 116 HOH A O   1 
HETATM 1262 O  O   . HOH H 4 .   ? 6.942   1.542   -19.378 1.00 34.76 ? 117 HOH A O   1 
HETATM 1263 O  O   . HOH H 4 .   ? 1.063   -13.251 1.070   1.00 31.18 ? 118 HOH A O   1 
HETATM 1264 O  O   . HOH H 4 .   ? -15.160 -3.383  3.201   1.00 32.38 ? 119 HOH A O   1 
HETATM 1265 O  O   . HOH H 4 .   ? -4.564  6.539   -18.004 1.00 34.60 ? 120 HOH A O   1 
HETATM 1266 O  O   . HOH H 4 .   ? -12.806 7.151   0.243   1.00 32.62 ? 121 HOH A O   1 
HETATM 1267 O  O   . HOH H 4 .   ? -7.420  5.648   -17.030 1.00 36.51 ? 122 HOH A O   1 
HETATM 1268 O  O   . HOH H 4 .   ? -12.082 -9.697  8.957   1.00 32.78 ? 123 HOH A O   1 
HETATM 1269 O  O   . HOH H 4 .   ? 11.001  0.960   11.195  1.00 23.72 ? 124 HOH A O   1 
HETATM 1270 O  O   . HOH H 4 .   ? -8.371  8.350   -5.721  1.00 30.60 ? 125 HOH A O   1 
HETATM 1271 O  O   . HOH H 4 .   ? -15.777 1.455   8.418   1.00 31.59 ? 126 HOH A O   1 
HETATM 1272 O  O   . HOH H 4 .   ? 5.142   8.791   14.651  1.00 28.11 ? 127 HOH A O   1 
HETATM 1273 O  O   . HOH H 4 .   ? 3.426   0.616   -21.887 1.00 40.51 ? 128 HOH A O   1 
HETATM 1274 O  O   . HOH H 4 .   ? 12.420  12.837  -6.576  1.00 32.49 ? 129 HOH A O   1 
HETATM 1275 O  O   . HOH H 4 .   ? 14.710  -2.476  12.221  1.00 36.90 ? 130 HOH A O   1 
HETATM 1276 O  O   . HOH H 4 .   ? 3.798   12.960  2.766   1.00 35.09 ? 131 HOH A O   1 
HETATM 1277 O  O   . HOH H 4 .   ? -0.032  16.680  -13.027 1.00 37.79 ? 132 HOH A O   1 
HETATM 1278 O  O   . HOH H 4 .   ? -2.663  -13.139 18.369  1.00 36.43 ? 133 HOH A O   1 
HETATM 1279 O  O   . HOH H 4 .   ? -4.016  -9.829  24.505  1.00 35.91 ? 135 HOH A O   1 
HETATM 1280 O  O   . HOH H 4 .   ? 10.031  14.541  -7.929  1.00 33.07 ? 136 HOH A O   1 
HETATM 1281 O  O   . HOH H 4 .   ? 3.111   8.850   12.683  1.00 31.41 ? 137 HOH A O   1 
HETATM 1282 O  O   . HOH H 4 .   ? -15.115 7.653   1.962   1.00 36.27 ? 138 HOH A O   1 
HETATM 1283 O  O   . HOH H 4 .   ? -2.753  0.709   20.261  1.00 32.67 ? 139 HOH A O   1 
HETATM 1284 O  O   . HOH H 4 .   ? -7.095  15.208  9.401   1.00 37.98 ? 141 HOH A O   1 
HETATM 1285 O  O   . HOH H 4 .   ? -2.884  12.833  11.022  1.00 38.34 ? 142 HOH A O   1 
HETATM 1286 O  O   . HOH H 4 .   ? -10.145 5.309   -9.321  1.00 34.58 ? 143 HOH A O   1 
HETATM 1287 O  O   . HOH H 4 .   ? -2.372  8.565   -21.682 1.00 36.26 ? 144 HOH A O   1 
HETATM 1288 O  O   . HOH H 4 .   ? 14.698  7.861   -9.418  1.00 31.09 ? 145 HOH A O   1 
HETATM 1289 O  O   . HOH H 4 .   ? 0.947   12.330  6.621   1.00 33.12 ? 146 HOH A O   1 
HETATM 1290 O  O   . HOH H 4 .   ? -2.373  -16.523 -5.786  1.00 37.89 ? 147 HOH A O   1 
HETATM 1291 O  O   . HOH H 4 .   ? 12.596  10.669  4.976   1.00 35.77 ? 148 HOH A O   1 
HETATM 1292 O  O   . HOH H 4 .   ? 5.013   -16.945 1.476   1.00 33.18 ? 151 HOH A O   1 
HETATM 1293 O  O   . HOH H 4 .   ? -13.958 -4.484  -10.723 1.00 36.75 ? 152 HOH A O   1 
HETATM 1294 O  O   . HOH H 4 .   ? 7.984   15.777  -2.163  1.00 35.28 ? 153 HOH A O   1 
HETATM 1295 O  O   . HOH H 4 .   ? -13.204 3.530   -2.663  1.00 37.57 ? 154 HOH A O   1 
HETATM 1296 O  O   . HOH H 4 .   ? -0.243  10.179  10.663  1.00 33.76 ? 155 HOH A O   1 
HETATM 1297 O  O   . HOH H 4 .   ? -9.979  6.699   -14.755 1.00 38.77 ? 296 HOH A O   1 
HETATM 1298 O  O   . HOH H 4 .   ? 4.535   4.703   -19.632 1.00 38.48 ? 297 HOH A O   1 
HETATM 1299 O  O   . HOH H 4 .   ? 15.660  -6.615  -9.001  1.00 34.12 ? 298 HOH A O   1 
HETATM 1300 O  O   . HOH H 4 .   ? 2.389   11.178  11.455  1.00 41.22 ? 299 HOH A O   1 
HETATM 1301 O  O   . HOH H 4 .   ? 10.699  -4.258  -10.657 1.00 31.41 ? 300 HOH A O   1 
HETATM 1302 O  O   . HOH H 4 .   ? -4.299  12.556  1.576   1.00 34.98 ? 301 HOH A O   1 
HETATM 1303 O  O   . HOH H 4 .   ? 15.001  -7.608  -4.371  1.00 35.37 ? 302 HOH A O   1 
HETATM 1304 O  O   . HOH H 4 .   ? 10.464  17.487  -22.317 1.00 38.33 ? 303 HOH A O   1 
HETATM 1305 O  O   . HOH H 4 .   ? 18.927  10.106  -7.386  1.00 31.78 ? 304 HOH A O   1 
HETATM 1306 O  O   . HOH H 4 .   ? 4.916   7.226   -18.546 1.00 38.08 ? 305 HOH A O   1 
HETATM 1307 O  O   . HOH H 4 .   ? 2.356   15.695  -13.953 1.00 32.05 ? 306 HOH A O   1 
HETATM 1308 O  O   . HOH H 4 .   ? -11.804 -4.072  15.160  1.00 32.18 ? 307 HOH A O   1 
HETATM 1309 O  O   . HOH H 4 .   ? -16.140 -5.839  1.881   1.00 36.82 ? 308 HOH A O   1 
HETATM 1310 O  O   . HOH H 4 .   ? -2.122  -11.614 23.391  1.00 33.68 ? 309 HOH A O   1 
HETATM 1311 O  O   . HOH H 4 .   ? 5.014   -2.747  22.052  1.00 34.54 ? 310 HOH A O   1 
HETATM 1312 O  O   . HOH H 4 .   ? 12.088  12.544  -13.308 1.00 38.91 ? 311 HOH A O   1 
HETATM 1313 O  O   . HOH H 4 .   ? 10.215  -2.206  -12.574 1.00 34.18 ? 312 HOH A O   1 
HETATM 1314 O  O   . HOH H 4 .   ? 9.323   11.481  1.386   1.00 32.86 ? 313 HOH A O   1 
HETATM 1315 O  O   . HOH H 4 .   ? -0.655  -7.270  25.896  1.00 31.69 ? 314 HOH A O   1 
HETATM 1316 O  O   . HOH H 4 .   ? -10.931 9.300   5.955   1.00 31.76 ? 315 HOH A O   1 
HETATM 1317 O  O   . HOH H 4 .   ? 9.076   7.157   12.874  1.00 32.14 ? 316 HOH A O   1 
HETATM 1318 O  O   . HOH H 4 .   ? -7.079  12.020  6.218   1.00 40.03 ? 317 HOH A O   1 
HETATM 1319 O  O   . HOH H 4 .   ? 9.474   14.406  1.573   1.00 32.31 ? 318 HOH A O   1 
HETATM 1320 O  O   . HOH H 4 .   ? -10.500 6.401   -12.006 1.00 34.91 ? 319 HOH A O   1 
HETATM 1321 O  O   . HOH H 4 .   ? 5.405   7.800   10.525  1.00 35.90 ? 320 HOH A O   1 
HETATM 1322 O  O   . HOH H 4 .   ? -9.572  -10.123 12.367  1.00 31.35 ? 321 HOH A O   1 
HETATM 1323 O  O   . HOH H 4 .   ? 8.972   -12.240 5.775   1.00 33.76 ? 322 HOH A O   1 
HETATM 1324 O  O   . HOH H 4 .   ? -12.900 -5.853  -8.089  1.00 34.72 ? 323 HOH A O   1 
HETATM 1325 O  O   . HOH H 4 .   ? 1.401   -11.748 19.920  1.00 37.08 ? 324 HOH A O   1 
HETATM 1326 O  O   . HOH H 4 .   ? 1.433   -12.824 13.766  1.00 33.19 ? 325 HOH A O   1 
HETATM 1327 O  O   . HOH H 4 .   ? -13.997 0.806   3.399   1.00 35.81 ? 326 HOH A O   1 
HETATM 1328 O  O   . HOH H 4 .   ? 8.981   -8.756  8.287   1.00 35.01 ? 327 HOH A O   1 
HETATM 1329 O  O   . HOH H 4 .   ? -6.279  -12.113 2.983   1.00 36.49 ? 328 HOH A O   1 
HETATM 1330 O  O   . HOH H 4 .   ? 0.482   -9.838  -13.484 1.00 34.60 ? 329 HOH A O   1 
HETATM 1331 O  O   . HOH H 4 .   ? 11.499  -5.085  0.708   1.00 36.35 ? 330 HOH A O   1 
HETATM 1332 O  O   . HOH H 4 .   ? 18.027  -6.533  -7.507  1.00 37.95 ? 331 HOH A O   1 
HETATM 1333 O  O   . HOH H 4 .   ? -4.950  -2.578  21.988  1.00 39.65 ? 332 HOH A O   1 
HETATM 1334 O  O   . HOH H 4 .   ? -5.038  -11.222 22.422  1.00 38.87 ? 333 HOH A O   1 
HETATM 1335 O  O   . HOH H 4 .   ? 2.915   17.102  -20.677 1.00 35.00 ? 334 HOH A O   1 
HETATM 1336 O  O   . HOH H 4 .   ? -13.604 2.551   -10.401 1.00 36.32 ? 335 HOH A O   1 
HETATM 1337 O  O   . HOH H 4 .   ? -16.163 -5.671  -8.905  1.00 34.73 ? 336 HOH A O   1 
HETATM 1338 O  O   . HOH H 4 .   ? -10.790 -14.975 2.363   1.00 39.95 ? 337 HOH A O   1 
HETATM 1339 O  O   . HOH H 4 .   ? 7.452   -15.860 0.580   1.00 37.89 ? 338 HOH A O   1 
HETATM 1340 O  O   . HOH H 4 .   ? -4.325  -8.596  -12.732 1.00 34.63 ? 339 HOH A O   1 
HETATM 1341 O  O   . HOH H 4 .   ? 12.341  0.051   1.588   1.00 35.45 ? 340 HOH A O   1 
HETATM 1342 O  O   . HOH H 4 .   ? -16.723 -14.429 -8.747  1.00 36.19 ? 341 HOH A O   1 
HETATM 1343 O  O   . HOH H 4 .   ? 4.181   -15.153 7.440   1.00 36.59 ? 342 HOH A O   1 
HETATM 1344 O  O   . HOH H 4 .   ? 14.305  -0.942  -9.280  1.00 37.66 ? 343 HOH A O   1 
HETATM 1345 O  O   . HOH H 4 .   ? 11.840  -0.402  5.258   1.00 33.93 ? 344 HOH A O   1 
HETATM 1346 O  O   . HOH H 4 .   ? -9.027  1.496   -1.883  1.00 35.32 ? 345 HOH A O   1 
HETATM 1347 O  O   . HOH H 4 .   ? -3.501  7.525   14.999  1.00 38.77 ? 346 HOH A O   1 
HETATM 1348 O  O   . HOH H 4 .   ? 13.547  2.046   -12.550 1.00 34.97 ? 347 HOH A O   1 
HETATM 1349 O  O   . HOH H 4 .   ? -16.951 -8.349  5.952   1.00 39.87 ? 348 HOH A O   1 
HETATM 1350 O  O   . HOH H 4 .   ? -10.328 11.098  3.759   1.00 33.72 ? 349 HOH A O   1 
HETATM 1351 O  O   . HOH H 4 .   ? 15.456  15.084  -12.779 1.00 36.55 ? 350 HOH A O   1 
HETATM 1352 O  O   . HOH H 4 .   ? 12.171  9.723   -19.393 1.00 37.50 ? 351 HOH A O   1 
HETATM 1353 O  O   . HOH H 4 .   ? 5.345   -11.221 17.453  1.00 39.72 ? 352 HOH A O   1 
HETATM 1354 O  O   . HOH H 4 .   ? 0.906   -10.307 25.591  1.00 33.61 ? 353 HOH A O   1 
HETATM 1355 O  O   . HOH H 4 .   ? 0.825   -1.587  -25.785 1.00 37.60 ? 354 HOH A O   1 
# 
